data_1WGB
# 
_entry.id   1WGB 
# 
_audit_conform.dict_name       mmcif_pdbx.dic 
_audit_conform.dict_version    5.397 
_audit_conform.dict_location   http://mmcif.pdb.org/dictionaries/ascii/mmcif_pdbx.dic 
# 
loop_
_database_2.database_id 
_database_2.database_code 
_database_2.pdbx_database_accession 
_database_2.pdbx_DOI 
PDB   1WGB         pdb_00001wgb 10.2210/pdb1wgb/pdb 
RCSB  RCSB023549   ?            ?                   
WWPDB D_1000023549 ?            ?                   
# 
loop_
_pdbx_audit_revision_history.ordinal 
_pdbx_audit_revision_history.data_content_type 
_pdbx_audit_revision_history.major_revision 
_pdbx_audit_revision_history.minor_revision 
_pdbx_audit_revision_history.revision_date 
1 'Structure model' 1 0 2004-11-28 
2 'Structure model' 1 1 2008-04-30 
3 'Structure model' 1 2 2011-07-13 
4 'Structure model' 1 3 2024-10-16 
# 
_pdbx_audit_revision_details.ordinal             1 
_pdbx_audit_revision_details.revision_ordinal    1 
_pdbx_audit_revision_details.data_content_type   'Structure model' 
_pdbx_audit_revision_details.provider            repository 
_pdbx_audit_revision_details.type                'Initial release' 
_pdbx_audit_revision_details.description         ? 
_pdbx_audit_revision_details.details             ? 
# 
loop_
_pdbx_audit_revision_group.ordinal 
_pdbx_audit_revision_group.revision_ordinal 
_pdbx_audit_revision_group.data_content_type 
_pdbx_audit_revision_group.group 
1 2 'Structure model' 'Version format compliance' 
2 3 'Structure model' 'Derived calculations'      
3 3 'Structure model' 'Version format compliance' 
4 4 'Structure model' 'Data collection'           
5 4 'Structure model' 'Database references'       
6 4 'Structure model' 'Derived calculations'      
7 4 'Structure model' 'Structure summary'         
# 
loop_
_pdbx_audit_revision_category.ordinal 
_pdbx_audit_revision_category.revision_ordinal 
_pdbx_audit_revision_category.data_content_type 
_pdbx_audit_revision_category.category 
1 4 'Structure model' chem_comp_atom            
2 4 'Structure model' chem_comp_bond            
3 4 'Structure model' database_2                
4 4 'Structure model' pdbx_entry_details        
5 4 'Structure model' pdbx_modification_feature 
6 4 'Structure model' struct_conn               
# 
loop_
_pdbx_audit_revision_item.ordinal 
_pdbx_audit_revision_item.revision_ordinal 
_pdbx_audit_revision_item.data_content_type 
_pdbx_audit_revision_item.item 
1 4 'Structure model' '_database_2.pdbx_DOI'                
2 4 'Structure model' '_database_2.pdbx_database_accession' 
3 4 'Structure model' '_struct_conn.pdbx_leaving_atom_flag' 
# 
_pdbx_database_status.status_code                     REL 
_pdbx_database_status.entry_id                        1WGB 
_pdbx_database_status.recvd_initial_deposition_date   2004-05-28 
_pdbx_database_status.deposit_site                    PDBJ 
_pdbx_database_status.process_site                    PDBJ 
_pdbx_database_status.status_code_sf                  REL 
_pdbx_database_status.SG_entry                        Y 
_pdbx_database_status.pdb_format_compatible           Y 
_pdbx_database_status.status_code_mr                  ? 
_pdbx_database_status.status_code_cs                  ? 
_pdbx_database_status.status_code_nmr_data            ? 
_pdbx_database_status.methods_development_category    ? 
# 
_pdbx_database_related.db_name        TargetDB 
_pdbx_database_related.db_id          ttk003001382.1 
_pdbx_database_related.details        . 
_pdbx_database_related.content_type   unspecified 
# 
loop_
_audit_author.name 
_audit_author.pdbx_ordinal 
'Imagawa, T.'                                            1 
'Tsuge, H.'                                              2 
'Utsunomiya, H.'                                         3 
'Yokoyama, S.'                                           4 
'Kuramitsu, S.'                                          5 
'RIKEN Structural Genomics/Proteomics Initiative (RSGI)' 6 
# 
_citation.id                        primary 
_citation.title                     'Crystal structure of a probable flavoprotein from Thermus thermophilus HB8' 
_citation.journal_abbrev            'To be Published' 
_citation.journal_volume            ? 
_citation.page_first                ? 
_citation.page_last                 ? 
_citation.year                      ? 
_citation.journal_id_ASTM           ? 
_citation.country                   ? 
_citation.journal_id_ISSN           ? 
_citation.journal_id_CSD            0353 
_citation.book_publisher            ? 
_citation.pdbx_database_id_PubMed   ? 
_citation.pdbx_database_id_DOI      ? 
# 
loop_
_citation_author.citation_id 
_citation_author.name 
_citation_author.ordinal 
_citation_author.identifier_ORCID 
primary 'Imagawa, T.'    1 ? 
primary 'Tsuge, H.'      2 ? 
primary 'Utsunomiya, H.' 3 ? 
primary 'Yokoyama, S.'   4 ? 
primary 'Kuramitsu, S.'  5 ? 
# 
loop_
_entity.id 
_entity.type 
_entity.src_method 
_entity.pdbx_description 
_entity.formula_weight 
_entity.pdbx_number_of_molecules 
_entity.pdbx_ec 
_entity.pdbx_mutation 
_entity.pdbx_fragment 
_entity.details 
1 polymer man 'probable flavoprotein' 17890.953 1   ? ? ? ? 
2 water   nat water                   18.015    129 ? ? ? ? 
# 
_entity_poly.entity_id                      1 
_entity_poly.type                           'polypeptide(L)' 
_entity_poly.nstd_linkage                   no 
_entity_poly.nstd_monomer                   yes 
_entity_poly.pdbx_seq_one_letter_code       
;(MSE)NLEAKKKVLRSFTYGLYVLTAKDGDEVAAGTVNWVTQASFQPPLVAVGLKRDSHLHALVERTGKLAL(MSE)TLA
HDQKAIAQDFFKPTVREGDRLNGHPFEPSPTFGLPLLTELPYWLEAEVRHLYPGGDHSLVVAEVVEAGVRREEKPLV
(MSE)WDTGWFYGG
;
_entity_poly.pdbx_seq_one_letter_code_can   
;MNLEAKKKVLRSFTYGLYVLTAKDGDEVAAGTVNWVTQASFQPPLVAVGLKRDSHLHALVERTGKLALMTLAHDQKAIAQ
DFFKPTVREGDRLNGHPFEPSPTFGLPLLTELPYWLEAEVRHLYPGGDHSLVVAEVVEAGVRREEKPLVMWDTGWFYGG
;
_entity_poly.pdbx_strand_id                 A 
_entity_poly.pdbx_target_identifier         ttk003001382.1 
# 
_pdbx_entity_nonpoly.entity_id   2 
_pdbx_entity_nonpoly.name        water 
_pdbx_entity_nonpoly.comp_id     HOH 
# 
loop_
_entity_poly_seq.entity_id 
_entity_poly_seq.num 
_entity_poly_seq.mon_id 
_entity_poly_seq.hetero 
1 1   MSE n 
1 2   ASN n 
1 3   LEU n 
1 4   GLU n 
1 5   ALA n 
1 6   LYS n 
1 7   LYS n 
1 8   LYS n 
1 9   VAL n 
1 10  LEU n 
1 11  ARG n 
1 12  SER n 
1 13  PHE n 
1 14  THR n 
1 15  TYR n 
1 16  GLY n 
1 17  LEU n 
1 18  TYR n 
1 19  VAL n 
1 20  LEU n 
1 21  THR n 
1 22  ALA n 
1 23  LYS n 
1 24  ASP n 
1 25  GLY n 
1 26  ASP n 
1 27  GLU n 
1 28  VAL n 
1 29  ALA n 
1 30  ALA n 
1 31  GLY n 
1 32  THR n 
1 33  VAL n 
1 34  ASN n 
1 35  TRP n 
1 36  VAL n 
1 37  THR n 
1 38  GLN n 
1 39  ALA n 
1 40  SER n 
1 41  PHE n 
1 42  GLN n 
1 43  PRO n 
1 44  PRO n 
1 45  LEU n 
1 46  VAL n 
1 47  ALA n 
1 48  VAL n 
1 49  GLY n 
1 50  LEU n 
1 51  LYS n 
1 52  ARG n 
1 53  ASP n 
1 54  SER n 
1 55  HIS n 
1 56  LEU n 
1 57  HIS n 
1 58  ALA n 
1 59  LEU n 
1 60  VAL n 
1 61  GLU n 
1 62  ARG n 
1 63  THR n 
1 64  GLY n 
1 65  LYS n 
1 66  LEU n 
1 67  ALA n 
1 68  LEU n 
1 69  MSE n 
1 70  THR n 
1 71  LEU n 
1 72  ALA n 
1 73  HIS n 
1 74  ASP n 
1 75  GLN n 
1 76  LYS n 
1 77  ALA n 
1 78  ILE n 
1 79  ALA n 
1 80  GLN n 
1 81  ASP n 
1 82  PHE n 
1 83  PHE n 
1 84  LYS n 
1 85  PRO n 
1 86  THR n 
1 87  VAL n 
1 88  ARG n 
1 89  GLU n 
1 90  GLY n 
1 91  ASP n 
1 92  ARG n 
1 93  LEU n 
1 94  ASN n 
1 95  GLY n 
1 96  HIS n 
1 97  PRO n 
1 98  PHE n 
1 99  GLU n 
1 100 PRO n 
1 101 SER n 
1 102 PRO n 
1 103 THR n 
1 104 PHE n 
1 105 GLY n 
1 106 LEU n 
1 107 PRO n 
1 108 LEU n 
1 109 LEU n 
1 110 THR n 
1 111 GLU n 
1 112 LEU n 
1 113 PRO n 
1 114 TYR n 
1 115 TRP n 
1 116 LEU n 
1 117 GLU n 
1 118 ALA n 
1 119 GLU n 
1 120 VAL n 
1 121 ARG n 
1 122 HIS n 
1 123 LEU n 
1 124 TYR n 
1 125 PRO n 
1 126 GLY n 
1 127 GLY n 
1 128 ASP n 
1 129 HIS n 
1 130 SER n 
1 131 LEU n 
1 132 VAL n 
1 133 VAL n 
1 134 ALA n 
1 135 GLU n 
1 136 VAL n 
1 137 VAL n 
1 138 GLU n 
1 139 ALA n 
1 140 GLY n 
1 141 VAL n 
1 142 ARG n 
1 143 ARG n 
1 144 GLU n 
1 145 GLU n 
1 146 LYS n 
1 147 PRO n 
1 148 LEU n 
1 149 VAL n 
1 150 MSE n 
1 151 TRP n 
1 152 ASP n 
1 153 THR n 
1 154 GLY n 
1 155 TRP n 
1 156 PHE n 
1 157 TYR n 
1 158 GLY n 
1 159 GLY n 
# 
_entity_src_gen.entity_id                          1 
_entity_src_gen.pdbx_src_id                        1 
_entity_src_gen.pdbx_alt_source_flag               sample 
_entity_src_gen.pdbx_seq_type                      ? 
_entity_src_gen.pdbx_beg_seq_num                   ? 
_entity_src_gen.pdbx_end_seq_num                   ? 
_entity_src_gen.gene_src_common_name               ? 
_entity_src_gen.gene_src_genus                     Thermus 
_entity_src_gen.pdbx_gene_src_gene                 ? 
_entity_src_gen.gene_src_species                   ? 
_entity_src_gen.gene_src_strain                    ? 
_entity_src_gen.gene_src_tissue                    ? 
_entity_src_gen.gene_src_tissue_fraction           ? 
_entity_src_gen.gene_src_details                   ? 
_entity_src_gen.pdbx_gene_src_fragment             ? 
_entity_src_gen.pdbx_gene_src_scientific_name      'Thermus thermophilus' 
_entity_src_gen.pdbx_gene_src_ncbi_taxonomy_id     274 
_entity_src_gen.pdbx_gene_src_variant              ? 
_entity_src_gen.pdbx_gene_src_cell_line            ? 
_entity_src_gen.pdbx_gene_src_atcc                 ? 
_entity_src_gen.pdbx_gene_src_organ                ? 
_entity_src_gen.pdbx_gene_src_organelle            ? 
_entity_src_gen.pdbx_gene_src_cell                 ? 
_entity_src_gen.pdbx_gene_src_cellular_location    ? 
_entity_src_gen.host_org_common_name               ? 
_entity_src_gen.pdbx_host_org_scientific_name      'Escherichia coli' 
_entity_src_gen.pdbx_host_org_ncbi_taxonomy_id     562 
_entity_src_gen.host_org_genus                     Escherichia 
_entity_src_gen.pdbx_host_org_gene                 ? 
_entity_src_gen.pdbx_host_org_organ                ? 
_entity_src_gen.host_org_species                   ? 
_entity_src_gen.pdbx_host_org_tissue               ? 
_entity_src_gen.pdbx_host_org_tissue_fraction      ? 
_entity_src_gen.pdbx_host_org_strain               ? 
_entity_src_gen.pdbx_host_org_variant              ? 
_entity_src_gen.pdbx_host_org_cell_line            ? 
_entity_src_gen.pdbx_host_org_atcc                 ? 
_entity_src_gen.pdbx_host_org_culture_collection   ? 
_entity_src_gen.pdbx_host_org_cell                 ? 
_entity_src_gen.pdbx_host_org_organelle            ? 
_entity_src_gen.pdbx_host_org_cellular_location    ? 
_entity_src_gen.pdbx_host_org_vector_type          ? 
_entity_src_gen.pdbx_host_org_vector               ? 
_entity_src_gen.host_org_details                   ? 
_entity_src_gen.expression_system_id               ? 
_entity_src_gen.plasmid_name                       ? 
_entity_src_gen.plasmid_details                    ? 
_entity_src_gen.pdbx_description                   ? 
# 
loop_
_chem_comp.id 
_chem_comp.type 
_chem_comp.mon_nstd_flag 
_chem_comp.name 
_chem_comp.pdbx_synonyms 
_chem_comp.formula 
_chem_comp.formula_weight 
ALA 'L-peptide linking' y ALANINE          ? 'C3 H7 N O2'     89.093  
ARG 'L-peptide linking' y ARGININE         ? 'C6 H15 N4 O2 1' 175.209 
ASN 'L-peptide linking' y ASPARAGINE       ? 'C4 H8 N2 O3'    132.118 
ASP 'L-peptide linking' y 'ASPARTIC ACID'  ? 'C4 H7 N O4'     133.103 
GLN 'L-peptide linking' y GLUTAMINE        ? 'C5 H10 N2 O3'   146.144 
GLU 'L-peptide linking' y 'GLUTAMIC ACID'  ? 'C5 H9 N O4'     147.129 
GLY 'peptide linking'   y GLYCINE          ? 'C2 H5 N O2'     75.067  
HIS 'L-peptide linking' y HISTIDINE        ? 'C6 H10 N3 O2 1' 156.162 
HOH non-polymer         . WATER            ? 'H2 O'           18.015  
ILE 'L-peptide linking' y ISOLEUCINE       ? 'C6 H13 N O2'    131.173 
LEU 'L-peptide linking' y LEUCINE          ? 'C6 H13 N O2'    131.173 
LYS 'L-peptide linking' y LYSINE           ? 'C6 H15 N2 O2 1' 147.195 
MSE 'L-peptide linking' n SELENOMETHIONINE ? 'C5 H11 N O2 Se' 196.106 
PHE 'L-peptide linking' y PHENYLALANINE    ? 'C9 H11 N O2'    165.189 
PRO 'L-peptide linking' y PROLINE          ? 'C5 H9 N O2'     115.130 
SER 'L-peptide linking' y SERINE           ? 'C3 H7 N O3'     105.093 
THR 'L-peptide linking' y THREONINE        ? 'C4 H9 N O3'     119.119 
TRP 'L-peptide linking' y TRYPTOPHAN       ? 'C11 H12 N2 O2'  204.225 
TYR 'L-peptide linking' y TYROSINE         ? 'C9 H11 N O3'    181.189 
VAL 'L-peptide linking' y VALINE           ? 'C5 H11 N O2'    117.146 
# 
loop_
_pdbx_poly_seq_scheme.asym_id 
_pdbx_poly_seq_scheme.entity_id 
_pdbx_poly_seq_scheme.seq_id 
_pdbx_poly_seq_scheme.mon_id 
_pdbx_poly_seq_scheme.ndb_seq_num 
_pdbx_poly_seq_scheme.pdb_seq_num 
_pdbx_poly_seq_scheme.auth_seq_num 
_pdbx_poly_seq_scheme.pdb_mon_id 
_pdbx_poly_seq_scheme.auth_mon_id 
_pdbx_poly_seq_scheme.pdb_strand_id 
_pdbx_poly_seq_scheme.pdb_ins_code 
_pdbx_poly_seq_scheme.hetero 
A 1 1   MSE 1   1   1   MSE MSE A . n 
A 1 2   ASN 2   2   2   ASN ASN A . n 
A 1 3   LEU 3   3   3   LEU LEU A . n 
A 1 4   GLU 4   4   4   GLU GLU A . n 
A 1 5   ALA 5   5   5   ALA ALA A . n 
A 1 6   LYS 6   6   6   LYS LYS A . n 
A 1 7   LYS 7   7   7   LYS LYS A . n 
A 1 8   LYS 8   8   8   LYS LYS A . n 
A 1 9   VAL 9   9   9   VAL VAL A . n 
A 1 10  LEU 10  10  10  LEU LEU A . n 
A 1 11  ARG 11  11  11  ARG ARG A . n 
A 1 12  SER 12  12  12  SER SER A . n 
A 1 13  PHE 13  13  13  PHE PHE A . n 
A 1 14  THR 14  14  14  THR THR A . n 
A 1 15  TYR 15  15  15  TYR TYR A . n 
A 1 16  GLY 16  16  16  GLY GLY A . n 
A 1 17  LEU 17  17  17  LEU LEU A . n 
A 1 18  TYR 18  18  18  TYR TYR A . n 
A 1 19  VAL 19  19  19  VAL VAL A . n 
A 1 20  LEU 20  20  20  LEU LEU A . n 
A 1 21  THR 21  21  21  THR THR A . n 
A 1 22  ALA 22  22  22  ALA ALA A . n 
A 1 23  LYS 23  23  23  LYS LYS A . n 
A 1 24  ASP 24  24  24  ASP ASP A . n 
A 1 25  GLY 25  25  25  GLY GLY A . n 
A 1 26  ASP 26  26  26  ASP ASP A . n 
A 1 27  GLU 27  27  27  GLU GLU A . n 
A 1 28  VAL 28  28  28  VAL VAL A . n 
A 1 29  ALA 29  29  29  ALA ALA A . n 
A 1 30  ALA 30  30  30  ALA ALA A . n 
A 1 31  GLY 31  31  31  GLY GLY A . n 
A 1 32  THR 32  32  32  THR THR A . n 
A 1 33  VAL 33  33  33  VAL VAL A . n 
A 1 34  ASN 34  34  34  ASN ASN A . n 
A 1 35  TRP 35  35  35  TRP TRP A . n 
A 1 36  VAL 36  36  36  VAL VAL A . n 
A 1 37  THR 37  37  37  THR THR A . n 
A 1 38  GLN 38  38  38  GLN GLN A . n 
A 1 39  ALA 39  39  39  ALA ALA A . n 
A 1 40  SER 40  40  40  SER SER A . n 
A 1 41  PHE 41  41  41  PHE PHE A . n 
A 1 42  GLN 42  42  42  GLN GLN A . n 
A 1 43  PRO 43  43  43  PRO PRO A . n 
A 1 44  PRO 44  44  44  PRO PRO A . n 
A 1 45  LEU 45  45  45  LEU LEU A . n 
A 1 46  VAL 46  46  46  VAL VAL A . n 
A 1 47  ALA 47  47  47  ALA ALA A . n 
A 1 48  VAL 48  48  48  VAL VAL A . n 
A 1 49  GLY 49  49  49  GLY GLY A . n 
A 1 50  LEU 50  50  50  LEU LEU A . n 
A 1 51  LYS 51  51  51  LYS LYS A . n 
A 1 52  ARG 52  52  52  ARG ARG A . n 
A 1 53  ASP 53  53  53  ASP ASP A . n 
A 1 54  SER 54  54  54  SER SER A . n 
A 1 55  HIS 55  55  55  HIS HIS A . n 
A 1 56  LEU 56  56  56  LEU LEU A . n 
A 1 57  HIS 57  57  57  HIS HIS A . n 
A 1 58  ALA 58  58  58  ALA ALA A . n 
A 1 59  LEU 59  59  59  LEU LEU A . n 
A 1 60  VAL 60  60  60  VAL VAL A . n 
A 1 61  GLU 61  61  61  GLU GLU A . n 
A 1 62  ARG 62  62  62  ARG ARG A . n 
A 1 63  THR 63  63  63  THR THR A . n 
A 1 64  GLY 64  64  64  GLY GLY A . n 
A 1 65  LYS 65  65  65  LYS LYS A . n 
A 1 66  LEU 66  66  66  LEU LEU A . n 
A 1 67  ALA 67  67  67  ALA ALA A . n 
A 1 68  LEU 68  68  68  LEU LEU A . n 
A 1 69  MSE 69  69  69  MSE MSE A . n 
A 1 70  THR 70  70  70  THR THR A . n 
A 1 71  LEU 71  71  71  LEU LEU A . n 
A 1 72  ALA 72  72  72  ALA ALA A . n 
A 1 73  HIS 73  73  73  HIS HIS A . n 
A 1 74  ASP 74  74  74  ASP ASP A . n 
A 1 75  GLN 75  75  75  GLN GLN A . n 
A 1 76  LYS 76  76  76  LYS LYS A . n 
A 1 77  ALA 77  77  77  ALA ALA A . n 
A 1 78  ILE 78  78  78  ILE ILE A . n 
A 1 79  ALA 79  79  79  ALA ALA A . n 
A 1 80  GLN 80  80  80  GLN GLN A . n 
A 1 81  ASP 81  81  81  ASP ASP A . n 
A 1 82  PHE 82  82  82  PHE PHE A . n 
A 1 83  PHE 83  83  83  PHE PHE A . n 
A 1 84  LYS 84  84  84  LYS LYS A . n 
A 1 85  PRO 85  85  85  PRO PRO A . n 
A 1 86  THR 86  86  86  THR THR A . n 
A 1 87  VAL 87  87  87  VAL VAL A . n 
A 1 88  ARG 88  88  88  ARG ARG A . n 
A 1 89  GLU 89  89  89  GLU GLU A . n 
A 1 90  GLY 90  90  90  GLY GLY A . n 
A 1 91  ASP 91  91  91  ASP ASP A . n 
A 1 92  ARG 92  92  92  ARG ARG A . n 
A 1 93  LEU 93  93  93  LEU LEU A . n 
A 1 94  ASN 94  94  94  ASN ASN A . n 
A 1 95  GLY 95  95  95  GLY GLY A . n 
A 1 96  HIS 96  96  96  HIS HIS A . n 
A 1 97  PRO 97  97  97  PRO PRO A . n 
A 1 98  PHE 98  98  98  PHE PHE A . n 
A 1 99  GLU 99  99  99  GLU GLU A . n 
A 1 100 PRO 100 100 100 PRO PRO A . n 
A 1 101 SER 101 101 101 SER SER A . n 
A 1 102 PRO 102 102 102 PRO PRO A . n 
A 1 103 THR 103 103 103 THR THR A . n 
A 1 104 PHE 104 104 104 PHE PHE A . n 
A 1 105 GLY 105 105 105 GLY GLY A . n 
A 1 106 LEU 106 106 106 LEU LEU A . n 
A 1 107 PRO 107 107 107 PRO PRO A . n 
A 1 108 LEU 108 108 108 LEU LEU A . n 
A 1 109 LEU 109 109 109 LEU LEU A . n 
A 1 110 THR 110 110 110 THR THR A . n 
A 1 111 GLU 111 111 111 GLU GLU A . n 
A 1 112 LEU 112 112 112 LEU LEU A . n 
A 1 113 PRO 113 113 113 PRO PRO A . n 
A 1 114 TYR 114 114 114 TYR TYR A . n 
A 1 115 TRP 115 115 115 TRP TRP A . n 
A 1 116 LEU 116 116 116 LEU LEU A . n 
A 1 117 GLU 117 117 117 GLU GLU A . n 
A 1 118 ALA 118 118 118 ALA ALA A . n 
A 1 119 GLU 119 119 119 GLU GLU A . n 
A 1 120 VAL 120 120 120 VAL VAL A . n 
A 1 121 ARG 121 121 121 ARG ARG A . n 
A 1 122 HIS 122 122 122 HIS HIS A . n 
A 1 123 LEU 123 123 123 LEU LEU A . n 
A 1 124 TYR 124 124 124 TYR TYR A . n 
A 1 125 PRO 125 125 125 PRO PRO A . n 
A 1 126 GLY 126 126 126 GLY GLY A . n 
A 1 127 GLY 127 127 127 GLY GLY A . n 
A 1 128 ASP 128 128 128 ASP ASP A . n 
A 1 129 HIS 129 129 129 HIS HIS A . n 
A 1 130 SER 130 130 130 SER SER A . n 
A 1 131 LEU 131 131 131 LEU LEU A . n 
A 1 132 VAL 132 132 132 VAL VAL A . n 
A 1 133 VAL 133 133 133 VAL VAL A . n 
A 1 134 ALA 134 134 134 ALA ALA A . n 
A 1 135 GLU 135 135 135 GLU GLU A . n 
A 1 136 VAL 136 136 136 VAL VAL A . n 
A 1 137 VAL 137 137 137 VAL VAL A . n 
A 1 138 GLU 138 138 138 GLU GLU A . n 
A 1 139 ALA 139 139 139 ALA ALA A . n 
A 1 140 GLY 140 140 140 GLY GLY A . n 
A 1 141 VAL 141 141 141 VAL VAL A . n 
A 1 142 ARG 142 142 142 ARG ARG A . n 
A 1 143 ARG 143 143 143 ARG ARG A . n 
A 1 144 GLU 144 144 144 GLU GLU A . n 
A 1 145 GLU 145 145 145 GLU GLU A . n 
A 1 146 LYS 146 146 146 LYS LYS A . n 
A 1 147 PRO 147 147 147 PRO PRO A . n 
A 1 148 LEU 148 148 148 LEU LEU A . n 
A 1 149 VAL 149 149 149 VAL VAL A . n 
A 1 150 MSE 150 150 150 MSE MSE A . n 
A 1 151 TRP 151 151 151 TRP TRP A . n 
A 1 152 ASP 152 152 152 ASP ASP A . n 
A 1 153 THR 153 153 153 THR THR A . n 
A 1 154 GLY 154 154 154 GLY GLY A . n 
A 1 155 TRP 155 155 155 TRP TRP A . n 
A 1 156 PHE 156 156 156 PHE PHE A . n 
A 1 157 TYR 157 157 157 TYR TYR A . n 
A 1 158 GLY 158 158 158 GLY GLY A . n 
A 1 159 GLY 159 159 159 GLY GLY A . n 
# 
loop_
_pdbx_nonpoly_scheme.asym_id 
_pdbx_nonpoly_scheme.entity_id 
_pdbx_nonpoly_scheme.mon_id 
_pdbx_nonpoly_scheme.ndb_seq_num 
_pdbx_nonpoly_scheme.pdb_seq_num 
_pdbx_nonpoly_scheme.auth_seq_num 
_pdbx_nonpoly_scheme.pdb_mon_id 
_pdbx_nonpoly_scheme.auth_mon_id 
_pdbx_nonpoly_scheme.pdb_strand_id 
_pdbx_nonpoly_scheme.pdb_ins_code 
B 2 HOH 1   160 1   HOH TIP A . 
B 2 HOH 2   161 2   HOH TIP A . 
B 2 HOH 3   162 3   HOH TIP A . 
B 2 HOH 4   163 4   HOH TIP A . 
B 2 HOH 5   164 5   HOH TIP A . 
B 2 HOH 6   165 6   HOH TIP A . 
B 2 HOH 7   166 7   HOH TIP A . 
B 2 HOH 8   167 8   HOH TIP A . 
B 2 HOH 9   168 9   HOH TIP A . 
B 2 HOH 10  169 10  HOH TIP A . 
B 2 HOH 11  170 11  HOH TIP A . 
B 2 HOH 12  171 12  HOH TIP A . 
B 2 HOH 13  172 13  HOH TIP A . 
B 2 HOH 14  173 14  HOH TIP A . 
B 2 HOH 15  174 15  HOH TIP A . 
B 2 HOH 16  175 16  HOH TIP A . 
B 2 HOH 17  176 17  HOH TIP A . 
B 2 HOH 18  177 18  HOH TIP A . 
B 2 HOH 19  178 19  HOH TIP A . 
B 2 HOH 20  179 20  HOH TIP A . 
B 2 HOH 21  180 21  HOH TIP A . 
B 2 HOH 22  181 22  HOH TIP A . 
B 2 HOH 23  182 23  HOH TIP A . 
B 2 HOH 24  183 24  HOH TIP A . 
B 2 HOH 25  184 25  HOH TIP A . 
B 2 HOH 26  185 26  HOH TIP A . 
B 2 HOH 27  186 27  HOH TIP A . 
B 2 HOH 28  187 28  HOH TIP A . 
B 2 HOH 29  188 29  HOH TIP A . 
B 2 HOH 30  189 30  HOH TIP A . 
B 2 HOH 31  190 31  HOH TIP A . 
B 2 HOH 32  191 32  HOH TIP A . 
B 2 HOH 33  192 33  HOH TIP A . 
B 2 HOH 34  193 34  HOH TIP A . 
B 2 HOH 35  194 35  HOH TIP A . 
B 2 HOH 36  195 36  HOH TIP A . 
B 2 HOH 37  196 37  HOH TIP A . 
B 2 HOH 38  197 38  HOH TIP A . 
B 2 HOH 39  198 39  HOH TIP A . 
B 2 HOH 40  199 40  HOH TIP A . 
B 2 HOH 41  200 41  HOH TIP A . 
B 2 HOH 42  201 42  HOH TIP A . 
B 2 HOH 43  202 43  HOH TIP A . 
B 2 HOH 44  203 44  HOH TIP A . 
B 2 HOH 45  204 45  HOH TIP A . 
B 2 HOH 46  205 46  HOH TIP A . 
B 2 HOH 47  206 47  HOH TIP A . 
B 2 HOH 48  207 48  HOH TIP A . 
B 2 HOH 49  208 49  HOH TIP A . 
B 2 HOH 50  209 50  HOH TIP A . 
B 2 HOH 51  210 51  HOH TIP A . 
B 2 HOH 52  211 52  HOH TIP A . 
B 2 HOH 53  212 53  HOH TIP A . 
B 2 HOH 54  213 54  HOH TIP A . 
B 2 HOH 55  214 55  HOH TIP A . 
B 2 HOH 56  215 56  HOH TIP A . 
B 2 HOH 57  216 57  HOH TIP A . 
B 2 HOH 58  217 58  HOH TIP A . 
B 2 HOH 59  218 59  HOH TIP A . 
B 2 HOH 60  219 60  HOH TIP A . 
B 2 HOH 61  220 61  HOH TIP A . 
B 2 HOH 62  221 62  HOH TIP A . 
B 2 HOH 63  222 63  HOH TIP A . 
B 2 HOH 64  223 64  HOH TIP A . 
B 2 HOH 65  224 65  HOH TIP A . 
B 2 HOH 66  225 66  HOH TIP A . 
B 2 HOH 67  226 67  HOH TIP A . 
B 2 HOH 68  227 68  HOH TIP A . 
B 2 HOH 69  228 69  HOH TIP A . 
B 2 HOH 70  229 70  HOH TIP A . 
B 2 HOH 71  230 71  HOH TIP A . 
B 2 HOH 72  231 72  HOH TIP A . 
B 2 HOH 73  232 73  HOH TIP A . 
B 2 HOH 74  233 74  HOH TIP A . 
B 2 HOH 75  234 75  HOH TIP A . 
B 2 HOH 76  235 76  HOH TIP A . 
B 2 HOH 77  236 77  HOH TIP A . 
B 2 HOH 78  237 78  HOH TIP A . 
B 2 HOH 79  238 79  HOH TIP A . 
B 2 HOH 80  239 80  HOH TIP A . 
B 2 HOH 81  240 81  HOH TIP A . 
B 2 HOH 82  241 82  HOH TIP A . 
B 2 HOH 83  242 83  HOH TIP A . 
B 2 HOH 84  243 84  HOH TIP A . 
B 2 HOH 85  244 85  HOH TIP A . 
B 2 HOH 86  245 86  HOH TIP A . 
B 2 HOH 87  246 87  HOH TIP A . 
B 2 HOH 88  247 88  HOH TIP A . 
B 2 HOH 89  248 89  HOH TIP A . 
B 2 HOH 90  249 90  HOH TIP A . 
B 2 HOH 91  250 91  HOH TIP A . 
B 2 HOH 92  251 92  HOH TIP A . 
B 2 HOH 93  252 93  HOH TIP A . 
B 2 HOH 94  253 94  HOH TIP A . 
B 2 HOH 95  254 95  HOH TIP A . 
B 2 HOH 96  255 96  HOH TIP A . 
B 2 HOH 97  256 97  HOH TIP A . 
B 2 HOH 98  257 98  HOH TIP A . 
B 2 HOH 99  258 99  HOH TIP A . 
B 2 HOH 100 259 100 HOH TIP A . 
B 2 HOH 101 260 101 HOH TIP A . 
B 2 HOH 102 261 102 HOH TIP A . 
B 2 HOH 103 262 103 HOH TIP A . 
B 2 HOH 104 263 104 HOH TIP A . 
B 2 HOH 105 264 105 HOH TIP A . 
B 2 HOH 106 265 106 HOH TIP A . 
B 2 HOH 107 266 107 HOH TIP A . 
B 2 HOH 108 267 108 HOH TIP A . 
B 2 HOH 109 268 109 HOH TIP A . 
B 2 HOH 110 269 110 HOH TIP A . 
B 2 HOH 111 270 111 HOH TIP A . 
B 2 HOH 112 271 112 HOH TIP A . 
B 2 HOH 113 272 113 HOH TIP A . 
B 2 HOH 114 273 114 HOH TIP A . 
B 2 HOH 115 274 115 HOH TIP A . 
B 2 HOH 116 275 116 HOH TIP A . 
B 2 HOH 117 276 117 HOH TIP A . 
B 2 HOH 118 277 118 HOH TIP A . 
B 2 HOH 119 278 119 HOH TIP A . 
B 2 HOH 120 279 120 HOH TIP A . 
B 2 HOH 121 280 121 HOH TIP A . 
B 2 HOH 122 281 122 HOH TIP A . 
B 2 HOH 123 282 123 HOH TIP A . 
B 2 HOH 124 283 124 HOH TIP A . 
B 2 HOH 125 284 125 HOH TIP A . 
B 2 HOH 126 285 126 HOH TIP A . 
B 2 HOH 127 286 127 HOH TIP A . 
B 2 HOH 128 287 128 HOH TIP A . 
B 2 HOH 129 288 129 HOH TIP A . 
# 
loop_
_software.name 
_software.classification 
_software.version 
_software.citation_id 
_software.pdbx_ordinal 
CrystalClear 'data collection' .              ? 1 
CrystalClear 'data reduction'  '(MSC/RIGAKU)' ? 2 
SOLVE        phasing           .              ? 3 
CNS          refinement        .              ? 4 
CrystalClear 'data scaling'    '(MSC/RIGAKU)' ? 5 
# 
_cell.entry_id           1WGB 
_cell.length_a           63.780 
_cell.length_b           63.780 
_cell.length_c           80.470 
_cell.angle_alpha        90.00 
_cell.angle_beta         90.00 
_cell.angle_gamma        90.00 
_cell.Z_PDB              8 
_cell.pdbx_unique_axis   ? 
# 
_symmetry.entry_id                         1WGB 
_symmetry.space_group_name_H-M             'P 41 21 2' 
_symmetry.pdbx_full_space_group_name_H-M   ? 
_symmetry.cell_setting                     ? 
_symmetry.Int_Tables_number                92 
_symmetry.space_group_name_Hall            ? 
# 
_exptl.entry_id          1WGB 
_exptl.method            'X-RAY DIFFRACTION' 
_exptl.crystals_number   1 
# 
_exptl_crystal.id                    1 
_exptl_crystal.density_meas          ? 
_exptl_crystal.density_Matthews      2.29 
_exptl_crystal.density_percent_sol   46.22 
_exptl_crystal.description           ? 
_exptl_crystal.F_000                 ? 
_exptl_crystal.preparation           ? 
# 
_diffrn.id                     1 
_diffrn.ambient_temp           100 
_diffrn.ambient_temp_details   ? 
_diffrn.crystal_id             1 
# 
_diffrn_radiation.diffrn_id                        1 
_diffrn_radiation.wavelength_id                    1 
_diffrn_radiation.pdbx_monochromatic_or_laue_m_l   M 
_diffrn_radiation.monochromator                    'Si 111 CHANNEL' 
_diffrn_radiation.pdbx_diffrn_protocol             MAD 
_diffrn_radiation.pdbx_scattering_type             x-ray 
# 
loop_
_diffrn_radiation_wavelength.id 
_diffrn_radiation_wavelength.wavelength 
_diffrn_radiation_wavelength.wt 
1 0.97923 1.0 
2 0.9000  1.0 
3 0.97954 1.0 
# 
_diffrn_source.diffrn_id                   1 
_diffrn_source.source                      SYNCHROTRON 
_diffrn_source.type                        'SPRING-8 BEAMLINE BL26B2' 
_diffrn_source.pdbx_synchrotron_site       SPring-8 
_diffrn_source.pdbx_synchrotron_beamline   BL26B2 
_diffrn_source.pdbx_wavelength             ? 
_diffrn_source.pdbx_wavelength_list        '0.97923, 0.9000, 0.97954' 
# 
_reflns.entry_id                     1WGB 
_reflns.observed_criterion_sigma_F   0 
_reflns.observed_criterion_sigma_I   0 
_reflns.d_resolution_high            1.9 
_reflns.d_resolution_low             34 
_reflns.number_all                   13607 
_reflns.number_obs                   13607 
_reflns.percent_possible_obs         100 
_reflns.pdbx_Rmerge_I_obs            0.038 
_reflns.pdbx_Rsym_value              ? 
_reflns.pdbx_netI_over_sigmaI        ? 
_reflns.B_iso_Wilson_estimate        ? 
_reflns.pdbx_redundancy              8.85 
_reflns.R_free_details               ? 
_reflns.limit_h_max                  ? 
_reflns.limit_h_min                  ? 
_reflns.limit_k_max                  ? 
_reflns.limit_k_min                  ? 
_reflns.limit_l_max                  ? 
_reflns.limit_l_min                  ? 
_reflns.observed_criterion_F_max     ? 
_reflns.observed_criterion_F_min     ? 
_reflns.pdbx_chi_squared             ? 
_reflns.pdbx_scaling_rejects         ? 
_reflns.pdbx_ordinal                 1 
_reflns.pdbx_diffrn_id               1 
# 
_reflns_shell.d_res_high             1.90 
_reflns_shell.d_res_low              1.97 
_reflns_shell.percent_possible_all   100 
_reflns_shell.Rmerge_I_obs           0.049 
_reflns_shell.pdbx_Rsym_value        ? 
_reflns_shell.meanI_over_sigI_obs    ? 
_reflns_shell.pdbx_redundancy        9.09 
_reflns_shell.percent_possible_obs   ? 
_reflns_shell.number_unique_all      ? 
_reflns_shell.number_measured_all    ? 
_reflns_shell.number_measured_obs    ? 
_reflns_shell.number_unique_obs      ? 
_reflns_shell.pdbx_chi_squared       ? 
_reflns_shell.pdbx_ordinal           1 
_reflns_shell.pdbx_diffrn_id         1 
# 
_refine.entry_id                                 1WGB 
_refine.ls_d_res_high                            2.0 
_refine.ls_d_res_low                             34 
_refine.pdbx_ls_sigma_F                          0 
_refine.pdbx_ls_sigma_I                          0 
_refine.ls_number_reflns_all                     11757 
_refine.ls_number_reflns_obs                     11708 
_refine.ls_number_reflns_R_free                  1212 
_refine.ls_percent_reflns_obs                    99.6 
_refine.ls_R_factor_all                          ? 
_refine.ls_R_factor_obs                          0.211 
_refine.ls_R_factor_R_work                       0.211 
_refine.ls_R_factor_R_free                       0.2411 
_refine.ls_redundancy_reflns_obs                 ? 
_refine.pdbx_data_cutoff_high_absF               ? 
_refine.pdbx_data_cutoff_low_absF                ? 
_refine.ls_number_parameters                     ? 
_refine.ls_number_restraints                     ? 
_refine.ls_percent_reflns_R_free                 ? 
_refine.ls_R_factor_R_free_error                 ? 
_refine.ls_R_factor_R_free_error_details         ? 
_refine.pdbx_method_to_determine_struct          MAD 
_refine.pdbx_starting_model                      ? 
_refine.pdbx_ls_cross_valid_method               ? 
_refine.pdbx_R_Free_selection_details            RANDOM 
_refine.pdbx_stereochem_target_val_spec_case     ? 
_refine.pdbx_stereochemistry_target_values       'Engh & Huber' 
_refine.solvent_model_details                    ? 
_refine.solvent_model_param_bsol                 ? 
_refine.solvent_model_param_ksol                 ? 
_refine.occupancy_max                            ? 
_refine.occupancy_min                            ? 
_refine.pdbx_isotropic_thermal_model             ? 
_refine.B_iso_mean                               ? 
_refine.aniso_B[1][1]                            ? 
_refine.aniso_B[1][2]                            ? 
_refine.aniso_B[1][3]                            ? 
_refine.aniso_B[2][2]                            ? 
_refine.aniso_B[2][3]                            ? 
_refine.aniso_B[3][3]                            ? 
_refine.details                                  ? 
_refine.B_iso_min                                ? 
_refine.B_iso_max                                ? 
_refine.correlation_coeff_Fo_to_Fc               ? 
_refine.correlation_coeff_Fo_to_Fc_free          ? 
_refine.pdbx_solvent_vdw_probe_radii             ? 
_refine.pdbx_solvent_ion_probe_radii             ? 
_refine.pdbx_solvent_shrinkage_radii             ? 
_refine.overall_SU_R_Cruickshank_DPI             ? 
_refine.overall_SU_R_free                        ? 
_refine.overall_SU_B                             ? 
_refine.overall_SU_ML                            ? 
_refine.pdbx_overall_ESU_R                       ? 
_refine.pdbx_overall_ESU_R_Free                  ? 
_refine.pdbx_data_cutoff_high_rms_absF           ? 
_refine.ls_wR_factor_R_free                      ? 
_refine.ls_wR_factor_R_work                      ? 
_refine.overall_FOM_free_R_set                   ? 
_refine.overall_FOM_work_R_set                   ? 
_refine.pdbx_refine_id                           'X-RAY DIFFRACTION' 
_refine.pdbx_diffrn_id                           1 
_refine.pdbx_TLS_residual_ADP_flag               ? 
_refine.pdbx_overall_phase_error                 ? 
_refine.pdbx_overall_SU_R_free_Cruickshank_DPI   ? 
_refine.pdbx_overall_SU_R_Blow_DPI               ? 
_refine.pdbx_overall_SU_R_free_Blow_DPI          ? 
# 
_refine_hist.pdbx_refine_id                   'X-RAY DIFFRACTION' 
_refine_hist.cycle_id                         LAST 
_refine_hist.pdbx_number_atoms_protein        1255 
_refine_hist.pdbx_number_atoms_nucleic_acid   0 
_refine_hist.pdbx_number_atoms_ligand         0 
_refine_hist.number_atoms_solvent             129 
_refine_hist.number_atoms_total               1384 
_refine_hist.d_res_high                       2.0 
_refine_hist.d_res_low                        34 
# 
loop_
_refine_ls_restr.type 
_refine_ls_restr.dev_ideal 
_refine_ls_restr.dev_ideal_target 
_refine_ls_restr.weight 
_refine_ls_restr.number 
_refine_ls_restr.pdbx_refine_id 
_refine_ls_restr.pdbx_restraint_function 
c_bond_d    0.005542 ? ? ? 'X-RAY DIFFRACTION' ? 
c_angle_deg 1.23930  ? ? ? 'X-RAY DIFFRACTION' ? 
# 
_struct.entry_id                  1WGB 
_struct.title                     'Crystal structure of a probable flavoprotein from Thermus thermophilus HB8' 
_struct.pdbx_model_details        ? 
_struct.pdbx_CASP_flag            ? 
_struct.pdbx_model_type_details   ? 
# 
_struct_keywords.entry_id        1WGB 
_struct_keywords.pdbx_keywords   OXIDOREDUCTASE 
_struct_keywords.text            
'flavoprotein, HB8, RIKEN Structural Genomics/Proteomics Initiative, RSGI, Structural Genomics, OXIDOREDUCTASE' 
# 
loop_
_struct_asym.id 
_struct_asym.pdbx_blank_PDB_chainid_flag 
_struct_asym.pdbx_modified 
_struct_asym.entity_id 
_struct_asym.details 
A N N 1 ? 
B N N 2 ? 
# 
_struct_ref.id                         1 
_struct_ref.entity_id                  1 
_struct_ref.db_name                    UNP 
_struct_ref.db_code                    Q72LK7_THET2 
_struct_ref.pdbx_db_accession          Q72LK7 
_struct_ref.pdbx_db_isoform            ? 
_struct_ref.pdbx_seq_one_letter_code   ? 
_struct_ref.pdbx_align_begin           ? 
# 
_struct_ref_seq.align_id                      1 
_struct_ref_seq.ref_id                        1 
_struct_ref_seq.pdbx_PDB_id_code              1WGB 
_struct_ref_seq.pdbx_strand_id                A 
_struct_ref_seq.seq_align_beg                 1 
_struct_ref_seq.pdbx_seq_align_beg_ins_code   ? 
_struct_ref_seq.seq_align_end                 159 
_struct_ref_seq.pdbx_seq_align_end_ins_code   ? 
_struct_ref_seq.pdbx_db_accession             Q72LK7 
_struct_ref_seq.db_align_beg                  1 
_struct_ref_seq.pdbx_db_align_beg_ins_code    ? 
_struct_ref_seq.db_align_end                  159 
_struct_ref_seq.pdbx_db_align_end_ins_code    ? 
_struct_ref_seq.pdbx_auth_seq_align_beg       1 
_struct_ref_seq.pdbx_auth_seq_align_end       159 
# 
loop_
_pdbx_struct_assembly.id 
_pdbx_struct_assembly.details 
_pdbx_struct_assembly.method_details 
_pdbx_struct_assembly.oligomeric_details 
_pdbx_struct_assembly.oligomeric_count 
1 author_defined_assembly   ?        monomeric 1 
2 software_defined_assembly PISA,PQS dimeric   2 
# 
loop_
_pdbx_struct_assembly_prop.biol_id 
_pdbx_struct_assembly_prop.type 
_pdbx_struct_assembly_prop.value 
_pdbx_struct_assembly_prop.details 
2 'ABSA (A^2)' 4610  ? 
2 MORE         -41   ? 
2 'SSA (A^2)'  12980 ? 
# 
loop_
_pdbx_struct_assembly_gen.assembly_id 
_pdbx_struct_assembly_gen.oper_expression 
_pdbx_struct_assembly_gen.asym_id_list 
1 1   A,B 
2 1,2 A,B 
# 
loop_
_pdbx_struct_oper_list.id 
_pdbx_struct_oper_list.type 
_pdbx_struct_oper_list.name 
_pdbx_struct_oper_list.symmetry_operation 
_pdbx_struct_oper_list.matrix[1][1] 
_pdbx_struct_oper_list.matrix[1][2] 
_pdbx_struct_oper_list.matrix[1][3] 
_pdbx_struct_oper_list.vector[1] 
_pdbx_struct_oper_list.matrix[2][1] 
_pdbx_struct_oper_list.matrix[2][2] 
_pdbx_struct_oper_list.matrix[2][3] 
_pdbx_struct_oper_list.vector[2] 
_pdbx_struct_oper_list.matrix[3][1] 
_pdbx_struct_oper_list.matrix[3][2] 
_pdbx_struct_oper_list.matrix[3][3] 
_pdbx_struct_oper_list.vector[3] 
1 'identity operation'         1_555 x,y,z    1.0000000000  0.0000000000 0.0000000000  0.0000000000  0.0000000000 1.0000000000  0.0000000000  0.0000000000  0.0000000000  0.0000000000  1.0000000000 0.0000000000  
2 'crystal symmetry operation' 7_556 y,x,-z+1 -0.6014813625 0.4268758906 -0.6752756064 -0.2696151337 0.4268758906 -0.5427490491 -0.7233259595 19.5743981570 -0.6752756064 -0.7233259595 0.1442304116 12.2148525899 
# 
_struct_biol.id                    1 
_struct_biol.pdbx_parent_biol_id   ? 
_struct_biol.details               ? 
# 
loop_
_struct_conf.conf_type_id 
_struct_conf.id 
_struct_conf.pdbx_PDB_helix_id 
_struct_conf.beg_label_comp_id 
_struct_conf.beg_label_asym_id 
_struct_conf.beg_label_seq_id 
_struct_conf.pdbx_beg_PDB_ins_code 
_struct_conf.end_label_comp_id 
_struct_conf.end_label_asym_id 
_struct_conf.end_label_seq_id 
_struct_conf.pdbx_end_PDB_ins_code 
_struct_conf.beg_auth_comp_id 
_struct_conf.beg_auth_asym_id 
_struct_conf.beg_auth_seq_id 
_struct_conf.end_auth_comp_id 
_struct_conf.end_auth_asym_id 
_struct_conf.end_auth_seq_id 
_struct_conf.pdbx_PDB_helix_class 
_struct_conf.details 
_struct_conf.pdbx_PDB_helix_length 
HELX_P HELX_P1 1 ASN A 2   ? SER A 12  ? ASN A 2   SER A 12  1 ? 11 
HELX_P HELX_P2 2 SER A 54  ? GLY A 64  ? SER A 54  GLY A 64  1 ? 11 
HELX_P HELX_P3 3 GLN A 75  ? PHE A 82  ? GLN A 75  PHE A 82  1 ? 8  
HELX_P HELX_P4 4 VAL A 149 ? GLY A 154 ? VAL A 149 GLY A 154 1 ? 6  
# 
_struct_conf_type.id          HELX_P 
_struct_conf_type.criteria    ? 
_struct_conf_type.reference   ? 
# 
loop_
_struct_conn.id 
_struct_conn.conn_type_id 
_struct_conn.pdbx_leaving_atom_flag 
_struct_conn.pdbx_PDB_id 
_struct_conn.ptnr1_label_asym_id 
_struct_conn.ptnr1_label_comp_id 
_struct_conn.ptnr1_label_seq_id 
_struct_conn.ptnr1_label_atom_id 
_struct_conn.pdbx_ptnr1_label_alt_id 
_struct_conn.pdbx_ptnr1_PDB_ins_code 
_struct_conn.pdbx_ptnr1_standard_comp_id 
_struct_conn.ptnr1_symmetry 
_struct_conn.ptnr2_label_asym_id 
_struct_conn.ptnr2_label_comp_id 
_struct_conn.ptnr2_label_seq_id 
_struct_conn.ptnr2_label_atom_id 
_struct_conn.pdbx_ptnr2_label_alt_id 
_struct_conn.pdbx_ptnr2_PDB_ins_code 
_struct_conn.ptnr1_auth_asym_id 
_struct_conn.ptnr1_auth_comp_id 
_struct_conn.ptnr1_auth_seq_id 
_struct_conn.ptnr2_auth_asym_id 
_struct_conn.ptnr2_auth_comp_id 
_struct_conn.ptnr2_auth_seq_id 
_struct_conn.ptnr2_symmetry 
_struct_conn.pdbx_ptnr3_label_atom_id 
_struct_conn.pdbx_ptnr3_label_seq_id 
_struct_conn.pdbx_ptnr3_label_comp_id 
_struct_conn.pdbx_ptnr3_label_asym_id 
_struct_conn.pdbx_ptnr3_label_alt_id 
_struct_conn.pdbx_ptnr3_PDB_ins_code 
_struct_conn.details 
_struct_conn.pdbx_dist_value 
_struct_conn.pdbx_value_order 
_struct_conn.pdbx_role 
covale1 covale both ? A MSE 1   C ? ? ? 1_555 A ASN 2   N ? ? A MSE 1   A ASN 2   1_555 ? ? ? ? ? ? ? 1.330 ? ? 
covale2 covale both ? A LEU 68  C ? ? ? 1_555 A MSE 69  N ? ? A LEU 68  A MSE 69  1_555 ? ? ? ? ? ? ? 1.327 ? ? 
covale3 covale both ? A MSE 69  C ? ? ? 1_555 A THR 70  N ? ? A MSE 69  A THR 70  1_555 ? ? ? ? ? ? ? 1.330 ? ? 
covale4 covale both ? A VAL 149 C ? ? ? 1_555 A MSE 150 N ? ? A VAL 149 A MSE 150 1_555 ? ? ? ? ? ? ? 1.330 ? ? 
covale5 covale both ? A MSE 150 C ? ? ? 1_555 A TRP 151 N ? ? A MSE 150 A TRP 151 1_555 ? ? ? ? ? ? ? 1.327 ? ? 
# 
_struct_conn_type.id          covale 
_struct_conn_type.criteria    ? 
_struct_conn_type.reference   ? 
# 
loop_
_pdbx_modification_feature.ordinal 
_pdbx_modification_feature.label_comp_id 
_pdbx_modification_feature.label_asym_id 
_pdbx_modification_feature.label_seq_id 
_pdbx_modification_feature.label_alt_id 
_pdbx_modification_feature.modified_residue_label_comp_id 
_pdbx_modification_feature.modified_residue_label_asym_id 
_pdbx_modification_feature.modified_residue_label_seq_id 
_pdbx_modification_feature.modified_residue_label_alt_id 
_pdbx_modification_feature.auth_comp_id 
_pdbx_modification_feature.auth_asym_id 
_pdbx_modification_feature.auth_seq_id 
_pdbx_modification_feature.PDB_ins_code 
_pdbx_modification_feature.symmetry 
_pdbx_modification_feature.modified_residue_auth_comp_id 
_pdbx_modification_feature.modified_residue_auth_asym_id 
_pdbx_modification_feature.modified_residue_auth_seq_id 
_pdbx_modification_feature.modified_residue_PDB_ins_code 
_pdbx_modification_feature.modified_residue_symmetry 
_pdbx_modification_feature.comp_id_linking_atom 
_pdbx_modification_feature.modified_residue_id_linking_atom 
_pdbx_modification_feature.modified_residue_id 
_pdbx_modification_feature.ref_pcm_id 
_pdbx_modification_feature.ref_comp_id 
_pdbx_modification_feature.type 
_pdbx_modification_feature.category 
1 MSE A 1   ? . . . . MSE A 1   ? 1_555 . . . . . . . MET 1 MSE Selenomethionine 'Named protein modification' 
2 MSE A 69  ? . . . . MSE A 69  ? 1_555 . . . . . . . MET 1 MSE Selenomethionine 'Named protein modification' 
3 MSE A 150 ? . . . . MSE A 150 ? 1_555 . . . . . . . MET 1 MSE Selenomethionine 'Named protein modification' 
# 
_struct_mon_prot_cis.pdbx_id                1 
_struct_mon_prot_cis.label_comp_id          GLN 
_struct_mon_prot_cis.label_seq_id           42 
_struct_mon_prot_cis.label_asym_id          A 
_struct_mon_prot_cis.label_alt_id           . 
_struct_mon_prot_cis.pdbx_PDB_ins_code      ? 
_struct_mon_prot_cis.auth_comp_id           GLN 
_struct_mon_prot_cis.auth_seq_id            42 
_struct_mon_prot_cis.auth_asym_id           A 
_struct_mon_prot_cis.pdbx_label_comp_id_2   PRO 
_struct_mon_prot_cis.pdbx_label_seq_id_2    43 
_struct_mon_prot_cis.pdbx_label_asym_id_2   A 
_struct_mon_prot_cis.pdbx_PDB_ins_code_2    ? 
_struct_mon_prot_cis.pdbx_auth_comp_id_2    PRO 
_struct_mon_prot_cis.pdbx_auth_seq_id_2     43 
_struct_mon_prot_cis.pdbx_auth_asym_id_2    A 
_struct_mon_prot_cis.pdbx_PDB_model_num     1 
_struct_mon_prot_cis.pdbx_omega_angle       -0.39 
# 
loop_
_struct_sheet.id 
_struct_sheet.type 
_struct_sheet.number_strands 
_struct_sheet.details 
A ? 7 ? 
B ? 4 ? 
# 
loop_
_struct_sheet_order.sheet_id 
_struct_sheet_order.range_id_1 
_struct_sheet_order.range_id_2 
_struct_sheet_order.offset 
_struct_sheet_order.sense 
A 1 2 ? anti-parallel 
A 2 3 ? anti-parallel 
A 3 4 ? anti-parallel 
A 4 5 ? anti-parallel 
A 5 6 ? anti-parallel 
A 6 7 ? anti-parallel 
B 1 2 ? anti-parallel 
B 2 3 ? anti-parallel 
B 3 4 ? anti-parallel 
# 
loop_
_struct_sheet_range.sheet_id 
_struct_sheet_range.id 
_struct_sheet_range.beg_label_comp_id 
_struct_sheet_range.beg_label_asym_id 
_struct_sheet_range.beg_label_seq_id 
_struct_sheet_range.pdbx_beg_PDB_ins_code 
_struct_sheet_range.end_label_comp_id 
_struct_sheet_range.end_label_asym_id 
_struct_sheet_range.end_label_seq_id 
_struct_sheet_range.pdbx_end_PDB_ins_code 
_struct_sheet_range.beg_auth_comp_id 
_struct_sheet_range.beg_auth_asym_id 
_struct_sheet_range.beg_auth_seq_id 
_struct_sheet_range.end_auth_comp_id 
_struct_sheet_range.end_auth_asym_id 
_struct_sheet_range.end_auth_seq_id 
A 1 GLU A 27  ? VAL A 33  ? GLU A 27  VAL A 33  
A 2 TYR A 18  ? ASP A 24  ? TYR A 18  ASP A 24  
A 3 LYS A 65  ? THR A 70  ? LYS A 65  THR A 70  
A 4 TYR A 114 ? GLY A 126 ? TYR A 114 GLY A 126 
A 5 HIS A 129 ? VAL A 141 ? HIS A 129 VAL A 141 
A 6 LEU A 45  ? LYS A 51  ? LEU A 45  LYS A 51  
A 7 VAL A 36  ? SER A 40  ? VAL A 36  SER A 40  
B 1 ARG A 88  ? GLU A 89  ? ARG A 88  GLU A 89  
B 2 ARG A 92  ? LEU A 93  ? ARG A 92  LEU A 93  
B 3 HIS A 96  ? PRO A 100 ? HIS A 96  PRO A 100 
B 4 PRO A 107 ? LEU A 109 ? PRO A 107 LEU A 109 
# 
loop_
_pdbx_struct_sheet_hbond.sheet_id 
_pdbx_struct_sheet_hbond.range_id_1 
_pdbx_struct_sheet_hbond.range_id_2 
_pdbx_struct_sheet_hbond.range_1_label_atom_id 
_pdbx_struct_sheet_hbond.range_1_label_comp_id 
_pdbx_struct_sheet_hbond.range_1_label_asym_id 
_pdbx_struct_sheet_hbond.range_1_label_seq_id 
_pdbx_struct_sheet_hbond.range_1_PDB_ins_code 
_pdbx_struct_sheet_hbond.range_1_auth_atom_id 
_pdbx_struct_sheet_hbond.range_1_auth_comp_id 
_pdbx_struct_sheet_hbond.range_1_auth_asym_id 
_pdbx_struct_sheet_hbond.range_1_auth_seq_id 
_pdbx_struct_sheet_hbond.range_2_label_atom_id 
_pdbx_struct_sheet_hbond.range_2_label_comp_id 
_pdbx_struct_sheet_hbond.range_2_label_asym_id 
_pdbx_struct_sheet_hbond.range_2_label_seq_id 
_pdbx_struct_sheet_hbond.range_2_PDB_ins_code 
_pdbx_struct_sheet_hbond.range_2_auth_atom_id 
_pdbx_struct_sheet_hbond.range_2_auth_comp_id 
_pdbx_struct_sheet_hbond.range_2_auth_asym_id 
_pdbx_struct_sheet_hbond.range_2_auth_seq_id 
A 1 2 O GLY A 31  ? O GLY A 31  N LEU A 20  ? N LEU A 20  
A 2 3 N THR A 21  ? N THR A 21  O ALA A 67  ? O ALA A 67  
A 3 4 N LEU A 66  ? N LEU A 66  O ALA A 118 ? O ALA A 118 
A 4 5 N HIS A 122 ? N HIS A 122 O VAL A 133 ? O VAL A 133 
A 5 6 O VAL A 132 ? O VAL A 132 N VAL A 48  ? N VAL A 48  
A 6 7 O ALA A 47  ? O ALA A 47  N THR A 37  ? N THR A 37  
B 1 2 N GLU A 89  ? N GLU A 89  O ARG A 92  ? O ARG A 92  
B 2 3 N LEU A 93  ? N LEU A 93  O HIS A 96  ? O HIS A 96  
B 3 4 N GLU A 99  ? N GLU A 99  O LEU A 108 ? O LEU A 108 
# 
_pdbx_entry_details.entry_id                   1WGB 
_pdbx_entry_details.compound_details           ? 
_pdbx_entry_details.source_details             ? 
_pdbx_entry_details.nonpolymer_details         ? 
_pdbx_entry_details.sequence_details           ? 
_pdbx_entry_details.has_ligand_of_interest     ? 
_pdbx_entry_details.has_protein_modification   Y 
# 
_pdbx_validate_rmsd_angle.id                         1 
_pdbx_validate_rmsd_angle.PDB_model_num              1 
_pdbx_validate_rmsd_angle.auth_atom_id_1             C 
_pdbx_validate_rmsd_angle.auth_asym_id_1             A 
_pdbx_validate_rmsd_angle.auth_comp_id_1             LEU 
_pdbx_validate_rmsd_angle.auth_seq_id_1              112 
_pdbx_validate_rmsd_angle.PDB_ins_code_1             ? 
_pdbx_validate_rmsd_angle.label_alt_id_1             ? 
_pdbx_validate_rmsd_angle.auth_atom_id_2             N 
_pdbx_validate_rmsd_angle.auth_asym_id_2             A 
_pdbx_validate_rmsd_angle.auth_comp_id_2             PRO 
_pdbx_validate_rmsd_angle.auth_seq_id_2              113 
_pdbx_validate_rmsd_angle.PDB_ins_code_2             ? 
_pdbx_validate_rmsd_angle.label_alt_id_2             ? 
_pdbx_validate_rmsd_angle.auth_atom_id_3             CA 
_pdbx_validate_rmsd_angle.auth_asym_id_3             A 
_pdbx_validate_rmsd_angle.auth_comp_id_3             PRO 
_pdbx_validate_rmsd_angle.auth_seq_id_3              113 
_pdbx_validate_rmsd_angle.PDB_ins_code_3             ? 
_pdbx_validate_rmsd_angle.label_alt_id_3             ? 
_pdbx_validate_rmsd_angle.angle_value                129.13 
_pdbx_validate_rmsd_angle.angle_target_value         119.30 
_pdbx_validate_rmsd_angle.angle_deviation            9.83 
_pdbx_validate_rmsd_angle.angle_standard_deviation   1.50 
_pdbx_validate_rmsd_angle.linker_flag                Y 
# 
_pdbx_validate_torsion.id              1 
_pdbx_validate_torsion.PDB_model_num   1 
_pdbx_validate_torsion.auth_comp_id    ASP 
_pdbx_validate_torsion.auth_asym_id    A 
_pdbx_validate_torsion.auth_seq_id     91 
_pdbx_validate_torsion.PDB_ins_code    ? 
_pdbx_validate_torsion.label_alt_id    ? 
_pdbx_validate_torsion.phi             -93.98 
_pdbx_validate_torsion.psi             37.69 
# 
_pdbx_SG_project.id                    1 
_pdbx_SG_project.project_name          ? 
_pdbx_SG_project.full_name_of_center   'RIKEN Structural Genomics/Proteomics Initiative' 
_pdbx_SG_project.initial_of_center     RSGI 
# 
loop_
_pdbx_struct_mod_residue.id 
_pdbx_struct_mod_residue.label_asym_id 
_pdbx_struct_mod_residue.label_comp_id 
_pdbx_struct_mod_residue.label_seq_id 
_pdbx_struct_mod_residue.auth_asym_id 
_pdbx_struct_mod_residue.auth_comp_id 
_pdbx_struct_mod_residue.auth_seq_id 
_pdbx_struct_mod_residue.PDB_ins_code 
_pdbx_struct_mod_residue.parent_comp_id 
_pdbx_struct_mod_residue.details 
1 A MSE 1   A MSE 1   ? MET SELENOMETHIONINE 
2 A MSE 69  A MSE 69  ? MET SELENOMETHIONINE 
3 A MSE 150 A MSE 150 ? MET SELENOMETHIONINE 
# 
_pdbx_struct_special_symmetry.id              1 
_pdbx_struct_special_symmetry.PDB_model_num   1 
_pdbx_struct_special_symmetry.auth_asym_id    A 
_pdbx_struct_special_symmetry.auth_comp_id    HOH 
_pdbx_struct_special_symmetry.auth_seq_id     283 
_pdbx_struct_special_symmetry.PDB_ins_code    ? 
_pdbx_struct_special_symmetry.label_asym_id   B 
_pdbx_struct_special_symmetry.label_comp_id   HOH 
_pdbx_struct_special_symmetry.label_seq_id    . 
# 
loop_
_chem_comp_atom.comp_id 
_chem_comp_atom.atom_id 
_chem_comp_atom.type_symbol 
_chem_comp_atom.pdbx_aromatic_flag 
_chem_comp_atom.pdbx_stereo_config 
_chem_comp_atom.pdbx_ordinal 
ALA N    N  N N 1   
ALA CA   C  N S 2   
ALA C    C  N N 3   
ALA O    O  N N 4   
ALA CB   C  N N 5   
ALA OXT  O  N N 6   
ALA H    H  N N 7   
ALA H2   H  N N 8   
ALA HA   H  N N 9   
ALA HB1  H  N N 10  
ALA HB2  H  N N 11  
ALA HB3  H  N N 12  
ALA HXT  H  N N 13  
ARG N    N  N N 14  
ARG CA   C  N S 15  
ARG C    C  N N 16  
ARG O    O  N N 17  
ARG CB   C  N N 18  
ARG CG   C  N N 19  
ARG CD   C  N N 20  
ARG NE   N  N N 21  
ARG CZ   C  N N 22  
ARG NH1  N  N N 23  
ARG NH2  N  N N 24  
ARG OXT  O  N N 25  
ARG H    H  N N 26  
ARG H2   H  N N 27  
ARG HA   H  N N 28  
ARG HB2  H  N N 29  
ARG HB3  H  N N 30  
ARG HG2  H  N N 31  
ARG HG3  H  N N 32  
ARG HD2  H  N N 33  
ARG HD3  H  N N 34  
ARG HE   H  N N 35  
ARG HH11 H  N N 36  
ARG HH12 H  N N 37  
ARG HH21 H  N N 38  
ARG HH22 H  N N 39  
ARG HXT  H  N N 40  
ASN N    N  N N 41  
ASN CA   C  N S 42  
ASN C    C  N N 43  
ASN O    O  N N 44  
ASN CB   C  N N 45  
ASN CG   C  N N 46  
ASN OD1  O  N N 47  
ASN ND2  N  N N 48  
ASN OXT  O  N N 49  
ASN H    H  N N 50  
ASN H2   H  N N 51  
ASN HA   H  N N 52  
ASN HB2  H  N N 53  
ASN HB3  H  N N 54  
ASN HD21 H  N N 55  
ASN HD22 H  N N 56  
ASN HXT  H  N N 57  
ASP N    N  N N 58  
ASP CA   C  N S 59  
ASP C    C  N N 60  
ASP O    O  N N 61  
ASP CB   C  N N 62  
ASP CG   C  N N 63  
ASP OD1  O  N N 64  
ASP OD2  O  N N 65  
ASP OXT  O  N N 66  
ASP H    H  N N 67  
ASP H2   H  N N 68  
ASP HA   H  N N 69  
ASP HB2  H  N N 70  
ASP HB3  H  N N 71  
ASP HD2  H  N N 72  
ASP HXT  H  N N 73  
GLN N    N  N N 74  
GLN CA   C  N S 75  
GLN C    C  N N 76  
GLN O    O  N N 77  
GLN CB   C  N N 78  
GLN CG   C  N N 79  
GLN CD   C  N N 80  
GLN OE1  O  N N 81  
GLN NE2  N  N N 82  
GLN OXT  O  N N 83  
GLN H    H  N N 84  
GLN H2   H  N N 85  
GLN HA   H  N N 86  
GLN HB2  H  N N 87  
GLN HB3  H  N N 88  
GLN HG2  H  N N 89  
GLN HG3  H  N N 90  
GLN HE21 H  N N 91  
GLN HE22 H  N N 92  
GLN HXT  H  N N 93  
GLU N    N  N N 94  
GLU CA   C  N S 95  
GLU C    C  N N 96  
GLU O    O  N N 97  
GLU CB   C  N N 98  
GLU CG   C  N N 99  
GLU CD   C  N N 100 
GLU OE1  O  N N 101 
GLU OE2  O  N N 102 
GLU OXT  O  N N 103 
GLU H    H  N N 104 
GLU H2   H  N N 105 
GLU HA   H  N N 106 
GLU HB2  H  N N 107 
GLU HB3  H  N N 108 
GLU HG2  H  N N 109 
GLU HG3  H  N N 110 
GLU HE2  H  N N 111 
GLU HXT  H  N N 112 
GLY N    N  N N 113 
GLY CA   C  N N 114 
GLY C    C  N N 115 
GLY O    O  N N 116 
GLY OXT  O  N N 117 
GLY H    H  N N 118 
GLY H2   H  N N 119 
GLY HA2  H  N N 120 
GLY HA3  H  N N 121 
GLY HXT  H  N N 122 
HIS N    N  N N 123 
HIS CA   C  N S 124 
HIS C    C  N N 125 
HIS O    O  N N 126 
HIS CB   C  N N 127 
HIS CG   C  Y N 128 
HIS ND1  N  Y N 129 
HIS CD2  C  Y N 130 
HIS CE1  C  Y N 131 
HIS NE2  N  Y N 132 
HIS OXT  O  N N 133 
HIS H    H  N N 134 
HIS H2   H  N N 135 
HIS HA   H  N N 136 
HIS HB2  H  N N 137 
HIS HB3  H  N N 138 
HIS HD1  H  N N 139 
HIS HD2  H  N N 140 
HIS HE1  H  N N 141 
HIS HE2  H  N N 142 
HIS HXT  H  N N 143 
HOH O    O  N N 144 
HOH H1   H  N N 145 
HOH H2   H  N N 146 
ILE N    N  N N 147 
ILE CA   C  N S 148 
ILE C    C  N N 149 
ILE O    O  N N 150 
ILE CB   C  N S 151 
ILE CG1  C  N N 152 
ILE CG2  C  N N 153 
ILE CD1  C  N N 154 
ILE OXT  O  N N 155 
ILE H    H  N N 156 
ILE H2   H  N N 157 
ILE HA   H  N N 158 
ILE HB   H  N N 159 
ILE HG12 H  N N 160 
ILE HG13 H  N N 161 
ILE HG21 H  N N 162 
ILE HG22 H  N N 163 
ILE HG23 H  N N 164 
ILE HD11 H  N N 165 
ILE HD12 H  N N 166 
ILE HD13 H  N N 167 
ILE HXT  H  N N 168 
LEU N    N  N N 169 
LEU CA   C  N S 170 
LEU C    C  N N 171 
LEU O    O  N N 172 
LEU CB   C  N N 173 
LEU CG   C  N N 174 
LEU CD1  C  N N 175 
LEU CD2  C  N N 176 
LEU OXT  O  N N 177 
LEU H    H  N N 178 
LEU H2   H  N N 179 
LEU HA   H  N N 180 
LEU HB2  H  N N 181 
LEU HB3  H  N N 182 
LEU HG   H  N N 183 
LEU HD11 H  N N 184 
LEU HD12 H  N N 185 
LEU HD13 H  N N 186 
LEU HD21 H  N N 187 
LEU HD22 H  N N 188 
LEU HD23 H  N N 189 
LEU HXT  H  N N 190 
LYS N    N  N N 191 
LYS CA   C  N S 192 
LYS C    C  N N 193 
LYS O    O  N N 194 
LYS CB   C  N N 195 
LYS CG   C  N N 196 
LYS CD   C  N N 197 
LYS CE   C  N N 198 
LYS NZ   N  N N 199 
LYS OXT  O  N N 200 
LYS H    H  N N 201 
LYS H2   H  N N 202 
LYS HA   H  N N 203 
LYS HB2  H  N N 204 
LYS HB3  H  N N 205 
LYS HG2  H  N N 206 
LYS HG3  H  N N 207 
LYS HD2  H  N N 208 
LYS HD3  H  N N 209 
LYS HE2  H  N N 210 
LYS HE3  H  N N 211 
LYS HZ1  H  N N 212 
LYS HZ2  H  N N 213 
LYS HZ3  H  N N 214 
LYS HXT  H  N N 215 
MSE N    N  N N 216 
MSE CA   C  N S 217 
MSE C    C  N N 218 
MSE O    O  N N 219 
MSE OXT  O  N N 220 
MSE CB   C  N N 221 
MSE CG   C  N N 222 
MSE SE   SE N N 223 
MSE CE   C  N N 224 
MSE H    H  N N 225 
MSE H2   H  N N 226 
MSE HA   H  N N 227 
MSE HXT  H  N N 228 
MSE HB2  H  N N 229 
MSE HB3  H  N N 230 
MSE HG2  H  N N 231 
MSE HG3  H  N N 232 
MSE HE1  H  N N 233 
MSE HE2  H  N N 234 
MSE HE3  H  N N 235 
PHE N    N  N N 236 
PHE CA   C  N S 237 
PHE C    C  N N 238 
PHE O    O  N N 239 
PHE CB   C  N N 240 
PHE CG   C  Y N 241 
PHE CD1  C  Y N 242 
PHE CD2  C  Y N 243 
PHE CE1  C  Y N 244 
PHE CE2  C  Y N 245 
PHE CZ   C  Y N 246 
PHE OXT  O  N N 247 
PHE H    H  N N 248 
PHE H2   H  N N 249 
PHE HA   H  N N 250 
PHE HB2  H  N N 251 
PHE HB3  H  N N 252 
PHE HD1  H  N N 253 
PHE HD2  H  N N 254 
PHE HE1  H  N N 255 
PHE HE2  H  N N 256 
PHE HZ   H  N N 257 
PHE HXT  H  N N 258 
PRO N    N  N N 259 
PRO CA   C  N S 260 
PRO C    C  N N 261 
PRO O    O  N N 262 
PRO CB   C  N N 263 
PRO CG   C  N N 264 
PRO CD   C  N N 265 
PRO OXT  O  N N 266 
PRO H    H  N N 267 
PRO HA   H  N N 268 
PRO HB2  H  N N 269 
PRO HB3  H  N N 270 
PRO HG2  H  N N 271 
PRO HG3  H  N N 272 
PRO HD2  H  N N 273 
PRO HD3  H  N N 274 
PRO HXT  H  N N 275 
SER N    N  N N 276 
SER CA   C  N S 277 
SER C    C  N N 278 
SER O    O  N N 279 
SER CB   C  N N 280 
SER OG   O  N N 281 
SER OXT  O  N N 282 
SER H    H  N N 283 
SER H2   H  N N 284 
SER HA   H  N N 285 
SER HB2  H  N N 286 
SER HB3  H  N N 287 
SER HG   H  N N 288 
SER HXT  H  N N 289 
THR N    N  N N 290 
THR CA   C  N S 291 
THR C    C  N N 292 
THR O    O  N N 293 
THR CB   C  N R 294 
THR OG1  O  N N 295 
THR CG2  C  N N 296 
THR OXT  O  N N 297 
THR H    H  N N 298 
THR H2   H  N N 299 
THR HA   H  N N 300 
THR HB   H  N N 301 
THR HG1  H  N N 302 
THR HG21 H  N N 303 
THR HG22 H  N N 304 
THR HG23 H  N N 305 
THR HXT  H  N N 306 
TRP N    N  N N 307 
TRP CA   C  N S 308 
TRP C    C  N N 309 
TRP O    O  N N 310 
TRP CB   C  N N 311 
TRP CG   C  Y N 312 
TRP CD1  C  Y N 313 
TRP CD2  C  Y N 314 
TRP NE1  N  Y N 315 
TRP CE2  C  Y N 316 
TRP CE3  C  Y N 317 
TRP CZ2  C  Y N 318 
TRP CZ3  C  Y N 319 
TRP CH2  C  Y N 320 
TRP OXT  O  N N 321 
TRP H    H  N N 322 
TRP H2   H  N N 323 
TRP HA   H  N N 324 
TRP HB2  H  N N 325 
TRP HB3  H  N N 326 
TRP HD1  H  N N 327 
TRP HE1  H  N N 328 
TRP HE3  H  N N 329 
TRP HZ2  H  N N 330 
TRP HZ3  H  N N 331 
TRP HH2  H  N N 332 
TRP HXT  H  N N 333 
TYR N    N  N N 334 
TYR CA   C  N S 335 
TYR C    C  N N 336 
TYR O    O  N N 337 
TYR CB   C  N N 338 
TYR CG   C  Y N 339 
TYR CD1  C  Y N 340 
TYR CD2  C  Y N 341 
TYR CE1  C  Y N 342 
TYR CE2  C  Y N 343 
TYR CZ   C  Y N 344 
TYR OH   O  N N 345 
TYR OXT  O  N N 346 
TYR H    H  N N 347 
TYR H2   H  N N 348 
TYR HA   H  N N 349 
TYR HB2  H  N N 350 
TYR HB3  H  N N 351 
TYR HD1  H  N N 352 
TYR HD2  H  N N 353 
TYR HE1  H  N N 354 
TYR HE2  H  N N 355 
TYR HH   H  N N 356 
TYR HXT  H  N N 357 
VAL N    N  N N 358 
VAL CA   C  N S 359 
VAL C    C  N N 360 
VAL O    O  N N 361 
VAL CB   C  N N 362 
VAL CG1  C  N N 363 
VAL CG2  C  N N 364 
VAL OXT  O  N N 365 
VAL H    H  N N 366 
VAL H2   H  N N 367 
VAL HA   H  N N 368 
VAL HB   H  N N 369 
VAL HG11 H  N N 370 
VAL HG12 H  N N 371 
VAL HG13 H  N N 372 
VAL HG21 H  N N 373 
VAL HG22 H  N N 374 
VAL HG23 H  N N 375 
VAL HXT  H  N N 376 
# 
loop_
_chem_comp_bond.comp_id 
_chem_comp_bond.atom_id_1 
_chem_comp_bond.atom_id_2 
_chem_comp_bond.value_order 
_chem_comp_bond.pdbx_aromatic_flag 
_chem_comp_bond.pdbx_stereo_config 
_chem_comp_bond.pdbx_ordinal 
ALA N   CA   sing N N 1   
ALA N   H    sing N N 2   
ALA N   H2   sing N N 3   
ALA CA  C    sing N N 4   
ALA CA  CB   sing N N 5   
ALA CA  HA   sing N N 6   
ALA C   O    doub N N 7   
ALA C   OXT  sing N N 8   
ALA CB  HB1  sing N N 9   
ALA CB  HB2  sing N N 10  
ALA CB  HB3  sing N N 11  
ALA OXT HXT  sing N N 12  
ARG N   CA   sing N N 13  
ARG N   H    sing N N 14  
ARG N   H2   sing N N 15  
ARG CA  C    sing N N 16  
ARG CA  CB   sing N N 17  
ARG CA  HA   sing N N 18  
ARG C   O    doub N N 19  
ARG C   OXT  sing N N 20  
ARG CB  CG   sing N N 21  
ARG CB  HB2  sing N N 22  
ARG CB  HB3  sing N N 23  
ARG CG  CD   sing N N 24  
ARG CG  HG2  sing N N 25  
ARG CG  HG3  sing N N 26  
ARG CD  NE   sing N N 27  
ARG CD  HD2  sing N N 28  
ARG CD  HD3  sing N N 29  
ARG NE  CZ   sing N N 30  
ARG NE  HE   sing N N 31  
ARG CZ  NH1  sing N N 32  
ARG CZ  NH2  doub N N 33  
ARG NH1 HH11 sing N N 34  
ARG NH1 HH12 sing N N 35  
ARG NH2 HH21 sing N N 36  
ARG NH2 HH22 sing N N 37  
ARG OXT HXT  sing N N 38  
ASN N   CA   sing N N 39  
ASN N   H    sing N N 40  
ASN N   H2   sing N N 41  
ASN CA  C    sing N N 42  
ASN CA  CB   sing N N 43  
ASN CA  HA   sing N N 44  
ASN C   O    doub N N 45  
ASN C   OXT  sing N N 46  
ASN CB  CG   sing N N 47  
ASN CB  HB2  sing N N 48  
ASN CB  HB3  sing N N 49  
ASN CG  OD1  doub N N 50  
ASN CG  ND2  sing N N 51  
ASN ND2 HD21 sing N N 52  
ASN ND2 HD22 sing N N 53  
ASN OXT HXT  sing N N 54  
ASP N   CA   sing N N 55  
ASP N   H    sing N N 56  
ASP N   H2   sing N N 57  
ASP CA  C    sing N N 58  
ASP CA  CB   sing N N 59  
ASP CA  HA   sing N N 60  
ASP C   O    doub N N 61  
ASP C   OXT  sing N N 62  
ASP CB  CG   sing N N 63  
ASP CB  HB2  sing N N 64  
ASP CB  HB3  sing N N 65  
ASP CG  OD1  doub N N 66  
ASP CG  OD2  sing N N 67  
ASP OD2 HD2  sing N N 68  
ASP OXT HXT  sing N N 69  
GLN N   CA   sing N N 70  
GLN N   H    sing N N 71  
GLN N   H2   sing N N 72  
GLN CA  C    sing N N 73  
GLN CA  CB   sing N N 74  
GLN CA  HA   sing N N 75  
GLN C   O    doub N N 76  
GLN C   OXT  sing N N 77  
GLN CB  CG   sing N N 78  
GLN CB  HB2  sing N N 79  
GLN CB  HB3  sing N N 80  
GLN CG  CD   sing N N 81  
GLN CG  HG2  sing N N 82  
GLN CG  HG3  sing N N 83  
GLN CD  OE1  doub N N 84  
GLN CD  NE2  sing N N 85  
GLN NE2 HE21 sing N N 86  
GLN NE2 HE22 sing N N 87  
GLN OXT HXT  sing N N 88  
GLU N   CA   sing N N 89  
GLU N   H    sing N N 90  
GLU N   H2   sing N N 91  
GLU CA  C    sing N N 92  
GLU CA  CB   sing N N 93  
GLU CA  HA   sing N N 94  
GLU C   O    doub N N 95  
GLU C   OXT  sing N N 96  
GLU CB  CG   sing N N 97  
GLU CB  HB2  sing N N 98  
GLU CB  HB3  sing N N 99  
GLU CG  CD   sing N N 100 
GLU CG  HG2  sing N N 101 
GLU CG  HG3  sing N N 102 
GLU CD  OE1  doub N N 103 
GLU CD  OE2  sing N N 104 
GLU OE2 HE2  sing N N 105 
GLU OXT HXT  sing N N 106 
GLY N   CA   sing N N 107 
GLY N   H    sing N N 108 
GLY N   H2   sing N N 109 
GLY CA  C    sing N N 110 
GLY CA  HA2  sing N N 111 
GLY CA  HA3  sing N N 112 
GLY C   O    doub N N 113 
GLY C   OXT  sing N N 114 
GLY OXT HXT  sing N N 115 
HIS N   CA   sing N N 116 
HIS N   H    sing N N 117 
HIS N   H2   sing N N 118 
HIS CA  C    sing N N 119 
HIS CA  CB   sing N N 120 
HIS CA  HA   sing N N 121 
HIS C   O    doub N N 122 
HIS C   OXT  sing N N 123 
HIS CB  CG   sing N N 124 
HIS CB  HB2  sing N N 125 
HIS CB  HB3  sing N N 126 
HIS CG  ND1  sing Y N 127 
HIS CG  CD2  doub Y N 128 
HIS ND1 CE1  doub Y N 129 
HIS ND1 HD1  sing N N 130 
HIS CD2 NE2  sing Y N 131 
HIS CD2 HD2  sing N N 132 
HIS CE1 NE2  sing Y N 133 
HIS CE1 HE1  sing N N 134 
HIS NE2 HE2  sing N N 135 
HIS OXT HXT  sing N N 136 
HOH O   H1   sing N N 137 
HOH O   H2   sing N N 138 
ILE N   CA   sing N N 139 
ILE N   H    sing N N 140 
ILE N   H2   sing N N 141 
ILE CA  C    sing N N 142 
ILE CA  CB   sing N N 143 
ILE CA  HA   sing N N 144 
ILE C   O    doub N N 145 
ILE C   OXT  sing N N 146 
ILE CB  CG1  sing N N 147 
ILE CB  CG2  sing N N 148 
ILE CB  HB   sing N N 149 
ILE CG1 CD1  sing N N 150 
ILE CG1 HG12 sing N N 151 
ILE CG1 HG13 sing N N 152 
ILE CG2 HG21 sing N N 153 
ILE CG2 HG22 sing N N 154 
ILE CG2 HG23 sing N N 155 
ILE CD1 HD11 sing N N 156 
ILE CD1 HD12 sing N N 157 
ILE CD1 HD13 sing N N 158 
ILE OXT HXT  sing N N 159 
LEU N   CA   sing N N 160 
LEU N   H    sing N N 161 
LEU N   H2   sing N N 162 
LEU CA  C    sing N N 163 
LEU CA  CB   sing N N 164 
LEU CA  HA   sing N N 165 
LEU C   O    doub N N 166 
LEU C   OXT  sing N N 167 
LEU CB  CG   sing N N 168 
LEU CB  HB2  sing N N 169 
LEU CB  HB3  sing N N 170 
LEU CG  CD1  sing N N 171 
LEU CG  CD2  sing N N 172 
LEU CG  HG   sing N N 173 
LEU CD1 HD11 sing N N 174 
LEU CD1 HD12 sing N N 175 
LEU CD1 HD13 sing N N 176 
LEU CD2 HD21 sing N N 177 
LEU CD2 HD22 sing N N 178 
LEU CD2 HD23 sing N N 179 
LEU OXT HXT  sing N N 180 
LYS N   CA   sing N N 181 
LYS N   H    sing N N 182 
LYS N   H2   sing N N 183 
LYS CA  C    sing N N 184 
LYS CA  CB   sing N N 185 
LYS CA  HA   sing N N 186 
LYS C   O    doub N N 187 
LYS C   OXT  sing N N 188 
LYS CB  CG   sing N N 189 
LYS CB  HB2  sing N N 190 
LYS CB  HB3  sing N N 191 
LYS CG  CD   sing N N 192 
LYS CG  HG2  sing N N 193 
LYS CG  HG3  sing N N 194 
LYS CD  CE   sing N N 195 
LYS CD  HD2  sing N N 196 
LYS CD  HD3  sing N N 197 
LYS CE  NZ   sing N N 198 
LYS CE  HE2  sing N N 199 
LYS CE  HE3  sing N N 200 
LYS NZ  HZ1  sing N N 201 
LYS NZ  HZ2  sing N N 202 
LYS NZ  HZ3  sing N N 203 
LYS OXT HXT  sing N N 204 
MSE N   CA   sing N N 205 
MSE N   H    sing N N 206 
MSE N   H2   sing N N 207 
MSE CA  C    sing N N 208 
MSE CA  CB   sing N N 209 
MSE CA  HA   sing N N 210 
MSE C   O    doub N N 211 
MSE C   OXT  sing N N 212 
MSE OXT HXT  sing N N 213 
MSE CB  CG   sing N N 214 
MSE CB  HB2  sing N N 215 
MSE CB  HB3  sing N N 216 
MSE CG  SE   sing N N 217 
MSE CG  HG2  sing N N 218 
MSE CG  HG3  sing N N 219 
MSE SE  CE   sing N N 220 
MSE CE  HE1  sing N N 221 
MSE CE  HE2  sing N N 222 
MSE CE  HE3  sing N N 223 
PHE N   CA   sing N N 224 
PHE N   H    sing N N 225 
PHE N   H2   sing N N 226 
PHE CA  C    sing N N 227 
PHE CA  CB   sing N N 228 
PHE CA  HA   sing N N 229 
PHE C   O    doub N N 230 
PHE C   OXT  sing N N 231 
PHE CB  CG   sing N N 232 
PHE CB  HB2  sing N N 233 
PHE CB  HB3  sing N N 234 
PHE CG  CD1  doub Y N 235 
PHE CG  CD2  sing Y N 236 
PHE CD1 CE1  sing Y N 237 
PHE CD1 HD1  sing N N 238 
PHE CD2 CE2  doub Y N 239 
PHE CD2 HD2  sing N N 240 
PHE CE1 CZ   doub Y N 241 
PHE CE1 HE1  sing N N 242 
PHE CE2 CZ   sing Y N 243 
PHE CE2 HE2  sing N N 244 
PHE CZ  HZ   sing N N 245 
PHE OXT HXT  sing N N 246 
PRO N   CA   sing N N 247 
PRO N   CD   sing N N 248 
PRO N   H    sing N N 249 
PRO CA  C    sing N N 250 
PRO CA  CB   sing N N 251 
PRO CA  HA   sing N N 252 
PRO C   O    doub N N 253 
PRO C   OXT  sing N N 254 
PRO CB  CG   sing N N 255 
PRO CB  HB2  sing N N 256 
PRO CB  HB3  sing N N 257 
PRO CG  CD   sing N N 258 
PRO CG  HG2  sing N N 259 
PRO CG  HG3  sing N N 260 
PRO CD  HD2  sing N N 261 
PRO CD  HD3  sing N N 262 
PRO OXT HXT  sing N N 263 
SER N   CA   sing N N 264 
SER N   H    sing N N 265 
SER N   H2   sing N N 266 
SER CA  C    sing N N 267 
SER CA  CB   sing N N 268 
SER CA  HA   sing N N 269 
SER C   O    doub N N 270 
SER C   OXT  sing N N 271 
SER CB  OG   sing N N 272 
SER CB  HB2  sing N N 273 
SER CB  HB3  sing N N 274 
SER OG  HG   sing N N 275 
SER OXT HXT  sing N N 276 
THR N   CA   sing N N 277 
THR N   H    sing N N 278 
THR N   H2   sing N N 279 
THR CA  C    sing N N 280 
THR CA  CB   sing N N 281 
THR CA  HA   sing N N 282 
THR C   O    doub N N 283 
THR C   OXT  sing N N 284 
THR CB  OG1  sing N N 285 
THR CB  CG2  sing N N 286 
THR CB  HB   sing N N 287 
THR OG1 HG1  sing N N 288 
THR CG2 HG21 sing N N 289 
THR CG2 HG22 sing N N 290 
THR CG2 HG23 sing N N 291 
THR OXT HXT  sing N N 292 
TRP N   CA   sing N N 293 
TRP N   H    sing N N 294 
TRP N   H2   sing N N 295 
TRP CA  C    sing N N 296 
TRP CA  CB   sing N N 297 
TRP CA  HA   sing N N 298 
TRP C   O    doub N N 299 
TRP C   OXT  sing N N 300 
TRP CB  CG   sing N N 301 
TRP CB  HB2  sing N N 302 
TRP CB  HB3  sing N N 303 
TRP CG  CD1  doub Y N 304 
TRP CG  CD2  sing Y N 305 
TRP CD1 NE1  sing Y N 306 
TRP CD1 HD1  sing N N 307 
TRP CD2 CE2  doub Y N 308 
TRP CD2 CE3  sing Y N 309 
TRP NE1 CE2  sing Y N 310 
TRP NE1 HE1  sing N N 311 
TRP CE2 CZ2  sing Y N 312 
TRP CE3 CZ3  doub Y N 313 
TRP CE3 HE3  sing N N 314 
TRP CZ2 CH2  doub Y N 315 
TRP CZ2 HZ2  sing N N 316 
TRP CZ3 CH2  sing Y N 317 
TRP CZ3 HZ3  sing N N 318 
TRP CH2 HH2  sing N N 319 
TRP OXT HXT  sing N N 320 
TYR N   CA   sing N N 321 
TYR N   H    sing N N 322 
TYR N   H2   sing N N 323 
TYR CA  C    sing N N 324 
TYR CA  CB   sing N N 325 
TYR CA  HA   sing N N 326 
TYR C   O    doub N N 327 
TYR C   OXT  sing N N 328 
TYR CB  CG   sing N N 329 
TYR CB  HB2  sing N N 330 
TYR CB  HB3  sing N N 331 
TYR CG  CD1  doub Y N 332 
TYR CG  CD2  sing Y N 333 
TYR CD1 CE1  sing Y N 334 
TYR CD1 HD1  sing N N 335 
TYR CD2 CE2  doub Y N 336 
TYR CD2 HD2  sing N N 337 
TYR CE1 CZ   doub Y N 338 
TYR CE1 HE1  sing N N 339 
TYR CE2 CZ   sing Y N 340 
TYR CE2 HE2  sing N N 341 
TYR CZ  OH   sing N N 342 
TYR OH  HH   sing N N 343 
TYR OXT HXT  sing N N 344 
VAL N   CA   sing N N 345 
VAL N   H    sing N N 346 
VAL N   H2   sing N N 347 
VAL CA  C    sing N N 348 
VAL CA  CB   sing N N 349 
VAL CA  HA   sing N N 350 
VAL C   O    doub N N 351 
VAL C   OXT  sing N N 352 
VAL CB  CG1  sing N N 353 
VAL CB  CG2  sing N N 354 
VAL CB  HB   sing N N 355 
VAL CG1 HG11 sing N N 356 
VAL CG1 HG12 sing N N 357 
VAL CG1 HG13 sing N N 358 
VAL CG2 HG21 sing N N 359 
VAL CG2 HG22 sing N N 360 
VAL CG2 HG23 sing N N 361 
VAL OXT HXT  sing N N 362 
# 
_atom_sites.entry_id                    1WGB 
_atom_sites.fract_transf_matrix[1][1]   0.01178215 
_atom_sites.fract_transf_matrix[1][2]   -0.00331428 
_atom_sites.fract_transf_matrix[1][3]   -0.00979937 
_atom_sites.fract_transf_matrix[2][1]   -0.00188426 
_atom_sites.fract_transf_matrix[2][2]   0.01391647 
_atom_sites.fract_transf_matrix[2][3]   -0.00697226 
_atom_sites.fract_transf_matrix[3][1]   0.00806190 
_atom_sites.fract_transf_matrix[3][2]   0.00508607 
_atom_sites.fract_transf_matrix[3][3]   0.00797295 
_atom_sites.fract_transf_vector[1]      0.764345 
_atom_sites.fract_transf_vector[2]      0.576595 
_atom_sites.fract_transf_vector[3]      0.402615 
# 
loop_
_atom_type.symbol 
C  
N  
O  
SE 
# 
loop_
_atom_site.group_PDB 
_atom_site.id 
_atom_site.type_symbol 
_atom_site.label_atom_id 
_atom_site.label_alt_id 
_atom_site.label_comp_id 
_atom_site.label_asym_id 
_atom_site.label_entity_id 
_atom_site.label_seq_id 
_atom_site.pdbx_PDB_ins_code 
_atom_site.Cartn_x 
_atom_site.Cartn_y 
_atom_site.Cartn_z 
_atom_site.occupancy 
_atom_site.B_iso_or_equiv 
_atom_site.pdbx_formal_charge 
_atom_site.auth_seq_id 
_atom_site.auth_comp_id 
_atom_site.auth_asym_id 
_atom_site.auth_atom_id 
_atom_site.pdbx_PDB_model_num 
HETATM 1    N  N   . MSE A 1 1   ? 20.759  17.801  16.805  1.00 14.06 ? 1   MSE A N   1 
HETATM 2    C  CA  . MSE A 1 1   ? 19.406  17.723  17.408  1.00 15.00 ? 1   MSE A CA  1 
HETATM 3    C  C   . MSE A 1 1   ? 19.334  16.499  18.320  1.00 13.61 ? 1   MSE A C   1 
HETATM 4    O  O   . MSE A 1 1   ? 20.255  15.679  18.344  1.00 13.00 ? 1   MSE A O   1 
HETATM 5    C  CB  . MSE A 1 1   ? 18.340  17.638  16.304  1.00 17.24 ? 1   MSE A CB  1 
HETATM 6    C  CG  . MSE A 1 1   ? 17.852  16.222  15.955  1.00 21.97 ? 1   MSE A CG  1 
HETATM 7    SE SE  . MSE A 1 1   ? 16.585  16.115  14.450  1.00 29.85 ? 1   MSE A SE  1 
HETATM 8    C  CE  . MSE A 1 1   ? 17.817  15.527  13.085  1.00 23.02 ? 1   MSE A CE  1 
ATOM   9    N  N   . ASN A 1 2   ? 18.241  16.385  19.068  1.00 10.85 ? 2   ASN A N   1 
ATOM   10   C  CA  . ASN A 1 2   ? 18.034  15.265  19.978  1.00 9.96  ? 2   ASN A CA  1 
ATOM   11   C  C   . ASN A 1 2   ? 17.488  14.103  19.144  1.00 9.80  ? 2   ASN A C   1 
ATOM   12   O  O   . ASN A 1 2   ? 16.277  13.994  18.957  1.00 6.46  ? 2   ASN A O   1 
ATOM   13   C  CB  . ASN A 1 2   ? 17.020  15.682  21.045  1.00 11.01 ? 2   ASN A CB  1 
ATOM   14   C  CG  . ASN A 1 2   ? 16.884  14.666  22.154  1.00 10.96 ? 2   ASN A CG  1 
ATOM   15   O  OD1 . ASN A 1 2   ? 17.075  13.472  21.944  1.00 10.52 ? 2   ASN A OD1 1 
ATOM   16   N  ND2 . ASN A 1 2   ? 16.540  15.140  23.345  1.00 11.50 ? 2   ASN A ND2 1 
ATOM   17   N  N   . LEU A 1 3   ? 18.378  13.247  18.645  1.00 9.76  ? 3   LEU A N   1 
ATOM   18   C  CA  . LEU A 1 3   ? 17.981  12.107  17.815  1.00 11.23 ? 3   LEU A CA  1 
ATOM   19   C  C   . LEU A 1 3   ? 17.036  11.129  18.502  1.00 9.81  ? 3   LEU A C   1 
ATOM   20   O  O   . LEU A 1 3   ? 16.152  10.564  17.860  1.00 9.14  ? 3   LEU A O   1 
ATOM   21   C  CB  . LEU A 1 3   ? 19.215  11.337  17.319  1.00 13.06 ? 3   LEU A CB  1 
ATOM   22   C  CG  . LEU A 1 3   ? 20.080  11.918  16.194  1.00 16.30 ? 3   LEU A CG  1 
ATOM   23   C  CD1 . LEU A 1 3   ? 19.232  12.138  14.944  1.00 18.13 ? 3   LEU A CD1 1 
ATOM   24   C  CD2 . LEU A 1 3   ? 20.702  13.222  16.649  1.00 19.50 ? 3   LEU A CD2 1 
ATOM   25   N  N   . GLU A 1 4   ? 17.232  10.910  19.799  1.00 8.36  ? 4   GLU A N   1 
ATOM   26   C  CA  . GLU A 1 4   ? 16.370  9.992   20.537  1.00 8.87  ? 4   GLU A CA  1 
ATOM   27   C  C   . GLU A 1 4   ? 14.964  10.571  20.572  1.00 7.88  ? 4   GLU A C   1 
ATOM   28   O  O   . GLU A 1 4   ? 13.979  9.849   20.394  1.00 6.65  ? 4   GLU A O   1 
ATOM   29   C  CB  . GLU A 1 4   ? 16.884  9.777   21.964  1.00 9.74  ? 4   GLU A CB  1 
ATOM   30   C  CG  . GLU A 1 4   ? 18.070  8.833   22.047  1.00 15.20 ? 4   GLU A CG  1 
ATOM   31   C  CD  . GLU A 1 4   ? 17.795  7.515   21.333  1.00 18.17 ? 4   GLU A CD  1 
ATOM   32   O  OE1 . GLU A 1 4   ? 16.771  6.861   21.632  1.00 18.98 ? 4   GLU A OE1 1 
ATOM   33   O  OE2 . GLU A 1 4   ? 18.608  7.126   20.473  1.00 21.36 ? 4   GLU A OE2 1 
ATOM   34   N  N   . ALA A 1 5   ? 14.872  11.877  20.804  1.00 5.03  ? 5   ALA A N   1 
ATOM   35   C  CA  . ALA A 1 5   ? 13.575  12.539  20.823  1.00 5.25  ? 5   ALA A CA  1 
ATOM   36   C  C   . ALA A 1 5   ? 12.964  12.436  19.429  1.00 4.11  ? 5   ALA A C   1 
ATOM   37   O  O   . ALA A 1 5   ? 11.786  12.118  19.285  1.00 3.38  ? 5   ALA A O   1 
ATOM   38   C  CB  . ALA A 1 5   ? 13.733  14.015  21.227  1.00 4.34  ? 5   ALA A CB  1 
ATOM   39   N  N   . LYS A 1 6   ? 13.769  12.706  18.403  1.00 4.03  ? 6   LYS A N   1 
ATOM   40   C  CA  . LYS A 1 6   ? 13.282  12.630  17.025  1.00 4.34  ? 6   LYS A CA  1 
ATOM   41   C  C   . LYS A 1 6   ? 12.624  11.282  16.723  1.00 4.61  ? 6   LYS A C   1 
ATOM   42   O  O   . LYS A 1 6   ? 11.540  11.227  16.142  1.00 4.37  ? 6   LYS A O   1 
ATOM   43   C  CB  . LYS A 1 6   ? 14.422  12.839  16.024  1.00 5.86  ? 6   LYS A CB  1 
ATOM   44   C  CG  . LYS A 1 6   ? 13.965  12.729  14.572  1.00 7.76  ? 6   LYS A CG  1 
ATOM   45   C  CD  . LYS A 1 6   ? 15.078  12.255  13.648  1.00 10.48 ? 6   LYS A CD  1 
ATOM   46   C  CE  . LYS A 1 6   ? 15.475  10.816  13.959  1.00 12.11 ? 6   LYS A CE  1 
ATOM   47   N  NZ  . LYS A 1 6   ? 16.475  10.289  12.997  1.00 12.19 ? 6   LYS A NZ  1 
ATOM   48   N  N   . LYS A 1 7   ? 13.293  10.198  17.104  1.00 3.13  ? 7   LYS A N   1 
ATOM   49   C  CA  . LYS A 1 7   ? 12.780  8.850   16.865  1.00 5.15  ? 7   LYS A CA  1 
ATOM   50   C  C   . LYS A 1 7   ? 11.432  8.622   17.554  1.00 5.07  ? 7   LYS A C   1 
ATOM   51   O  O   . LYS A 1 7   ? 10.502  8.073   16.959  1.00 5.67  ? 7   LYS A O   1 
ATOM   52   C  CB  . LYS A 1 7   ? 13.792  7.822   17.363  1.00 6.99  ? 7   LYS A CB  1 
ATOM   53   C  CG  . LYS A 1 7   ? 15.170  7.964   16.729  1.00 11.95 ? 7   LYS A CG  1 
ATOM   54   C  CD  . LYS A 1 7   ? 16.166  7.025   17.390  1.00 15.41 ? 7   LYS A CD  1 
ATOM   55   C  CE  . LYS A 1 7   ? 17.568  7.245   16.867  1.00 18.04 ? 7   LYS A CE  1 
ATOM   56   N  NZ  . LYS A 1 7   ? 18.490  6.260   17.478  1.00 20.17 ? 7   LYS A NZ  1 
ATOM   57   N  N   . LYS A 1 8   ? 11.345  9.039   18.816  1.00 4.37  ? 8   LYS A N   1 
ATOM   58   C  CA  . LYS A 1 8   ? 10.131  8.912   19.621  1.00 4.52  ? 8   LYS A CA  1 
ATOM   59   C  C   . LYS A 1 8   ? 8.959   9.685   19.022  1.00 3.97  ? 8   LYS A C   1 
ATOM   60   O  O   . LYS A 1 8   ? 7.845   9.164   18.894  1.00 2.85  ? 8   LYS A O   1 
ATOM   61   C  CB  . LYS A 1 8   ? 10.397  9.433   21.034  1.00 7.96  ? 8   LYS A CB  1 
ATOM   62   C  CG  . LYS A 1 8   ? 10.363  8.378   22.117  1.00 13.84 ? 8   LYS A CG  1 
ATOM   63   C  CD  . LYS A 1 8   ? 11.381  7.291   21.880  1.00 17.65 ? 8   LYS A CD  1 
ATOM   64   C  CE  . LYS A 1 8   ? 11.320  6.247   22.989  1.00 22.13 ? 8   LYS A CE  1 
ATOM   65   N  NZ  . LYS A 1 8   ? 12.240  5.103   22.724  1.00 24.02 ? 8   LYS A NZ  1 
ATOM   66   N  N   . VAL A 1 9   ? 9.214   10.945  18.681  1.00 2.39  ? 9   VAL A N   1 
ATOM   67   C  CA  . VAL A 1 9   ? 8.194   11.803  18.095  1.00 2.72  ? 9   VAL A CA  1 
ATOM   68   C  C   . VAL A 1 9   ? 7.684   11.177  16.795  1.00 2.40  ? 9   VAL A C   1 
ATOM   69   O  O   . VAL A 1 9   ? 6.479   11.019  16.615  1.00 1.67  ? 9   VAL A O   1 
ATOM   70   C  CB  . VAL A 1 9   ? 8.762   13.224  17.842  1.00 2.60  ? 9   VAL A CB  1 
ATOM   71   C  CG1 . VAL A 1 9   ? 7.728   14.106  17.161  1.00 1.67  ? 9   VAL A CG1 1 
ATOM   72   C  CG2 . VAL A 1 9   ? 9.178   13.849  19.173  1.00 1.69  ? 9   VAL A CG2 1 
ATOM   73   N  N   . LEU A 1 10  ? 8.592   10.800  15.898  1.00 2.02  ? 10  LEU A N   1 
ATOM   74   C  CA  . LEU A 1 10  ? 8.180   10.182  14.643  1.00 3.16  ? 10  LEU A CA  1 
ATOM   75   C  C   . LEU A 1 10  ? 7.442   8.860   14.872  1.00 2.68  ? 10  LEU A C   1 
ATOM   76   O  O   . LEU A 1 10  ? 6.525   8.511   14.117  1.00 1.73  ? 10  LEU A O   1 
ATOM   77   C  CB  . LEU A 1 10  ? 9.394   9.961   13.733  1.00 4.45  ? 10  LEU A CB  1 
ATOM   78   C  CG  . LEU A 1 10  ? 10.021  11.254  13.202  1.00 5.19  ? 10  LEU A CG  1 
ATOM   79   C  CD1 . LEU A 1 10  ? 11.258  10.939  12.377  1.00 3.62  ? 10  LEU A CD1 1 
ATOM   80   C  CD2 . LEU A 1 10  ? 8.996   12.007  12.355  1.00 5.67  ? 10  LEU A CD2 1 
ATOM   81   N  N   . ARG A 1 11  ? 7.830   8.126   15.912  1.00 2.14  ? 11  ARG A N   1 
ATOM   82   C  CA  . ARG A 1 11  ? 7.178   6.856   16.225  1.00 3.41  ? 11  ARG A CA  1 
ATOM   83   C  C   . ARG A 1 11  ? 5.809   7.095   16.871  1.00 4.30  ? 11  ARG A C   1 
ATOM   84   O  O   . ARG A 1 11  ? 5.025   6.163   17.033  1.00 5.79  ? 11  ARG A O   1 
ATOM   85   C  CB  . ARG A 1 11  ? 8.063   6.014   17.152  1.00 3.48  ? 11  ARG A CB  1 
ATOM   86   C  CG  . ARG A 1 11  ? 9.153   5.210   16.426  1.00 6.39  ? 11  ARG A CG  1 
ATOM   87   C  CD  . ARG A 1 11  ? 8.542   4.041   15.654  1.00 6.42  ? 11  ARG A CD  1 
ATOM   88   N  NE  . ARG A 1 11  ? 7.883   3.089   16.549  1.00 8.42  ? 11  ARG A NE  1 
ATOM   89   C  CZ  . ARG A 1 11  ? 8.532   2.296   17.399  1.00 12.23 ? 11  ARG A CZ  1 
ATOM   90   N  NH1 . ARG A 1 11  ? 7.859   1.466   18.187  1.00 10.97 ? 11  ARG A NH1 1 
ATOM   91   N  NH2 . ARG A 1 11  ? 9.860   2.321   17.455  1.00 12.00 ? 11  ARG A NH2 1 
ATOM   92   N  N   . SER A 1 12  ? 5.518   8.344   17.226  1.00 4.47  ? 12  SER A N   1 
ATOM   93   C  CA  . SER A 1 12  ? 4.230   8.675   17.833  1.00 4.30  ? 12  SER A CA  1 
ATOM   94   C  C   . SER A 1 12  ? 3.172   8.886   16.755  1.00 3.59  ? 12  SER A C   1 
ATOM   95   O  O   . SER A 1 12  ? 1.992   9.108   17.058  1.00 2.23  ? 12  SER A O   1 
ATOM   96   C  CB  . SER A 1 12  ? 4.337   9.939   18.687  1.00 4.03  ? 12  SER A CB  1 
ATOM   97   O  OG  . SER A 1 12  ? 4.494   11.099  17.895  1.00 5.08  ? 12  SER A OG  1 
ATOM   98   N  N   . PHE A 1 13  ? 3.594   8.833   15.493  1.00 3.63  ? 13  PHE A N   1 
ATOM   99   C  CA  . PHE A 1 13  ? 2.665   9.012   14.382  1.00 2.47  ? 13  PHE A CA  1 
ATOM   100  C  C   . PHE A 1 13  ? 1.772   7.782   14.269  1.00 3.50  ? 13  PHE A C   1 
ATOM   101  O  O   . PHE A 1 13  ? 2.216   6.651   14.466  1.00 3.52  ? 13  PHE A O   1 
ATOM   102  C  CB  . PHE A 1 13  ? 3.425   9.224   13.061  1.00 3.62  ? 13  PHE A CB  1 
ATOM   103  C  CG  . PHE A 1 13  ? 4.003   10.608  12.895  1.00 3.31  ? 13  PHE A CG  1 
ATOM   104  C  CD1 . PHE A 1 13  ? 4.293   11.401  14.002  1.00 4.42  ? 13  PHE A CD1 1 
ATOM   105  C  CD2 . PHE A 1 13  ? 4.294   11.102  11.625  1.00 5.83  ? 13  PHE A CD2 1 
ATOM   106  C  CE1 . PHE A 1 13  ? 4.860   12.672  13.852  1.00 2.99  ? 13  PHE A CE1 1 
ATOM   107  C  CE2 . PHE A 1 13  ? 4.863   12.378  11.465  1.00 5.41  ? 13  PHE A CE2 1 
ATOM   108  C  CZ  . PHE A 1 13  ? 5.147   13.153  12.584  1.00 2.30  ? 13  PHE A CZ  1 
ATOM   109  N  N   . THR A 1 14  ? 0.511   8.019   13.941  1.00 1.35  ? 14  THR A N   1 
ATOM   110  C  CA  . THR A 1 14  ? -0.471  6.954   13.805  1.00 1.12  ? 14  THR A CA  1 
ATOM   111  C  C   . THR A 1 14  ? -0.615  6.561   12.338  1.00 1.96  ? 14  THR A C   1 
ATOM   112  O  O   . THR A 1 14  ? -0.660  7.429   11.461  1.00 1.57  ? 14  THR A O   1 
ATOM   113  C  CB  . THR A 1 14  ? -1.830  7.414   14.354  1.00 1.69  ? 14  THR A CB  1 
ATOM   114  O  OG1 . THR A 1 14  ? -1.728  7.583   15.773  1.00 2.74  ? 14  THR A OG1 1 
ATOM   115  C  CG2 . THR A 1 14  ? -2.914  6.399   14.037  1.00 2.52  ? 14  THR A CG2 1 
ATOM   116  N  N   . TYR A 1 15  ? -0.675  5.258   12.073  1.00 1.33  ? 15  TYR A N   1 
ATOM   117  C  CA  . TYR A 1 15  ? -0.798  4.763   10.703  1.00 2.23  ? 15  TYR A CA  1 
ATOM   118  C  C   . TYR A 1 15  ? -1.801  3.628   10.571  1.00 3.15  ? 15  TYR A C   1 
ATOM   119  O  O   . TYR A 1 15  ? -2.142  2.954   11.540  1.00 1.34  ? 15  TYR A O   1 
ATOM   120  C  CB  . TYR A 1 15  ? 0.551   4.232   10.191  1.00 1.99  ? 15  TYR A CB  1 
ATOM   121  C  CG  . TYR A 1 15  ? 1.672   5.257   10.137  1.00 1.62  ? 15  TYR A CG  1 
ATOM   122  C  CD1 . TYR A 1 15  ? 2.680   5.271   11.095  1.00 1.91  ? 15  TYR A CD1 1 
ATOM   123  C  CD2 . TYR A 1 15  ? 1.710   6.215   9.126   1.00 1.71  ? 15  TYR A CD2 1 
ATOM   124  C  CE1 . TYR A 1 15  ? 3.707   6.218   11.050  1.00 3.32  ? 15  TYR A CE1 1 
ATOM   125  C  CE2 . TYR A 1 15  ? 2.722   7.169   9.065   1.00 2.10  ? 15  TYR A CE2 1 
ATOM   126  C  CZ  . TYR A 1 15  ? 3.718   7.162   10.036  1.00 1.00  ? 15  TYR A CZ  1 
ATOM   127  O  OH  . TYR A 1 15  ? 4.713   8.107   9.991   1.00 1.00  ? 15  TYR A OH  1 
ATOM   128  N  N   . GLY A 1 16  ? -2.287  3.440   9.351   1.00 1.32  ? 16  GLY A N   1 
ATOM   129  C  CA  . GLY A 1 16  ? -3.168  2.331   9.069   1.00 1.16  ? 16  GLY A CA  1 
ATOM   130  C  C   . GLY A 1 16  ? -2.235  1.356   8.369   1.00 3.55  ? 16  GLY A C   1 
ATOM   131  O  O   . GLY A 1 16  ? -1.071  1.690   8.124   1.00 2.42  ? 16  GLY A O   1 
ATOM   132  N  N   . LEU A 1 17  ? -2.715  0.159   8.057   1.00 1.84  ? 17  LEU A N   1 
ATOM   133  C  CA  . LEU A 1 17  ? -1.910  -0.831  7.344   1.00 2.21  ? 17  LEU A CA  1 
ATOM   134  C  C   . LEU A 1 17  ? -2.641  -1.126  6.042   1.00 2.39  ? 17  LEU A C   1 
ATOM   135  O  O   . LEU A 1 17  ? -3.851  -1.372  6.043   1.00 3.78  ? 17  LEU A O   1 
ATOM   136  C  CB  . LEU A 1 17  ? -1.741  -2.107  8.174   1.00 3.47  ? 17  LEU A CB  1 
ATOM   137  C  CG  . LEU A 1 17  ? -0.701  -2.048  9.302   1.00 4.30  ? 17  LEU A CG  1 
ATOM   138  C  CD1 . LEU A 1 17  ? -0.608  -3.383  10.036  1.00 4.84  ? 17  LEU A CD1 1 
ATOM   139  C  CD2 . LEU A 1 17  ? 0.646   -1.685  8.701   1.00 5.21  ? 17  LEU A CD2 1 
ATOM   140  N  N   . TYR A 1 18  ? -1.903  -1.093  4.935   1.00 1.00  ? 18  TYR A N   1 
ATOM   141  C  CA  . TYR A 1 18  ? -2.475  -1.303  3.612   1.00 2.68  ? 18  TYR A CA  1 
ATOM   142  C  C   . TYR A 1 18  ? -1.596  -2.219  2.788   1.00 1.74  ? 18  TYR A C   1 
ATOM   143  O  O   . TYR A 1 18  ? -0.435  -2.449  3.118   1.00 3.25  ? 18  TYR A O   1 
ATOM   144  C  CB  . TYR A 1 18  ? -2.555  0.028   2.868   1.00 2.58  ? 18  TYR A CB  1 
ATOM   145  C  CG  . TYR A 1 18  ? -3.105  1.173   3.688   1.00 3.99  ? 18  TYR A CG  1 
ATOM   146  C  CD1 . TYR A 1 18  ? -4.459  1.488   3.657   1.00 4.09  ? 18  TYR A CD1 1 
ATOM   147  C  CD2 . TYR A 1 18  ? -2.268  1.940   4.491   1.00 3.78  ? 18  TYR A CD2 1 
ATOM   148  C  CE1 . TYR A 1 18  ? -4.971  2.541   4.406   1.00 4.36  ? 18  TYR A CE1 1 
ATOM   149  C  CE2 . TYR A 1 18  ? -2.758  2.999   5.245   1.00 1.82  ? 18  TYR A CE2 1 
ATOM   150  C  CZ  . TYR A 1 18  ? -4.111  3.294   5.197   1.00 3.09  ? 18  TYR A CZ  1 
ATOM   151  O  OH  . TYR A 1 18  ? -4.602  4.343   5.932   1.00 1.00  ? 18  TYR A OH  1 
ATOM   152  N  N   . VAL A 1 19  ? -2.156  -2.738  1.709   1.00 1.58  ? 19  VAL A N   1 
ATOM   153  C  CA  . VAL A 1 19  ? -1.378  -3.569  0.811   1.00 1.67  ? 19  VAL A CA  1 
ATOM   154  C  C   . VAL A 1 19  ? -1.425  -2.874  -0.541  1.00 2.77  ? 19  VAL A C   1 
ATOM   155  O  O   . VAL A 1 19  ? -2.502  -2.608  -1.063  1.00 2.57  ? 19  VAL A O   1 
ATOM   156  C  CB  . VAL A 1 19  ? -1.952  -4.993  0.680   1.00 1.22  ? 19  VAL A CB  1 
ATOM   157  C  CG1 . VAL A 1 19  ? -1.109  -5.797  -0.314  1.00 1.00  ? 19  VAL A CG1 1 
ATOM   158  C  CG2 . VAL A 1 19  ? -1.938  -5.686  2.050   1.00 1.31  ? 19  VAL A CG2 1 
ATOM   159  N  N   . LEU A 1 20  ? -0.259  -2.552  -1.085  1.00 2.26  ? 20  LEU A N   1 
ATOM   160  C  CA  . LEU A 1 20  ? -0.191  -1.883  -2.378  1.00 3.49  ? 20  LEU A CA  1 
ATOM   161  C  C   . LEU A 1 20  ? 0.284   -2.912  -3.395  1.00 3.55  ? 20  LEU A C   1 
ATOM   162  O  O   . LEU A 1 20  ? 1.157   -3.729  -3.096  1.00 3.12  ? 20  LEU A O   1 
ATOM   163  C  CB  . LEU A 1 20  ? 0.789   -0.704  -2.316  1.00 4.05  ? 20  LEU A CB  1 
ATOM   164  C  CG  . LEU A 1 20  ? 0.794   0.250   -3.524  1.00 6.97  ? 20  LEU A CG  1 
ATOM   165  C  CD1 . LEU A 1 20  ? 1.243   1.635   -3.104  1.00 9.43  ? 20  LEU A CD1 1 
ATOM   166  C  CD2 . LEU A 1 20  ? 1.681   -0.304  -4.622  1.00 9.51  ? 20  LEU A CD2 1 
ATOM   167  N  N   . THR A 1 21  ? -0.312  -2.899  -4.580  1.00 3.06  ? 21  THR A N   1 
ATOM   168  C  CA  . THR A 1 21  ? 0.085   -3.837  -5.612  1.00 2.42  ? 21  THR A CA  1 
ATOM   169  C  C   . THR A 1 21  ? 0.352   -3.095  -6.912  1.00 5.04  ? 21  THR A C   1 
ATOM   170  O  O   . THR A 1 21  ? -0.140  -1.982  -7.133  1.00 3.59  ? 21  THR A O   1 
ATOM   171  C  CB  . THR A 1 21  ? -0.992  -4.925  -5.862  1.00 4.06  ? 21  THR A CB  1 
ATOM   172  O  OG1 . THR A 1 21  ? -2.128  -4.344  -6.512  1.00 3.69  ? 21  THR A OG1 1 
ATOM   173  C  CG2 . THR A 1 21  ? -1.442  -5.549  -4.545  1.00 3.30  ? 21  THR A CG2 1 
ATOM   174  N  N   . ALA A 1 22  ? 1.153   -3.720  -7.764  1.00 3.34  ? 22  ALA A N   1 
ATOM   175  C  CA  . ALA A 1 22  ? 1.514   -3.145  -9.053  1.00 5.78  ? 22  ALA A CA  1 
ATOM   176  C  C   . ALA A 1 22  ? 1.891   -4.305  -9.952  1.00 6.14  ? 22  ALA A C   1 
ATOM   177  O  O   . ALA A 1 22  ? 2.142   -5.408  -9.470  1.00 6.16  ? 22  ALA A O   1 
ATOM   178  C  CB  . ALA A 1 22  ? 2.701   -2.203  -8.896  1.00 4.47  ? 22  ALA A CB  1 
ATOM   179  N  N   . LYS A 1 23  ? 1.931   -4.070  -11.257 1.00 7.30  ? 23  LYS A N   1 
ATOM   180  C  CA  . LYS A 1 23  ? 2.293   -5.136  -12.169 1.00 8.72  ? 23  LYS A CA  1 
ATOM   181  C  C   . LYS A 1 23  ? 2.712   -4.629  -13.537 1.00 7.95  ? 23  LYS A C   1 
ATOM   182  O  O   . LYS A 1 23  ? 2.365   -3.519  -13.948 1.00 4.34  ? 23  LYS A O   1 
ATOM   183  C  CB  . LYS A 1 23  ? 1.142   -6.137  -12.319 1.00 13.12 ? 23  LYS A CB  1 
ATOM   184  C  CG  . LYS A 1 23  ? -0.100  -5.591  -12.993 1.00 19.35 ? 23  LYS A CG  1 
ATOM   185  C  CD  . LYS A 1 23  ? -1.096  -6.706  -13.296 1.00 22.62 ? 23  LYS A CD  1 
ATOM   186  C  CE  . LYS A 1 23  ? -0.507  -7.743  -14.241 1.00 24.57 ? 23  LYS A CE  1 
ATOM   187  N  NZ  . LYS A 1 23  ? -1.491  -8.807  -14.594 1.00 24.87 ? 23  LYS A NZ  1 
ATOM   188  N  N   . ASP A 1 24  ? 3.474   -5.468  -14.226 1.00 7.28  ? 24  ASP A N   1 
ATOM   189  C  CA  . ASP A 1 24  ? 3.993   -5.172  -15.553 1.00 7.92  ? 24  ASP A CA  1 
ATOM   190  C  C   . ASP A 1 24  ? 4.039   -6.537  -16.232 1.00 8.66  ? 24  ASP A C   1 
ATOM   191  O  O   . ASP A 1 24  ? 4.916   -7.349  -15.946 1.00 8.77  ? 24  ASP A O   1 
ATOM   192  C  CB  . ASP A 1 24  ? 5.400   -4.573  -15.416 1.00 6.69  ? 24  ASP A CB  1 
ATOM   193  C  CG  . ASP A 1 24  ? 6.008   -4.165  -16.752 1.00 9.48  ? 24  ASP A CG  1 
ATOM   194  O  OD1 . ASP A 1 24  ? 5.347   -4.322  -17.797 1.00 9.45  ? 24  ASP A OD1 1 
ATOM   195  O  OD2 . ASP A 1 24  ? 7.155   -3.671  -16.744 1.00 9.65  ? 24  ASP A OD2 1 
ATOM   196  N  N   . GLY A 1 25  ? 3.080   -6.797  -17.114 1.00 10.78 ? 25  GLY A N   1 
ATOM   197  C  CA  . GLY A 1 25  ? 3.031   -8.092  -17.770 1.00 10.82 ? 25  GLY A CA  1 
ATOM   198  C  C   . GLY A 1 25  ? 2.764   -9.140  -16.703 1.00 11.71 ? 25  GLY A C   1 
ATOM   199  O  O   . GLY A 1 25  ? 1.864   -8.970  -15.882 1.00 10.08 ? 25  GLY A O   1 
ATOM   200  N  N   . ASP A 1 26  ? 3.551   -10.212 -16.688 1.00 12.37 ? 26  ASP A N   1 
ATOM   201  C  CA  . ASP A 1 26  ? 3.365   -11.261 -15.690 1.00 14.35 ? 26  ASP A CA  1 
ATOM   202  C  C   . ASP A 1 26  ? 4.030   -10.940 -14.360 1.00 13.48 ? 26  ASP A C   1 
ATOM   203  O  O   . ASP A 1 26  ? 3.819   -11.636 -13.373 1.00 13.88 ? 26  ASP A O   1 
ATOM   204  C  CB  . ASP A 1 26  ? 3.885   -12.603 -16.212 1.00 18.70 ? 26  ASP A CB  1 
ATOM   205  C  CG  . ASP A 1 26  ? 2.951   -13.231 -17.226 1.00 21.87 ? 26  ASP A CG  1 
ATOM   206  O  OD1 . ASP A 1 26  ? 1.732   -13.281 -16.958 1.00 25.08 ? 26  ASP A OD1 1 
ATOM   207  O  OD2 . ASP A 1 26  ? 3.433   -13.686 -18.281 1.00 25.78 ? 26  ASP A OD2 1 
ATOM   208  N  N   . GLU A 1 27  ? 4.832   -9.885  -14.337 1.00 11.42 ? 27  GLU A N   1 
ATOM   209  C  CA  . GLU A 1 27  ? 5.531   -9.492  -13.117 1.00 11.76 ? 27  GLU A CA  1 
ATOM   210  C  C   . GLU A 1 27  ? 4.587   -8.728  -12.190 1.00 11.49 ? 27  GLU A C   1 
ATOM   211  O  O   . GLU A 1 27  ? 4.053   -7.684  -12.553 1.00 11.28 ? 27  GLU A O   1 
ATOM   212  C  CB  . GLU A 1 27  ? 6.737   -8.624  -13.478 1.00 12.30 ? 27  GLU A CB  1 
ATOM   213  C  CG  . GLU A 1 27  ? 7.600   -8.208  -12.305 1.00 14.78 ? 27  GLU A CG  1 
ATOM   214  C  CD  . GLU A 1 27  ? 8.766   -7.344  -12.733 1.00 16.89 ? 27  GLU A CD  1 
ATOM   215  O  OE1 . GLU A 1 27  ? 8.858   -7.027  -13.940 1.00 16.89 ? 27  GLU A OE1 1 
ATOM   216  O  OE2 . GLU A 1 27  ? 9.599   -6.989  -11.869 1.00 17.42 ? 27  GLU A OE2 1 
ATOM   217  N  N   . VAL A 1 28  ? 4.373   -9.260  -10.995 1.00 10.66 ? 28  VAL A N   1 
ATOM   218  C  CA  . VAL A 1 28  ? 3.496   -8.617  -10.030 1.00 10.42 ? 28  VAL A CA  1 
ATOM   219  C  C   . VAL A 1 28  ? 4.234   -8.390  -8.722  1.00 10.72 ? 28  VAL A C   1 
ATOM   220  O  O   . VAL A 1 28  ? 5.165   -9.124  -8.388  1.00 10.29 ? 28  VAL A O   1 
ATOM   221  C  CB  . VAL A 1 28  ? 2.240   -9.479  -9.751  1.00 11.95 ? 28  VAL A CB  1 
ATOM   222  C  CG1 . VAL A 1 28  ? 1.387   -9.582  -11.005 1.00 13.45 ? 28  VAL A CG1 1 
ATOM   223  C  CG2 . VAL A 1 28  ? 2.658   -10.870 -9.287  1.00 13.74 ? 28  VAL A CG2 1 
ATOM   224  N  N   . ALA A 1 29  ? 3.823   -7.364  -7.985  1.00 8.93  ? 29  ALA A N   1 
ATOM   225  C  CA  . ALA A 1 29  ? 4.438   -7.070  -6.699  1.00 8.38  ? 29  ALA A CA  1 
ATOM   226  C  C   . ALA A 1 29  ? 3.385   -6.560  -5.726  1.00 9.47  ? 29  ALA A C   1 
ATOM   227  O  O   . ALA A 1 29  ? 2.492   -5.794  -6.095  1.00 7.34  ? 29  ALA A O   1 
ATOM   228  C  CB  . ALA A 1 29  ? 5.548   -6.039  -6.862  1.00 10.02 ? 29  ALA A CB  1 
ATOM   229  N  N   . ALA A 1 30  ? 3.495   -7.000  -4.481  1.00 7.55  ? 30  ALA A N   1 
ATOM   230  C  CA  . ALA A 1 30  ? 2.572   -6.592  -3.445  1.00 7.70  ? 30  ALA A CA  1 
ATOM   231  C  C   . ALA A 1 30  ? 3.358   -6.397  -2.158  1.00 7.24  ? 30  ALA A C   1 
ATOM   232  O  O   . ALA A 1 30  ? 4.328   -7.115  -1.895  1.00 8.46  ? 30  ALA A O   1 
ATOM   233  C  CB  . ALA A 1 30  ? 1.496   -7.647  -3.250  1.00 6.78  ? 30  ALA A CB  1 
ATOM   234  N  N   . GLY A 1 31  ? 2.950   -5.415  -1.368  1.00 6.19  ? 31  GLY A N   1 
ATOM   235  C  CA  . GLY A 1 31  ? 3.636   -5.164  -0.117  1.00 6.12  ? 31  GLY A CA  1 
ATOM   236  C  C   . GLY A 1 31  ? 2.808   -4.361  0.857   1.00 5.41  ? 31  GLY A C   1 
ATOM   237  O  O   . GLY A 1 31  ? 2.018   -3.491  0.476   1.00 5.90  ? 31  GLY A O   1 
ATOM   238  N  N   . THR A 1 32  ? 3.001   -4.672  2.132   1.00 4.73  ? 32  THR A N   1 
ATOM   239  C  CA  . THR A 1 32  ? 2.323   -3.977  3.206   1.00 3.75  ? 32  THR A CA  1 
ATOM   240  C  C   . THR A 1 32  ? 3.025   -2.642  3.364   1.00 2.96  ? 32  THR A C   1 
ATOM   241  O  O   . THR A 1 32  ? 4.254   -2.578  3.376   1.00 1.56  ? 32  THR A O   1 
ATOM   242  C  CB  . THR A 1 32  ? 2.437   -4.742  4.532   1.00 4.43  ? 32  THR A CB  1 
ATOM   243  O  OG1 . THR A 1 32  ? 1.909   -6.060  4.362   1.00 5.84  ? 32  THR A OG1 1 
ATOM   244  C  CG2 . THR A 1 32  ? 1.654   -4.031  5.633   1.00 4.48  ? 32  THR A CG2 1 
ATOM   245  N  N   . VAL A 1 33  ? 2.242   -1.577  3.473   1.00 1.00  ? 33  VAL A N   1 
ATOM   246  C  CA  . VAL A 1 33  ? 2.794   -0.238  3.640   1.00 1.75  ? 33  VAL A CA  1 
ATOM   247  C  C   . VAL A 1 33  ? 1.994   0.523   4.692   1.00 2.37  ? 33  VAL A C   1 
ATOM   248  O  O   . VAL A 1 33  ? 0.837   0.184   4.946   1.00 1.00  ? 33  VAL A O   1 
ATOM   249  C  CB  . VAL A 1 33  ? 2.762   0.541   2.298   1.00 3.00  ? 33  VAL A CB  1 
ATOM   250  C  CG1 . VAL A 1 33  ? 3.728   -0.079  1.302   1.00 2.30  ? 33  VAL A CG1 1 
ATOM   251  C  CG2 . VAL A 1 33  ? 1.349   0.536   1.720   1.00 2.41  ? 33  VAL A CG2 1 
ATOM   252  N  N   . ASN A 1 34  ? 2.608   1.542   5.297   1.00 1.33  ? 34  ASN A N   1 
ATOM   253  C  CA  . ASN A 1 34  ? 1.933   2.335   6.318   1.00 2.32  ? 34  ASN A CA  1 
ATOM   254  C  C   . ASN A 1 34  ? 2.017   3.847   6.097   1.00 3.06  ? 34  ASN A C   1 
ATOM   255  O  O   . ASN A 1 34  ? 1.181   4.595   6.602   1.00 3.26  ? 34  ASN A O   1 
ATOM   256  C  CB  . ASN A 1 34  ? 2.461   1.971   7.719   1.00 3.69  ? 34  ASN A CB  1 
ATOM   257  C  CG  . ASN A 1 34  ? 3.922   2.328   7.919   1.00 2.36  ? 34  ASN A CG  1 
ATOM   258  O  OD1 . ASN A 1 34  ? 4.256   3.154   8.765   1.00 4.87  ? 34  ASN A OD1 1 
ATOM   259  N  ND2 . ASN A 1 34  ? 4.799   1.695   7.154   1.00 2.83  ? 34  ASN A ND2 1 
ATOM   260  N  N   . TRP A 1 35  ? 2.999   4.297   5.319   1.00 1.74  ? 35  TRP A N   1 
ATOM   261  C  CA  . TRP A 1 35  ? 3.152   5.728   5.051   1.00 2.38  ? 35  TRP A CA  1 
ATOM   262  C  C   . TRP A 1 35  ? 2.191   6.149   3.960   1.00 3.32  ? 35  TRP A C   1 
ATOM   263  O  O   . TRP A 1 35  ? 2.588   6.428   2.825   1.00 3.88  ? 35  TRP A O   1 
ATOM   264  C  CB  . TRP A 1 35  ? 4.588   6.032   4.644   1.00 1.95  ? 35  TRP A CB  1 
ATOM   265  C  CG  . TRP A 1 35  ? 5.564   5.903   5.767   1.00 1.43  ? 35  TRP A CG  1 
ATOM   266  C  CD1 . TRP A 1 35  ? 5.280   5.651   7.083   1.00 2.08  ? 35  TRP A CD1 1 
ATOM   267  C  CD2 . TRP A 1 35  ? 6.978   6.086   5.692   1.00 3.11  ? 35  TRP A CD2 1 
ATOM   268  N  NE1 . TRP A 1 35  ? 6.436   5.661   7.833   1.00 1.90  ? 35  TRP A NE1 1 
ATOM   269  C  CE2 . TRP A 1 35  ? 7.495   5.910   6.999   1.00 1.56  ? 35  TRP A CE2 1 
ATOM   270  C  CE3 . TRP A 1 35  ? 7.868   6.347   4.643   1.00 4.06  ? 35  TRP A CE3 1 
ATOM   271  C  CZ2 . TRP A 1 35  ? 8.852   6.031   7.286   1.00 1.13  ? 35  TRP A CZ2 1 
ATOM   272  C  CZ3 . TRP A 1 35  ? 9.219   6.464   4.933   1.00 3.28  ? 35  TRP A CZ3 1 
ATOM   273  C  CH2 . TRP A 1 35  ? 9.699   6.290   6.240   1.00 3.66  ? 35  TRP A CH2 1 
ATOM   274  N  N   . VAL A 1 36  ? 0.921   6.225   4.340   1.00 3.27  ? 36  VAL A N   1 
ATOM   275  C  CA  . VAL A 1 36  ? -0.152  6.553   3.410   1.00 3.87  ? 36  VAL A CA  1 
ATOM   276  C  C   . VAL A 1 36  ? -1.116  7.612   3.934   1.00 3.35  ? 36  VAL A C   1 
ATOM   277  O  O   . VAL A 1 36  ? -1.428  7.660   5.127   1.00 1.86  ? 36  VAL A O   1 
ATOM   278  C  CB  . VAL A 1 36  ? -0.949  5.280   3.102   1.00 4.84  ? 36  VAL A CB  1 
ATOM   279  C  CG1 . VAL A 1 36  ? -2.132  5.594   2.216   1.00 3.67  ? 36  VAL A CG1 1 
ATOM   280  C  CG2 . VAL A 1 36  ? -0.019  4.259   2.456   1.00 4.96  ? 36  VAL A CG2 1 
ATOM   281  N  N   . THR A 1 37  ? -1.599  8.456   3.030   1.00 3.79  ? 37  THR A N   1 
ATOM   282  C  CA  . THR A 1 37  ? -2.545  9.490   3.403   1.00 2.67  ? 37  THR A CA  1 
ATOM   283  C  C   . THR A 1 37  ? -3.225  10.091  2.178   1.00 2.14  ? 37  THR A C   1 
ATOM   284  O  O   . THR A 1 37  ? -2.672  10.070  1.077   1.00 2.64  ? 37  THR A O   1 
ATOM   285  C  CB  . THR A 1 37  ? -1.841  10.622  4.220   1.00 3.21  ? 37  THR A CB  1 
ATOM   286  O  OG1 . THR A 1 37  ? -2.791  11.641  4.556   1.00 2.19  ? 37  THR A OG1 1 
ATOM   287  C  CG2 . THR A 1 37  ? -0.702  11.252  3.429   1.00 3.90  ? 37  THR A CG2 1 
ATOM   288  N  N   . GLN A 1 38  ? -4.446  10.589  2.356   1.00 2.68  ? 38  GLN A N   1 
ATOM   289  C  CA  . GLN A 1 38  ? -5.136  11.239  1.251   1.00 3.05  ? 38  GLN A CA  1 
ATOM   290  C  C   . GLN A 1 38  ? -4.403  12.573  1.134   1.00 2.81  ? 38  GLN A C   1 
ATOM   291  O  O   . GLN A 1 38  ? -3.864  13.056  2.130   1.00 3.93  ? 38  GLN A O   1 
ATOM   292  C  CB  . GLN A 1 38  ? -6.621  11.466  1.578   1.00 3.77  ? 38  GLN A CB  1 
ATOM   293  C  CG  . GLN A 1 38  ? -7.360  12.266  0.512   1.00 1.00  ? 38  GLN A CG  1 
ATOM   294  C  CD  . GLN A 1 38  ? -8.877  12.165  0.607   1.00 2.69  ? 38  GLN A CD  1 
ATOM   295  O  OE1 . GLN A 1 38  ? -9.585  12.649  -0.275  1.00 2.11  ? 38  GLN A OE1 1 
ATOM   296  N  NE2 . GLN A 1 38  ? -9.380  11.533  1.664   1.00 1.00  ? 38  GLN A NE2 1 
ATOM   297  N  N   . ALA A 1 39  ? -4.388  13.170  -0.054  1.00 1.36  ? 39  ALA A N   1 
ATOM   298  C  CA  . ALA A 1 39  ? -3.678  14.429  -0.247  1.00 2.44  ? 39  ALA A CA  1 
ATOM   299  C  C   . ALA A 1 39  ? -4.537  15.522  -0.888  1.00 2.42  ? 39  ALA A C   1 
ATOM   300  O  O   . ALA A 1 39  ? -4.108  16.673  -0.995  1.00 2.72  ? 39  ALA A O   1 
ATOM   301  C  CB  . ALA A 1 39  ? -2.427  14.191  -1.087  1.00 3.13  ? 39  ALA A CB  1 
ATOM   302  N  N   . SER A 1 40  ? -5.745  15.164  -1.314  1.00 2.91  ? 40  SER A N   1 
ATOM   303  C  CA  . SER A 1 40  ? -6.651  16.121  -1.936  1.00 2.76  ? 40  SER A CA  1 
ATOM   304  C  C   . SER A 1 40  ? -8.043  15.507  -2.072  1.00 2.82  ? 40  SER A C   1 
ATOM   305  O  O   . SER A 1 40  ? -8.191  14.287  -2.111  1.00 4.82  ? 40  SER A O   1 
ATOM   306  C  CB  . SER A 1 40  ? -6.132  16.517  -3.319  1.00 3.59  ? 40  SER A CB  1 
ATOM   307  O  OG  . SER A 1 40  ? -7.168  17.067  -4.124  1.00 4.31  ? 40  SER A OG  1 
ATOM   308  N  N   . PHE A 1 41  ? -9.066  16.351  -2.108  1.00 4.54  ? 41  PHE A N   1 
ATOM   309  C  CA  . PHE A 1 41  ? -10.441 15.877  -2.268  1.00 4.61  ? 41  PHE A CA  1 
ATOM   310  C  C   . PHE A 1 41  ? -10.776 15.907  -3.750  1.00 5.39  ? 41  PHE A C   1 
ATOM   311  O  O   . PHE A 1 41  ? -11.348 14.955  -4.285  1.00 4.98  ? 41  PHE A O   1 
ATOM   312  C  CB  . PHE A 1 41  ? -11.427 16.787  -1.544  1.00 5.74  ? 41  PHE A CB  1 
ATOM   313  C  CG  . PHE A 1 41  ? -11.366 16.682  -0.055  1.00 5.81  ? 41  PHE A CG  1 
ATOM   314  C  CD1 . PHE A 1 41  ? -10.968 17.773  0.706   1.00 3.69  ? 41  PHE A CD1 1 
ATOM   315  C  CD2 . PHE A 1 41  ? -11.718 15.500  0.592   1.00 4.54  ? 41  PHE A CD2 1 
ATOM   316  C  CE1 . PHE A 1 41  ? -10.921 17.699  2.096   1.00 5.05  ? 41  PHE A CE1 1 
ATOM   317  C  CE2 . PHE A 1 41  ? -11.674 15.416  1.984   1.00 4.42  ? 41  PHE A CE2 1 
ATOM   318  C  CZ  . PHE A 1 41  ? -11.275 16.517  2.734   1.00 4.49  ? 41  PHE A CZ  1 
ATOM   319  N  N   . GLN A 1 42  ? -10.442 17.023  -4.401  1.00 5.96  ? 42  GLN A N   1 
ATOM   320  C  CA  . GLN A 1 42  ? -10.700 17.202  -5.834  1.00 6.88  ? 42  GLN A CA  1 
ATOM   321  C  C   . GLN A 1 42  ? -9.470  17.772  -6.538  1.00 6.06  ? 42  GLN A C   1 
ATOM   322  O  O   . GLN A 1 42  ? -9.090  18.924  -6.303  1.00 2.89  ? 42  GLN A O   1 
ATOM   323  C  CB  . GLN A 1 42  ? -11.881 18.155  -6.050  1.00 11.31 ? 42  GLN A CB  1 
ATOM   324  C  CG  . GLN A 1 42  ? -12.201 18.400  -7.522  1.00 17.64 ? 42  GLN A CG  1 
ATOM   325  C  CD  . GLN A 1 42  ? -13.372 19.345  -7.737  1.00 22.71 ? 42  GLN A CD  1 
ATOM   326  O  OE1 . GLN A 1 42  ? -13.304 20.537  -7.416  1.00 27.10 ? 42  GLN A OE1 1 
ATOM   327  N  NE2 . GLN A 1 42  ? -14.460 18.813  -8.282  1.00 23.62 ? 42  GLN A NE2 1 
ATOM   328  N  N   . PRO A 1 43  ? -8.818  16.966  -7.392  1.00 4.52  ? 43  PRO A N   1 
ATOM   329  C  CA  . PRO A 1 43  ? -9.211  15.582  -7.678  1.00 4.51  ? 43  PRO A CA  1 
ATOM   330  C  C   . PRO A 1 43  ? -8.889  14.697  -6.476  1.00 3.40  ? 43  PRO A C   1 
ATOM   331  O  O   . PRO A 1 43  ? -8.259  15.148  -5.518  1.00 2.37  ? 43  PRO A O   1 
ATOM   332  C  CB  . PRO A 1 43  ? -8.379  15.237  -8.912  1.00 5.00  ? 43  PRO A CB  1 
ATOM   333  C  CG  . PRO A 1 43  ? -7.138  16.016  -8.708  1.00 8.51  ? 43  PRO A CG  1 
ATOM   334  C  CD  . PRO A 1 43  ? -7.631  17.354  -8.173  1.00 7.43  ? 43  PRO A CD  1 
ATOM   335  N  N   . PRO A 1 44  ? -9.352  13.440  -6.488  1.00 3.12  ? 44  PRO A N   1 
ATOM   336  C  CA  . PRO A 1 44  ? -9.075  12.547  -5.360  1.00 2.30  ? 44  PRO A CA  1 
ATOM   337  C  C   . PRO A 1 44  ? -7.642  12.022  -5.401  1.00 3.04  ? 44  PRO A C   1 
ATOM   338  O  O   . PRO A 1 44  ? -7.339  11.106  -6.152  1.00 3.46  ? 44  PRO A O   1 
ATOM   339  C  CB  . PRO A 1 44  ? -10.119 11.446  -5.539  1.00 2.20  ? 44  PRO A CB  1 
ATOM   340  C  CG  . PRO A 1 44  ? -10.275 11.371  -7.032  1.00 2.57  ? 44  PRO A CG  1 
ATOM   341  C  CD  . PRO A 1 44  ? -10.316 12.831  -7.427  1.00 1.05  ? 44  PRO A CD  1 
ATOM   342  N  N   . LEU A 1 45  ? -6.770  12.609  -4.584  1.00 1.52  ? 45  LEU A N   1 
ATOM   343  C  CA  . LEU A 1 45  ? -5.372  12.210  -4.563  1.00 3.66  ? 45  LEU A CA  1 
ATOM   344  C  C   . LEU A 1 45  ? -4.943  11.513  -3.279  1.00 5.05  ? 45  LEU A C   1 
ATOM   345  O  O   . LEU A 1 45  ? -5.375  11.868  -2.183  1.00 4.50  ? 45  LEU A O   1 
ATOM   346  C  CB  . LEU A 1 45  ? -4.477  13.435  -4.770  1.00 2.97  ? 45  LEU A CB  1 
ATOM   347  C  CG  . LEU A 1 45  ? -4.769  14.354  -5.961  1.00 1.93  ? 45  LEU A CG  1 
ATOM   348  C  CD1 . LEU A 1 45  ? -3.786  15.529  -5.958  1.00 2.97  ? 45  LEU A CD1 1 
ATOM   349  C  CD2 . LEU A 1 45  ? -4.654  13.576  -7.266  1.00 3.07  ? 45  LEU A CD2 1 
ATOM   350  N  N   . VAL A 1 46  ? -4.074  10.522  -3.429  1.00 5.08  ? 46  VAL A N   1 
ATOM   351  C  CA  . VAL A 1 46  ? -3.542  9.797   -2.287  1.00 6.00  ? 46  VAL A CA  1 
ATOM   352  C  C   . VAL A 1 46  ? -2.020  9.841   -2.391  1.00 4.88  ? 46  VAL A C   1 
ATOM   353  O  O   . VAL A 1 46  ? -1.467  9.881   -3.487  1.00 4.68  ? 46  VAL A O   1 
ATOM   354  C  CB  . VAL A 1 46  ? -4.020  8.322   -2.277  1.00 7.67  ? 46  VAL A CB  1 
ATOM   355  C  CG1 . VAL A 1 46  ? -3.518  7.602   -3.523  1.00 6.82  ? 46  VAL A CG1 1 
ATOM   356  C  CG2 . VAL A 1 46  ? -3.509  7.624   -1.030  1.00 12.44 ? 46  VAL A CG2 1 
ATOM   357  N  N   . ALA A 1 47  ? -1.344  9.845   -1.249  1.00 5.02  ? 47  ALA A N   1 
ATOM   358  C  CA  . ALA A 1 47  ? 0.110   9.873   -1.235  1.00 4.18  ? 47  ALA A CA  1 
ATOM   359  C  C   . ALA A 1 47  ? 0.624   8.638   -0.507  1.00 5.34  ? 47  ALA A C   1 
ATOM   360  O  O   . ALA A 1 47  ? 0.175   8.327   0.600   1.00 5.06  ? 47  ALA A O   1 
ATOM   361  C  CB  . ALA A 1 47  ? 0.599   11.142  -0.551  1.00 2.78  ? 47  ALA A CB  1 
ATOM   362  N  N   . VAL A 1 48  ? 1.558   7.934   -1.138  1.00 5.55  ? 48  VAL A N   1 
ATOM   363  C  CA  . VAL A 1 48  ? 2.138   6.728   -0.564  1.00 4.66  ? 48  VAL A CA  1 
ATOM   364  C  C   . VAL A 1 48  ? 3.663   6.808   -0.586  1.00 5.45  ? 48  VAL A C   1 
ATOM   365  O  O   . VAL A 1 48  ? 4.275   7.013   -1.641  1.00 4.33  ? 48  VAL A O   1 
ATOM   366  C  CB  . VAL A 1 48  ? 1.690   5.467   -1.349  1.00 4.52  ? 48  VAL A CB  1 
ATOM   367  C  CG1 . VAL A 1 48  ? 2.267   4.221   -0.711  1.00 5.22  ? 48  VAL A CG1 1 
ATOM   368  C  CG2 . VAL A 1 48  ? 0.177   5.383   -1.381  1.00 5.27  ? 48  VAL A CG2 1 
ATOM   369  N  N   . GLY A 1 49  ? 4.278   6.657   0.583   1.00 5.26  ? 49  GLY A N   1 
ATOM   370  C  CA  . GLY A 1 49  ? 5.730   6.698   0.657   1.00 4.57  ? 49  GLY A CA  1 
ATOM   371  C  C   . GLY A 1 49  ? 6.292   5.320   0.386   1.00 5.59  ? 49  GLY A C   1 
ATOM   372  O  O   . GLY A 1 49  ? 6.074   4.395   1.170   1.00 7.34  ? 49  GLY A O   1 
ATOM   373  N  N   . LEU A 1 50  ? 6.995   5.166   -0.729  1.00 4.50  ? 50  LEU A N   1 
ATOM   374  C  CA  . LEU A 1 50  ? 7.568   3.872   -1.084  1.00 6.01  ? 50  LEU A CA  1 
ATOM   375  C  C   . LEU A 1 50  ? 9.094   3.949   -1.044  1.00 6.53  ? 50  LEU A C   1 
ATOM   376  O  O   . LEU A 1 50  ? 9.672   4.958   -1.445  1.00 3.45  ? 50  LEU A O   1 
ATOM   377  C  CB  . LEU A 1 50  ? 7.125   3.463   -2.486  1.00 4.24  ? 50  LEU A CB  1 
ATOM   378  C  CG  . LEU A 1 50  ? 5.631   3.274   -2.734  1.00 6.32  ? 50  LEU A CG  1 
ATOM   379  C  CD1 . LEU A 1 50  ? 5.405   2.874   -4.185  1.00 4.28  ? 50  LEU A CD1 1 
ATOM   380  C  CD2 . LEU A 1 50  ? 5.082   2.210   -1.799  1.00 7.00  ? 50  LEU A CD2 1 
ATOM   381  N  N   . LYS A 1 51  ? 9.748   2.901   -0.551  1.00 6.07  ? 51  LYS A N   1 
ATOM   382  C  CA  . LYS A 1 51  ? 11.204  2.910   -0.489  1.00 7.48  ? 51  LYS A CA  1 
ATOM   383  C  C   . LYS A 1 51  ? 11.765  2.870   -1.907  1.00 7.49  ? 51  LYS A C   1 
ATOM   384  O  O   . LYS A 1 51  ? 11.429  1.984   -2.693  1.00 6.06  ? 51  LYS A O   1 
ATOM   385  C  CB  . LYS A 1 51  ? 11.726  1.720   0.320   1.00 7.10  ? 51  LYS A CB  1 
ATOM   386  C  CG  . LYS A 1 51  ? 13.243  1.712   0.450   1.00 9.35  ? 51  LYS A CG  1 
ATOM   387  C  CD  . LYS A 1 51  ? 13.722  0.643   1.416   1.00 9.83  ? 51  LYS A CD  1 
ATOM   388  C  CE  . LYS A 1 51  ? 15.239  0.539   1.408   1.00 9.38  ? 51  LYS A CE  1 
ATOM   389  N  NZ  . LYS A 1 51  ? 15.883  1.843   1.705   1.00 13.40 ? 51  LYS A NZ  1 
ATOM   390  N  N   . ARG A 1 52  ? 12.625  3.832   -2.221  1.00 8.45  ? 52  ARG A N   1 
ATOM   391  C  CA  . ARG A 1 52  ? 13.219  3.938   -3.551  1.00 10.13 ? 52  ARG A CA  1 
ATOM   392  C  C   . ARG A 1 52  ? 13.839  2.615   -3.987  1.00 11.22 ? 52  ARG A C   1 
ATOM   393  O  O   . ARG A 1 52  ? 13.681  2.196   -5.131  1.00 11.61 ? 52  ARG A O   1 
ATOM   394  C  CB  . ARG A 1 52  ? 14.250  5.070   -3.560  1.00 10.44 ? 52  ARG A CB  1 
ATOM   395  C  CG  . ARG A 1 52  ? 13.647  6.387   -3.067  1.00 12.37 ? 52  ARG A CG  1 
ATOM   396  C  CD  . ARG A 1 52  ? 14.637  7.544   -3.032  1.00 14.75 ? 52  ARG A CD  1 
ATOM   397  N  NE  . ARG A 1 52  ? 15.061  7.971   -4.361  1.00 17.40 ? 52  ARG A NE  1 
ATOM   398  C  CZ  . ARG A 1 52  ? 15.715  9.105   -4.598  1.00 21.22 ? 52  ARG A CZ  1 
ATOM   399  N  NH1 . ARG A 1 52  ? 16.014  9.927   -3.596  1.00 20.45 ? 52  ARG A NH1 1 
ATOM   400  N  NH2 . ARG A 1 52  ? 16.078  9.420   -5.837  1.00 21.28 ? 52  ARG A NH2 1 
ATOM   401  N  N   . ASP A 1 53  ? 14.525  1.945   -3.068  1.00 11.42 ? 53  ASP A N   1 
ATOM   402  C  CA  . ASP A 1 53  ? 15.138  0.665   -3.383  1.00 13.19 ? 53  ASP A CA  1 
ATOM   403  C  C   . ASP A 1 53  ? 14.203  -0.466  -2.979  1.00 12.58 ? 53  ASP A C   1 
ATOM   404  O  O   . ASP A 1 53  ? 14.390  -1.089  -1.929  1.00 13.42 ? 53  ASP A O   1 
ATOM   405  C  CB  . ASP A 1 53  ? 16.478  0.523   -2.652  1.00 16.11 ? 53  ASP A CB  1 
ATOM   406  C  CG  . ASP A 1 53  ? 17.574  1.372   -3.268  1.00 19.66 ? 53  ASP A CG  1 
ATOM   407  O  OD1 . ASP A 1 53  ? 18.584  1.633   -2.578  1.00 22.60 ? 53  ASP A OD1 1 
ATOM   408  O  OD2 . ASP A 1 53  ? 17.439  1.760   -4.450  1.00 20.81 ? 53  ASP A OD2 1 
ATOM   409  N  N   . SER A 1 54  ? 13.188  -0.716  -3.808  1.00 9.43  ? 54  SER A N   1 
ATOM   410  C  CA  . SER A 1 54  ? 12.225  -1.784  -3.554  1.00 8.26  ? 54  SER A CA  1 
ATOM   411  C  C   . SER A 1 54  ? 11.563  -2.196  -4.869  1.00 8.17  ? 54  SER A C   1 
ATOM   412  O  O   . SER A 1 54  ? 11.514  -1.417  -5.828  1.00 4.05  ? 54  SER A O   1 
ATOM   413  C  CB  . SER A 1 54  ? 11.144  -1.327  -2.570  1.00 9.59  ? 54  SER A CB  1 
ATOM   414  O  OG  . SER A 1 54  ? 10.181  -0.494  -3.203  1.00 9.55  ? 54  SER A OG  1 
ATOM   415  N  N   . HIS A 1 55  ? 11.061  -3.424  -4.906  1.00 7.57  ? 55  HIS A N   1 
ATOM   416  C  CA  . HIS A 1 55  ? 10.413  -3.955  -6.098  1.00 8.22  ? 55  HIS A CA  1 
ATOM   417  C  C   . HIS A 1 55  ? 9.173   -3.154  -6.471  1.00 7.90  ? 55  HIS A C   1 
ATOM   418  O  O   . HIS A 1 55  ? 9.000   -2.776  -7.628  1.00 8.05  ? 55  HIS A O   1 
ATOM   419  C  CB  . HIS A 1 55  ? 10.019  -5.415  -5.882  1.00 9.68  ? 55  HIS A CB  1 
ATOM   420  C  CG  . HIS A 1 55  ? 9.581   -6.118  -7.130  1.00 9.98  ? 55  HIS A CG  1 
ATOM   421  N  ND1 . HIS A 1 55  ? 9.076   -7.399  -7.129  1.00 10.68 ? 55  HIS A ND1 1 
ATOM   422  C  CD2 . HIS A 1 55  ? 9.601   -5.726  -8.431  1.00 10.97 ? 55  HIS A CD2 1 
ATOM   423  C  CE1 . HIS A 1 55  ? 8.806   -7.772  -8.369  1.00 10.63 ? 55  HIS A CE1 1 
ATOM   424  N  NE2 . HIS A 1 55  ? 9.116   -6.774  -9.177  1.00 11.56 ? 55  HIS A NE2 1 
ATOM   425  N  N   . LEU A 1 56  ? 8.309   -2.891  -5.497  1.00 7.65  ? 56  LEU A N   1 
ATOM   426  C  CA  . LEU A 1 56  ? 7.095   -2.142  -5.777  1.00 7.78  ? 56  LEU A CA  1 
ATOM   427  C  C   . LEU A 1 56  ? 7.353   -0.724  -6.263  1.00 6.66  ? 56  LEU A C   1 
ATOM   428  O  O   . LEU A 1 56  ? 6.624   -0.219  -7.114  1.00 6.06  ? 56  LEU A O   1 
ATOM   429  C  CB  . LEU A 1 56  ? 6.174   -2.151  -4.551  1.00 12.31 ? 56  LEU A CB  1 
ATOM   430  C  CG  . LEU A 1 56  ? 6.732   -1.821  -3.171  1.00 17.09 ? 56  LEU A CG  1 
ATOM   431  C  CD1 . LEU A 1 56  ? 6.902   -0.316  -3.023  1.00 20.33 ? 56  LEU A CD1 1 
ATOM   432  C  CD2 . LEU A 1 56  ? 5.761   -2.345  -2.113  1.00 20.73 ? 56  LEU A CD2 1 
ATOM   433  N  N   . HIS A 1 57  ? 8.389   -0.079  -5.742  1.00 5.96  ? 57  HIS A N   1 
ATOM   434  C  CA  . HIS A 1 57  ? 8.698   1.279   -6.189  1.00 5.12  ? 57  HIS A CA  1 
ATOM   435  C  C   . HIS A 1 57  ? 9.067   1.252   -7.667  1.00 4.75  ? 57  HIS A C   1 
ATOM   436  O  O   . HIS A 1 57  ? 8.625   2.096   -8.440  1.00 3.89  ? 57  HIS A O   1 
ATOM   437  C  CB  . HIS A 1 57  ? 9.852   1.870   -5.365  1.00 5.54  ? 57  HIS A CB  1 
ATOM   438  C  CG  . HIS A 1 57  ? 10.179  3.299   -5.702  1.00 4.98  ? 57  HIS A CG  1 
ATOM   439  N  ND1 . HIS A 1 57  ? 10.786  3.663   -6.880  1.00 4.54  ? 57  HIS A ND1 1 
ATOM   440  C  CD2 . HIS A 1 57  ? 9.985   4.439   -5.002  1.00 5.04  ? 57  HIS A CD2 1 
ATOM   441  C  CE1 . HIS A 1 57  ? 10.954  4.975   -6.895  1.00 5.35  ? 57  HIS A CE1 1 
ATOM   442  N  NE2 . HIS A 1 57  ? 10.478  5.471   -5.770  1.00 7.32  ? 57  HIS A NE2 1 
ATOM   443  N  N   . ALA A 1 58  ? 9.866   0.267   -8.062  1.00 3.67  ? 58  ALA A N   1 
ATOM   444  C  CA  . ALA A 1 58  ? 10.280  0.143   -9.458  1.00 3.15  ? 58  ALA A CA  1 
ATOM   445  C  C   . ALA A 1 58  ? 9.074   -0.016  -10.389 1.00 3.19  ? 58  ALA A C   1 
ATOM   446  O  O   . ALA A 1 58  ? 8.981   0.672   -11.404 1.00 3.24  ? 58  ALA A O   1 
ATOM   447  C  CB  . ALA A 1 58  ? 11.228  -1.039  -9.623  1.00 4.40  ? 58  ALA A CB  1 
ATOM   448  N  N   . LEU A 1 59  ? 8.154   -0.919  -10.053 1.00 2.52  ? 59  LEU A N   1 
ATOM   449  C  CA  . LEU A 1 59  ? 6.975   -1.120  -10.893 1.00 4.32  ? 59  LEU A CA  1 
ATOM   450  C  C   . LEU A 1 59  ? 6.054   0.097   -10.941 1.00 4.52  ? 59  LEU A C   1 
ATOM   451  O  O   . LEU A 1 59  ? 5.588   0.494   -12.012 1.00 3.08  ? 59  LEU A O   1 
ATOM   452  C  CB  . LEU A 1 59  ? 6.179   -2.349  -10.433 1.00 6.35  ? 59  LEU A CB  1 
ATOM   453  C  CG  . LEU A 1 59  ? 6.812   -3.727  -10.667 1.00 8.55  ? 59  LEU A CG  1 
ATOM   454  C  CD1 . LEU A 1 59  ? 5.838   -4.806  -10.214 1.00 10.15 ? 59  LEU A CD1 1 
ATOM   455  C  CD2 . LEU A 1 59  ? 7.142   -3.908  -12.150 1.00 9.78  ? 59  LEU A CD2 1 
ATOM   456  N  N   . VAL A 1 60  ? 5.788   0.689   -9.780  1.00 3.23  ? 60  VAL A N   1 
ATOM   457  C  CA  . VAL A 1 60  ? 4.909   1.855   -9.707  1.00 2.90  ? 60  VAL A CA  1 
ATOM   458  C  C   . VAL A 1 60  ? 5.484   3.047   -10.471 1.00 3.16  ? 60  VAL A C   1 
ATOM   459  O  O   . VAL A 1 60  ? 4.757   3.743   -11.187 1.00 2.98  ? 60  VAL A O   1 
ATOM   460  C  CB  . VAL A 1 60  ? 4.659   2.291   -8.236  1.00 3.31  ? 60  VAL A CB  1 
ATOM   461  C  CG1 . VAL A 1 60  ? 3.852   3.585   -8.199  1.00 1.00  ? 60  VAL A CG1 1 
ATOM   462  C  CG2 . VAL A 1 60  ? 3.900   1.189   -7.488  1.00 1.23  ? 60  VAL A CG2 1 
ATOM   463  N  N   . GLU A 1 61  ? 6.786   3.284   -10.321 1.00 2.87  ? 61  GLU A N   1 
ATOM   464  C  CA  . GLU A 1 61  ? 7.435   4.405   -11.001 1.00 5.14  ? 61  GLU A CA  1 
ATOM   465  C  C   . GLU A 1 61  ? 7.432   4.237   -12.516 1.00 5.48  ? 61  GLU A C   1 
ATOM   466  O  O   . GLU A 1 61  ? 7.170   5.186   -13.251 1.00 5.18  ? 61  GLU A O   1 
ATOM   467  C  CB  . GLU A 1 61  ? 8.881   4.556   -10.515 1.00 6.85  ? 61  GLU A CB  1 
ATOM   468  C  CG  . GLU A 1 61  ? 9.666   5.657   -11.221 1.00 9.50  ? 61  GLU A CG  1 
ATOM   469  C  CD  . GLU A 1 61  ? 10.956  6.017   -10.494 1.00 10.26 ? 61  GLU A CD  1 
ATOM   470  O  OE1 . GLU A 1 61  ? 11.709  5.098   -10.124 1.00 11.22 ? 61  GLU A OE1 1 
ATOM   471  O  OE2 . GLU A 1 61  ? 11.206  7.223   -10.295 1.00 12.66 ? 61  GLU A OE2 1 
ATOM   472  N  N   . ARG A 1 62  ? 7.714   3.020   -12.968 1.00 5.34  ? 62  ARG A N   1 
ATOM   473  C  CA  . ARG A 1 62  ? 7.781   2.713   -14.393 1.00 5.96  ? 62  ARG A CA  1 
ATOM   474  C  C   . ARG A 1 62  ? 6.454   2.543   -15.125 1.00 5.50  ? 62  ARG A C   1 
ATOM   475  O  O   . ARG A 1 62  ? 6.356   2.900   -16.296 1.00 4.93  ? 62  ARG A O   1 
ATOM   476  C  CB  . ARG A 1 62  ? 8.646   1.467   -14.596 1.00 7.07  ? 62  ARG A CB  1 
ATOM   477  C  CG  . ARG A 1 62  ? 10.119  1.746   -14.380 1.00 9.55  ? 62  ARG A CG  1 
ATOM   478  C  CD  . ARG A 1 62  ? 10.921  0.486   -14.109 1.00 11.52 ? 62  ARG A CD  1 
ATOM   479  N  NE  . ARG A 1 62  ? 12.324  0.821   -13.876 1.00 14.04 ? 62  ARG A NE  1 
ATOM   480  C  CZ  . ARG A 1 62  ? 13.226  -0.033  -13.404 1.00 16.41 ? 62  ARG A CZ  1 
ATOM   481  N  NH1 . ARG A 1 62  ? 12.875  -1.281  -13.113 1.00 16.02 ? 62  ARG A NH1 1 
ATOM   482  N  NH2 . ARG A 1 62  ? 14.480  0.362   -13.227 1.00 17.36 ? 62  ARG A NH2 1 
ATOM   483  N  N   . THR A 1 63  ? 5.442   1.993   -14.457 1.00 5.39  ? 63  THR A N   1 
ATOM   484  C  CA  . THR A 1 63  ? 4.144   1.794   -15.103 1.00 4.52  ? 63  THR A CA  1 
ATOM   485  C  C   . THR A 1 63  ? 3.134   2.885   -14.747 1.00 3.49  ? 63  THR A C   1 
ATOM   486  O  O   . THR A 1 63  ? 2.166   3.105   -15.476 1.00 3.48  ? 63  THR A O   1 
ATOM   487  C  CB  . THR A 1 63  ? 3.518   0.439   -14.731 1.00 4.11  ? 63  THR A CB  1 
ATOM   488  O  OG1 . THR A 1 63  ? 3.124   0.458   -13.352 1.00 2.07  ? 63  THR A OG1 1 
ATOM   489  C  CG2 . THR A 1 63  ? 4.521   -0.696  -14.958 1.00 2.81  ? 63  THR A CG2 1 
ATOM   490  N  N   . GLY A 1 64  ? 3.354   3.554   -13.620 1.00 3.10  ? 64  GLY A N   1 
ATOM   491  C  CA  . GLY A 1 64  ? 2.455   4.619   -13.196 1.00 3.56  ? 64  GLY A CA  1 
ATOM   492  C  C   . GLY A 1 64  ? 1.076   4.160   -12.764 1.00 3.83  ? 64  GLY A C   1 
ATOM   493  O  O   . GLY A 1 64  ? 0.126   4.950   -12.741 1.00 3.87  ? 64  GLY A O   1 
ATOM   494  N  N   . LYS A 1 65  ? 0.952   2.883   -12.419 1.00 4.79  ? 65  LYS A N   1 
ATOM   495  C  CA  . LYS A 1 65  ? -0.337  2.352   -11.991 1.00 6.85  ? 65  LYS A CA  1 
ATOM   496  C  C   . LYS A 1 65  ? -0.194  1.597   -10.677 1.00 6.73  ? 65  LYS A C   1 
ATOM   497  O  O   . LYS A 1 65  ? 0.826   0.960   -10.424 1.00 7.38  ? 65  LYS A O   1 
ATOM   498  C  CB  . LYS A 1 65  ? -0.906  1.412   -13.049 1.00 7.36  ? 65  LYS A CB  1 
ATOM   499  C  CG  . LYS A 1 65  ? -0.901  1.999   -14.455 1.00 11.02 ? 65  LYS A CG  1 
ATOM   500  C  CD  . LYS A 1 65  ? -1.529  1.031   -15.450 1.00 12.69 ? 65  LYS A CD  1 
ATOM   501  C  CE  . LYS A 1 65  ? -1.020  1.270   -16.868 1.00 17.48 ? 65  LYS A CE  1 
ATOM   502  N  NZ  . LYS A 1 65  ? -1.316  2.630   -17.377 1.00 18.53 ? 65  LYS A NZ  1 
ATOM   503  N  N   . LEU A 1 66  ? -1.222  1.659   -9.840  1.00 6.27  ? 66  LEU A N   1 
ATOM   504  C  CA  . LEU A 1 66  ? -1.160  0.974   -8.559  1.00 4.15  ? 66  LEU A CA  1 
ATOM   505  C  C   . LEU A 1 66  ? -2.548  0.727   -7.996  1.00 2.40  ? 66  LEU A C   1 
ATOM   506  O  O   . LEU A 1 66  ? -3.519  1.378   -8.385  1.00 2.59  ? 66  LEU A O   1 
ATOM   507  C  CB  . LEU A 1 66  ? -0.336  1.816   -7.574  1.00 3.85  ? 66  LEU A CB  1 
ATOM   508  C  CG  . LEU A 1 66  ? -0.957  3.136   -7.108  1.00 3.95  ? 66  LEU A CG  1 
ATOM   509  C  CD1 . LEU A 1 66  ? -1.883  2.853   -5.923  1.00 4.60  ? 66  LEU A CD1 1 
ATOM   510  C  CD2 . LEU A 1 66  ? 0.121   4.122   -6.671  1.00 4.00  ? 66  LEU A CD2 1 
ATOM   511  N  N   . ALA A 1 67  ? -2.628  -0.242  -7.093  1.00 1.75  ? 67  ALA A N   1 
ATOM   512  C  CA  . ALA A 1 67  ? -3.862  -0.573  -6.411  1.00 1.50  ? 67  ALA A CA  1 
ATOM   513  C  C   . ALA A 1 67  ? -3.504  -0.579  -4.930  1.00 2.32  ? 67  ALA A C   1 
ATOM   514  O  O   . ALA A 1 67  ? -2.374  -0.904  -4.564  1.00 4.14  ? 67  ALA A O   1 
ATOM   515  C  CB  . ALA A 1 67  ? -4.372  -1.943  -6.841  1.00 1.66  ? 67  ALA A CB  1 
ATOM   516  N  N   . LEU A 1 68  ? -4.457  -0.196  -4.089  1.00 1.49  ? 68  LEU A N   1 
ATOM   517  C  CA  . LEU A 1 68  ? -4.236  -0.158  -2.652  1.00 3.56  ? 68  LEU A CA  1 
ATOM   518  C  C   . LEU A 1 68  ? -5.452  -0.735  -1.945  1.00 3.85  ? 68  LEU A C   1 
ATOM   519  O  O   . LEU A 1 68  ? -6.592  -0.397  -2.270  1.00 3.30  ? 68  LEU A O   1 
ATOM   520  C  CB  . LEU A 1 68  ? -4.004  1.282   -2.183  1.00 5.57  ? 68  LEU A CB  1 
ATOM   521  C  CG  . LEU A 1 68  ? -3.659  1.487   -0.702  1.00 9.15  ? 68  LEU A CG  1 
ATOM   522  C  CD1 . LEU A 1 68  ? -2.245  0.963   -0.426  1.00 8.52  ? 68  LEU A CD1 1 
ATOM   523  C  CD2 . LEU A 1 68  ? -3.743  2.968   -0.349  1.00 9.48  ? 68  LEU A CD2 1 
HETATM 524  N  N   . MSE A 1 69  ? -5.204  -1.626  -0.994  1.00 3.46  ? 69  MSE A N   1 
HETATM 525  C  CA  . MSE A 1 69  ? -6.281  -2.230  -0.223  1.00 5.01  ? 69  MSE A CA  1 
HETATM 526  C  C   . MSE A 1 69  ? -6.084  -1.915  1.252   1.00 3.89  ? 69  MSE A C   1 
HETATM 527  O  O   . MSE A 1 69  ? -4.960  -1.932  1.750   1.00 2.20  ? 69  MSE A O   1 
HETATM 528  C  CB  . MSE A 1 69  ? -6.311  -3.749  -0.403  1.00 7.30  ? 69  MSE A CB  1 
HETATM 529  C  CG  . MSE A 1 69  ? -6.548  -4.244  -1.818  1.00 11.35 ? 69  MSE A CG  1 
HETATM 530  SE SE  . MSE A 1 69  ? -4.976  -5.175  -2.447  1.00 20.30 ? 69  MSE A SE  1 
HETATM 531  C  CE  . MSE A 1 69  ? -4.447  -3.907  -3.816  1.00 14.00 ? 69  MSE A CE  1 
ATOM   532  N  N   . THR A 1 70  ? -7.180  -1.615  1.943   1.00 2.51  ? 70  THR A N   1 
ATOM   533  C  CA  . THR A 1 70  ? -7.111  -1.319  3.366   1.00 2.85  ? 70  THR A CA  1 
ATOM   534  C  C   . THR A 1 70  ? -7.367  -2.619  4.109   1.00 3.03  ? 70  THR A C   1 
ATOM   535  O  O   . THR A 1 70  ? -8.326  -3.327  3.806   1.00 5.31  ? 70  THR A O   1 
ATOM   536  C  CB  . THR A 1 70  ? -8.174  -0.289  3.803   1.00 2.30  ? 70  THR A CB  1 
ATOM   537  O  OG1 . THR A 1 70  ? -8.075  0.888   2.989   1.00 3.43  ? 70  THR A OG1 1 
ATOM   538  C  CG2 . THR A 1 70  ? -7.966  0.090   5.275   1.00 1.00  ? 70  THR A CG2 1 
ATOM   539  N  N   . LEU A 1 71  ? -6.500  -2.942  5.061   1.00 2.83  ? 71  LEU A N   1 
ATOM   540  C  CA  . LEU A 1 71  ? -6.642  -4.168  5.836   1.00 2.66  ? 71  LEU A CA  1 
ATOM   541  C  C   . LEU A 1 71  ? -7.663  -3.959  6.958   1.00 3.13  ? 71  LEU A C   1 
ATOM   542  O  O   . LEU A 1 71  ? -7.768  -2.863  7.509   1.00 2.68  ? 71  LEU A O   1 
ATOM   543  C  CB  . LEU A 1 71  ? -5.271  -4.577  6.404   1.00 2.64  ? 71  LEU A CB  1 
ATOM   544  C  CG  . LEU A 1 71  ? -4.288  -5.185  5.391   1.00 2.04  ? 71  LEU A CG  1 
ATOM   545  C  CD1 . LEU A 1 71  ? -2.842  -4.816  5.719   1.00 2.37  ? 71  LEU A CD1 1 
ATOM   546  C  CD2 . LEU A 1 71  ? -4.487  -6.691  5.383   1.00 1.00  ? 71  LEU A CD2 1 
ATOM   547  N  N   . ALA A 1 72  ? -8.435  -5.000  7.262   1.00 3.19  ? 72  ALA A N   1 
ATOM   548  C  CA  . ALA A 1 72  ? -9.444  -4.933  8.319   1.00 5.01  ? 72  ALA A CA  1 
ATOM   549  C  C   . ALA A 1 72  ? -8.775  -5.091  9.679   1.00 5.44  ? 72  ALA A C   1 
ATOM   550  O  O   . ALA A 1 72  ? -7.671  -5.627  9.777   1.00 6.80  ? 72  ALA A O   1 
ATOM   551  C  CB  . ALA A 1 72  ? -10.493 -6.032  8.125   1.00 2.87  ? 72  ALA A CB  1 
ATOM   552  N  N   . HIS A 1 73  ? -9.461  -4.645  10.726  1.00 6.89  ? 73  HIS A N   1 
ATOM   553  C  CA  . HIS A 1 73  ? -8.936  -4.723  12.087  1.00 7.86  ? 73  HIS A CA  1 
ATOM   554  C  C   . HIS A 1 73  ? -8.513  -6.131  12.515  1.00 9.22  ? 73  HIS A C   1 
ATOM   555  O  O   . HIS A 1 73  ? -7.642  -6.290  13.372  1.00 8.85  ? 73  HIS A O   1 
ATOM   556  C  CB  . HIS A 1 73  ? -9.985  -4.194  13.066  1.00 8.70  ? 73  HIS A CB  1 
ATOM   557  C  CG  . HIS A 1 73  ? -11.223 -5.030  13.126  1.00 10.50 ? 73  HIS A CG  1 
ATOM   558  N  ND1 . HIS A 1 73  ? -11.457 -5.951  14.120  1.00 10.63 ? 73  HIS A ND1 1 
ATOM   559  C  CD2 . HIS A 1 73  ? -12.287 -5.114  12.281  1.00 12.26 ? 73  HIS A CD2 1 
ATOM   560  C  CE1 . HIS A 1 73  ? -12.606 -6.567  13.894  1.00 11.62 ? 73  HIS A CE1 1 
ATOM   561  N  NE2 . HIS A 1 73  ? -13.125 -6.074  12.783  1.00 11.18 ? 73  HIS A NE2 1 
ATOM   562  N  N   . ASP A 1 74  ? -9.119  -7.151  11.914  1.00 9.31  ? 74  ASP A N   1 
ATOM   563  C  CA  . ASP A 1 74  ? -8.801  -8.532  12.270  1.00 8.70  ? 74  ASP A CA  1 
ATOM   564  C  C   . ASP A 1 74  ? -7.920  -9.247  11.253  1.00 8.42  ? 74  ASP A C   1 
ATOM   565  O  O   . ASP A 1 74  ? -7.828  -10.477 11.264  1.00 8.96  ? 74  ASP A O   1 
ATOM   566  C  CB  . ASP A 1 74  ? -10.101 -9.325  12.474  1.00 11.06 ? 74  ASP A CB  1 
ATOM   567  C  CG  . ASP A 1 74  ? -10.955 -9.405  11.207  1.00 13.24 ? 74  ASP A CG  1 
ATOM   568  O  OD1 . ASP A 1 74  ? -10.955 -8.440  10.417  1.00 13.26 ? 74  ASP A OD1 1 
ATOM   569  O  OD2 . ASP A 1 74  ? -11.644 -10.427 11.009  1.00 11.47 ? 74  ASP A OD2 1 
ATOM   570  N  N   . GLN A 1 75  ? -7.252  -8.489  10.389  1.00 6.41  ? 75  GLN A N   1 
ATOM   571  C  CA  . GLN A 1 75  ? -6.426  -9.106  9.366   1.00 6.23  ? 75  GLN A CA  1 
ATOM   572  C  C   . GLN A 1 75  ? -4.928  -8.939  9.531   1.00 5.84  ? 75  GLN A C   1 
ATOM   573  O  O   . GLN A 1 75  ? -4.197  -8.882  8.550   1.00 5.34  ? 75  GLN A O   1 
ATOM   574  C  CB  . GLN A 1 75  ? -6.864  -8.603  7.990   1.00 6.58  ? 75  GLN A CB  1 
ATOM   575  C  CG  . GLN A 1 75  ? -8.318  -8.927  7.689   1.00 3.81  ? 75  GLN A CG  1 
ATOM   576  C  CD  . GLN A 1 75  ? -8.723  -8.507  6.297   1.00 7.91  ? 75  GLN A CD  1 
ATOM   577  O  OE1 . GLN A 1 75  ? -8.433  -7.390  5.877   1.00 7.87  ? 75  GLN A OE1 1 
ATOM   578  N  NE2 . GLN A 1 75  ? -9.397  -9.397  5.575   1.00 7.84  ? 75  GLN A NE2 1 
ATOM   579  N  N   . LYS A 1 76  ? -4.477  -8.869  10.778  1.00 6.64  ? 76  LYS A N   1 
ATOM   580  C  CA  . LYS A 1 76  ? -3.058  -8.738  11.066  1.00 5.39  ? 76  LYS A CA  1 
ATOM   581  C  C   . LYS A 1 76  ? -2.273  -9.841  10.351  1.00 6.74  ? 76  LYS A C   1 
ATOM   582  O  O   . LYS A 1 76  ? -1.252  -9.583  9.713   1.00 5.20  ? 76  LYS A O   1 
ATOM   583  C  CB  . LYS A 1 76  ? -2.823  -8.829  12.581  1.00 7.01  ? 76  LYS A CB  1 
ATOM   584  C  CG  . LYS A 1 76  ? -1.360  -8.900  12.990  1.00 5.34  ? 76  LYS A CG  1 
ATOM   585  C  CD  . LYS A 1 76  ? -1.195  -8.948  14.508  1.00 6.16  ? 76  LYS A CD  1 
ATOM   586  C  CE  . LYS A 1 76  ? 0.285   -9.057  14.874  1.00 6.46  ? 76  LYS A CE  1 
ATOM   587  N  NZ  . LYS A 1 76  ? 0.531   -9.150  16.338  1.00 1.00  ? 76  LYS A NZ  1 
ATOM   588  N  N   . ALA A 1 77  ? -2.764  -11.074 10.460  1.00 6.58  ? 77  ALA A N   1 
ATOM   589  C  CA  . ALA A 1 77  ? -2.119  -12.236 9.839   1.00 7.37  ? 77  ALA A CA  1 
ATOM   590  C  C   . ALA A 1 77  ? -1.903  -12.063 8.332   1.00 8.24  ? 77  ALA A C   1 
ATOM   591  O  O   . ALA A 1 77  ? -0.883  -12.487 7.787   1.00 6.77  ? 77  ALA A O   1 
ATOM   592  C  CB  . ALA A 1 77  ? -2.957  -13.484 10.099  1.00 9.18  ? 77  ALA A CB  1 
ATOM   593  N  N   . ILE A 1 78  ? -2.872  -11.461 7.651   1.00 6.38  ? 78  ILE A N   1 
ATOM   594  C  CA  . ILE A 1 78  ? -2.733  -11.250 6.218   1.00 6.68  ? 78  ILE A CA  1 
ATOM   595  C  C   . ILE A 1 78  ? -1.677  -10.174 5.961   1.00 6.09  ? 78  ILE A C   1 
ATOM   596  O  O   . ILE A 1 78  ? -0.822  -10.330 5.089   1.00 5.98  ? 78  ILE A O   1 
ATOM   597  C  CB  . ILE A 1 78  ? -4.068  -10.820 5.577   1.00 7.00  ? 78  ILE A CB  1 
ATOM   598  C  CG1 . ILE A 1 78  ? -5.143  -11.876 5.865   1.00 6.63  ? 78  ILE A CG1 1 
ATOM   599  C  CG2 . ILE A 1 78  ? -3.894  -10.648 4.069   1.00 4.69  ? 78  ILE A CG2 1 
ATOM   600  C  CD1 . ILE A 1 78  ? -6.512  -11.545 5.268   1.00 8.37  ? 78  ILE A CD1 1 
ATOM   601  N  N   . ALA A 1 79  ? -1.735  -9.081  6.718   1.00 6.13  ? 79  ALA A N   1 
ATOM   602  C  CA  . ALA A 1 79  ? -0.770  -7.995  6.552   1.00 6.02  ? 79  ALA A CA  1 
ATOM   603  C  C   . ALA A 1 79  ? 0.635   -8.528  6.766   1.00 6.24  ? 79  ALA A C   1 
ATOM   604  O  O   . ALA A 1 79  ? 1.597   -8.075  6.140   1.00 4.03  ? 79  ALA A O   1 
ATOM   605  C  CB  . ALA A 1 79  ? -1.058  -6.883  7.550   1.00 6.62  ? 79  ALA A CB  1 
ATOM   606  N  N   . GLN A 1 80  ? 0.738   -9.505  7.657   1.00 4.95  ? 80  GLN A N   1 
ATOM   607  C  CA  . GLN A 1 80  ? 2.015   -10.117 7.981   1.00 5.77  ? 80  GLN A CA  1 
ATOM   608  C  C   . GLN A 1 80  ? 2.644   -10.820 6.786   1.00 5.91  ? 80  GLN A C   1 
ATOM   609  O  O   . GLN A 1 80  ? 3.855   -10.802 6.624   1.00 5.57  ? 80  GLN A O   1 
ATOM   610  C  CB  . GLN A 1 80  ? 1.819   -11.119 9.117   1.00 7.99  ? 80  GLN A CB  1 
ATOM   611  C  CG  . GLN A 1 80  ? 3.097   -11.698 9.664   1.00 10.47 ? 80  GLN A CG  1 
ATOM   612  C  CD  . GLN A 1 80  ? 2.845   -12.673 10.789  1.00 11.88 ? 80  GLN A CD  1 
ATOM   613  O  OE1 . GLN A 1 80  ? 2.320   -13.765 10.577  1.00 14.52 ? 80  GLN A OE1 1 
ATOM   614  N  NE2 . GLN A 1 80  ? 3.195   -12.271 12.003  1.00 12.41 ? 80  GLN A NE2 1 
ATOM   615  N  N   . ASP A 1 81  ? 1.814   -11.437 5.950   1.00 5.03  ? 81  ASP A N   1 
ATOM   616  C  CA  . ASP A 1 81  ? 2.317   -12.167 4.795   1.00 6.35  ? 81  ASP A CA  1 
ATOM   617  C  C   . ASP A 1 81  ? 2.871   -11.313 3.665   1.00 7.71  ? 81  ASP A C   1 
ATOM   618  O  O   . ASP A 1 81  ? 3.630   -11.799 2.828   1.00 7.12  ? 81  ASP A O   1 
ATOM   619  C  CB  . ASP A 1 81  ? 1.234   -13.106 4.239   1.00 7.56  ? 81  ASP A CB  1 
ATOM   620  C  CG  . ASP A 1 81  ? 0.933   -14.254 5.173   1.00 7.79  ? 81  ASP A CG  1 
ATOM   621  O  OD1 . ASP A 1 81  ? 1.877   -14.712 5.853   1.00 11.10 ? 81  ASP A OD1 1 
ATOM   622  O  OD2 . ASP A 1 81  ? -0.224  -14.721 5.205   1.00 6.64  ? 81  ASP A OD2 1 
ATOM   623  N  N   . PHE A 1 82  ? 2.505   -10.040 3.626   1.00 7.19  ? 82  PHE A N   1 
ATOM   624  C  CA  . PHE A 1 82  ? 2.994   -9.201  2.551   1.00 7.07  ? 82  PHE A CA  1 
ATOM   625  C  C   . PHE A 1 82  ? 4.212   -8.347  2.890   1.00 7.23  ? 82  PHE A C   1 
ATOM   626  O  O   . PHE A 1 82  ? 4.427   -7.280  2.321   1.00 4.65  ? 82  PHE A O   1 
ATOM   627  C  CB  . PHE A 1 82  ? 1.827   -8.387  1.995   1.00 7.07  ? 82  PHE A CB  1 
ATOM   628  C  CG  . PHE A 1 82  ? 0.842   -9.237  1.246   1.00 7.46  ? 82  PHE A CG  1 
ATOM   629  C  CD1 . PHE A 1 82  ? 1.137   -9.700  -0.033  1.00 6.16  ? 82  PHE A CD1 1 
ATOM   630  C  CD2 . PHE A 1 82  ? -0.330  -9.667  1.856   1.00 7.81  ? 82  PHE A CD2 1 
ATOM   631  C  CE1 . PHE A 1 82  ? 0.272   -10.592 -0.686  1.00 8.71  ? 82  PHE A CE1 1 
ATOM   632  C  CE2 . PHE A 1 82  ? -1.194  -10.551 1.217   1.00 7.31  ? 82  PHE A CE2 1 
ATOM   633  C  CZ  . PHE A 1 82  ? -0.896  -11.016 -0.052  1.00 8.38  ? 82  PHE A CZ  1 
ATOM   634  N  N   . PHE A 1 83  ? 5.013   -8.841  3.830   1.00 9.37  ? 83  PHE A N   1 
ATOM   635  C  CA  . PHE A 1 83  ? 6.260   -8.183  4.208   1.00 9.87  ? 83  PHE A CA  1 
ATOM   636  C  C   . PHE A 1 83  ? 7.352   -8.885  3.413   1.00 11.14 ? 83  PHE A C   1 
ATOM   637  O  O   . PHE A 1 83  ? 8.383   -8.301  3.102   1.00 12.49 ? 83  PHE A O   1 
ATOM   638  C  CB  . PHE A 1 83  ? 6.543   -8.336  5.707   1.00 9.80  ? 83  PHE A CB  1 
ATOM   639  C  CG  . PHE A 1 83  ? 5.843   -7.325  6.561   1.00 7.75  ? 83  PHE A CG  1 
ATOM   640  C  CD1 . PHE A 1 83  ? 5.999   -5.963  6.317   1.00 9.94  ? 83  PHE A CD1 1 
ATOM   641  C  CD2 . PHE A 1 83  ? 5.046   -7.727  7.619   1.00 9.30  ? 83  PHE A CD2 1 
ATOM   642  C  CE1 . PHE A 1 83  ? 5.373   -5.012  7.124   1.00 7.54  ? 83  PHE A CE1 1 
ATOM   643  C  CE2 . PHE A 1 83  ? 4.416   -6.784  8.432   1.00 10.03 ? 83  PHE A CE2 1 
ATOM   644  C  CZ  . PHE A 1 83  ? 4.585   -5.419  8.177   1.00 9.14  ? 83  PHE A CZ  1 
ATOM   645  N  N   . LYS A 1 84  ? 7.097   -10.149 3.087   1.00 11.75 ? 84  LYS A N   1 
ATOM   646  C  CA  . LYS A 1 84  ? 8.032   -10.987 2.336   1.00 13.84 ? 84  LYS A CA  1 
ATOM   647  C  C   . LYS A 1 84  ? 7.889   -10.754 0.832   1.00 13.74 ? 84  LYS A C   1 
ATOM   648  O  O   . LYS A 1 84  ? 6.927   -10.128 0.379   1.00 11.82 ? 84  LYS A O   1 
ATOM   649  C  CB  . LYS A 1 84  ? 7.754   -12.463 2.614   1.00 17.15 ? 84  LYS A CB  1 
ATOM   650  C  CG  . LYS A 1 84  ? 7.716   -12.838 4.091   1.00 21.23 ? 84  LYS A CG  1 
ATOM   651  C  CD  . LYS A 1 84  ? 7.491   -14.332 4.277   1.00 22.97 ? 84  LYS A CD  1 
ATOM   652  C  CE  . LYS A 1 84  ? 6.195   -14.791 3.631   1.00 22.34 ? 84  LYS A CE  1 
ATOM   653  N  NZ  . LYS A 1 84  ? 6.056   -16.273 3.708   1.00 24.31 ? 84  LYS A NZ  1 
ATOM   654  N  N   . PRO A 1 85  ? 8.850   -11.255 0.035   1.00 14.06 ? 85  PRO A N   1 
ATOM   655  C  CA  . PRO A 1 85  ? 8.762   -11.069 -1.414  1.00 13.05 ? 85  PRO A CA  1 
ATOM   656  C  C   . PRO A 1 85  ? 7.460   -11.664 -1.918  1.00 11.45 ? 85  PRO A C   1 
ATOM   657  O  O   . PRO A 1 85  ? 6.908   -12.577 -1.303  1.00 9.39  ? 85  PRO A O   1 
ATOM   658  C  CB  . PRO A 1 85  ? 9.975   -11.827 -1.935  1.00 14.40 ? 85  PRO A CB  1 
ATOM   659  C  CG  . PRO A 1 85  ? 10.978  -11.625 -0.845  1.00 15.36 ? 85  PRO A CG  1 
ATOM   660  C  CD  . PRO A 1 85  ? 10.142  -11.858 0.403   1.00 15.91 ? 85  PRO A CD  1 
ATOM   661  N  N   . THR A 1 86  ? 6.970   -11.145 -3.035  1.00 10.60 ? 86  THR A N   1 
ATOM   662  C  CA  . THR A 1 86  ? 5.723   -11.630 -3.603  1.00 10.06 ? 86  THR A CA  1 
ATOM   663  C  C   . THR A 1 86  ? 5.931   -12.896 -4.436  1.00 12.05 ? 86  THR A C   1 
ATOM   664  O  O   . THR A 1 86  ? 6.757   -12.922 -5.346  1.00 9.47  ? 86  THR A O   1 
ATOM   665  C  CB  . THR A 1 86  ? 5.077   -10.536 -4.473  1.00 8.91  ? 86  THR A CB  1 
ATOM   666  O  OG1 . THR A 1 86  ? 4.928   -9.338  -3.698  1.00 4.91  ? 86  THR A OG1 1 
ATOM   667  C  CG2 . THR A 1 86  ? 3.715   -10.984 -4.967  1.00 9.41  ? 86  THR A CG2 1 
ATOM   668  N  N   . VAL A 1 87  ? 5.186   -13.947 -4.106  1.00 13.29 ? 87  VAL A N   1 
ATOM   669  C  CA  . VAL A 1 87  ? 5.269   -15.211 -4.832  1.00 15.83 ? 87  VAL A CA  1 
ATOM   670  C  C   . VAL A 1 87  ? 3.881   -15.543 -5.383  1.00 16.61 ? 87  VAL A C   1 
ATOM   671  O  O   . VAL A 1 87  ? 2.967   -15.892 -4.632  1.00 16.90 ? 87  VAL A O   1 
ATOM   672  C  CB  . VAL A 1 87  ? 5.748   -16.363 -3.909  1.00 16.24 ? 87  VAL A CB  1 
ATOM   673  C  CG1 . VAL A 1 87  ? 5.902   -17.649 -4.707  1.00 17.82 ? 87  VAL A CG1 1 
ATOM   674  C  CG2 . VAL A 1 87  ? 7.070   -15.989 -3.257  1.00 16.89 ? 87  VAL A CG2 1 
ATOM   675  N  N   . ARG A 1 88  ? 3.723   -15.418 -6.696  1.00 16.80 ? 88  ARG A N   1 
ATOM   676  C  CA  . ARG A 1 88  ? 2.439   -15.690 -7.331  1.00 19.75 ? 88  ARG A CA  1 
ATOM   677  C  C   . ARG A 1 88  ? 2.257   -17.142 -7.750  1.00 20.47 ? 88  ARG A C   1 
ATOM   678  O  O   . ARG A 1 88  ? 3.071   -17.695 -8.486  1.00 20.89 ? 88  ARG A O   1 
ATOM   679  C  CB  . ARG A 1 88  ? 2.255   -14.790 -8.556  1.00 20.55 ? 88  ARG A CB  1 
ATOM   680  C  CG  . ARG A 1 88  ? 0.907   -14.958 -9.240  1.00 25.02 ? 88  ARG A CG  1 
ATOM   681  C  CD  . ARG A 1 88  ? 0.797   -14.063 -10.458 1.00 27.88 ? 88  ARG A CD  1 
ATOM   682  N  NE  . ARG A 1 88  ? -0.537  -14.095 -11.053 1.00 33.54 ? 88  ARG A NE  1 
ATOM   683  C  CZ  . ARG A 1 88  ? -1.109  -15.180 -11.568 1.00 34.33 ? 88  ARG A CZ  1 
ATOM   684  N  NH1 . ARG A 1 88  ? -0.466  -16.339 -11.564 1.00 35.10 ? 88  ARG A NH1 1 
ATOM   685  N  NH2 . ARG A 1 88  ? -2.325  -15.102 -12.094 1.00 35.49 ? 88  ARG A NH2 1 
ATOM   686  N  N   . GLU A 1 89  ? 1.178   -17.749 -7.276  1.00 21.77 ? 89  GLU A N   1 
ATOM   687  C  CA  . GLU A 1 89  ? 0.863   -19.128 -7.615  1.00 23.18 ? 89  GLU A CA  1 
ATOM   688  C  C   . GLU A 1 89  ? -0.611  -19.218 -7.965  1.00 22.39 ? 89  GLU A C   1 
ATOM   689  O  O   . GLU A 1 89  ? -1.472  -19.180 -7.088  1.00 22.39 ? 89  GLU A O   1 
ATOM   690  C  CB  . GLU A 1 89  ? 1.181   -20.057 -6.446  1.00 25.15 ? 89  GLU A CB  1 
ATOM   691  C  CG  . GLU A 1 89  ? 2.665   -20.321 -6.262  1.00 28.61 ? 89  GLU A CG  1 
ATOM   692  C  CD  . GLU A 1 89  ? 2.934   -21.408 -5.244  1.00 30.96 ? 89  GLU A CD  1 
ATOM   693  O  OE1 . GLU A 1 89  ? 4.115   -21.777 -5.067  1.00 31.95 ? 89  GLU A OE1 1 
ATOM   694  O  OE2 . GLU A 1 89  ? 1.964   -21.890 -4.622  1.00 33.57 ? 89  GLU A OE2 1 
ATOM   695  N  N   . GLY A 1 90  ? -0.898  -19.334 -9.257  1.00 22.28 ? 90  GLY A N   1 
ATOM   696  C  CA  . GLY A 1 90  ? -2.278  -19.403 -9.692  1.00 22.05 ? 90  GLY A CA  1 
ATOM   697  C  C   . GLY A 1 90  ? -2.921  -18.062 -9.406  1.00 21.29 ? 90  GLY A C   1 
ATOM   698  O  O   . GLY A 1 90  ? -2.304  -17.023 -9.631  1.00 22.02 ? 90  GLY A O   1 
ATOM   699  N  N   . ASP A 1 91  ? -4.155  -18.069 -8.915  1.00 20.38 ? 91  ASP A N   1 
ATOM   700  C  CA  . ASP A 1 91  ? -4.826  -16.815 -8.611  1.00 19.95 ? 91  ASP A CA  1 
ATOM   701  C  C   . ASP A 1 91  ? -4.621  -16.451 -7.143  1.00 17.77 ? 91  ASP A C   1 
ATOM   702  O  O   . ASP A 1 91  ? -5.520  -15.924 -6.487  1.00 16.49 ? 91  ASP A O   1 
ATOM   703  C  CB  . ASP A 1 91  ? -6.322  -16.900 -8.937  1.00 23.23 ? 91  ASP A CB  1 
ATOM   704  C  CG  . ASP A 1 91  ? -7.001  -18.086 -8.283  1.00 27.75 ? 91  ASP A CG  1 
ATOM   705  O  OD1 . ASP A 1 91  ? -6.898  -18.227 -7.048  1.00 29.64 ? 91  ASP A OD1 1 
ATOM   706  O  OD2 . ASP A 1 91  ? -7.650  -18.876 -9.004  1.00 31.35 ? 91  ASP A OD2 1 
ATOM   707  N  N   . ARG A 1 92  ? -3.426  -16.730 -6.635  1.00 15.85 ? 92  ARG A N   1 
ATOM   708  C  CA  . ARG A 1 92  ? -3.096  -16.408 -5.254  1.00 15.59 ? 92  ARG A CA  1 
ATOM   709  C  C   . ARG A 1 92  ? -1.715  -15.772 -5.121  1.00 13.07 ? 92  ARG A C   1 
ATOM   710  O  O   . ARG A 1 92  ? -0.797  -16.100 -5.862  1.00 12.76 ? 92  ARG A O   1 
ATOM   711  C  CB  . ARG A 1 92  ? -3.167  -17.663 -4.381  1.00 18.40 ? 92  ARG A CB  1 
ATOM   712  C  CG  . ARG A 1 92  ? -4.579  -18.143 -4.107  1.00 22.59 ? 92  ARG A CG  1 
ATOM   713  C  CD  . ARG A 1 92  ? -4.610  -19.164 -2.984  1.00 26.91 ? 92  ARG A CD  1 
ATOM   714  N  NE  . ARG A 1 92  ? -5.980  -19.469 -2.574  1.00 31.02 ? 92  ARG A NE  1 
ATOM   715  C  CZ  . ARG A 1 92  ? -6.297  -20.187 -1.503  1.00 33.50 ? 92  ARG A CZ  1 
ATOM   716  N  NH1 . ARG A 1 92  ? -5.342  -20.680 -0.727  1.00 36.03 ? 92  ARG A NH1 1 
ATOM   717  N  NH2 . ARG A 1 92  ? -7.570  -20.413 -1.206  1.00 36.45 ? 92  ARG A NH2 1 
ATOM   718  N  N   . LEU A 1 93  ? -1.588  -14.854 -4.171  1.00 11.40 ? 93  LEU A N   1 
ATOM   719  C  CA  . LEU A 1 93  ? -0.329  -14.179 -3.900  1.00 9.81  ? 93  LEU A CA  1 
ATOM   720  C  C   . LEU A 1 93  ? 0.010   -14.451 -2.445  1.00 9.61  ? 93  LEU A C   1 
ATOM   721  O  O   . LEU A 1 93  ? -0.769  -14.116 -1.551  1.00 6.60  ? 93  LEU A O   1 
ATOM   722  C  CB  . LEU A 1 93  ? -0.459  -12.671 -4.128  1.00 10.73 ? 93  LEU A CB  1 
ATOM   723  C  CG  . LEU A 1 93  ? -0.693  -12.198 -5.564  1.00 11.14 ? 93  LEU A CG  1 
ATOM   724  C  CD1 . LEU A 1 93  ? -0.847  -10.680 -5.578  1.00 12.46 ? 93  LEU A CD1 1 
ATOM   725  C  CD2 . LEU A 1 93  ? 0.478   -12.619 -6.441  1.00 11.38 ? 93  LEU A CD2 1 
ATOM   726  N  N   . ASN A 1 94  ? 1.159   -15.073 -2.210  1.00 10.60 ? 94  ASN A N   1 
ATOM   727  C  CA  . ASN A 1 94  ? 1.581   -15.386 -0.848  1.00 12.42 ? 94  ASN A CA  1 
ATOM   728  C  C   . ASN A 1 94  ? 0.481   -16.154 -0.117  1.00 11.71 ? 94  ASN A C   1 
ATOM   729  O  O   . ASN A 1 94  ? 0.266   -15.978 1.086   1.00 10.81 ? 94  ASN A O   1 
ATOM   730  C  CB  . ASN A 1 94  ? 1.930   -14.093 -0.108  1.00 13.28 ? 94  ASN A CB  1 
ATOM   731  C  CG  . ASN A 1 94  ? 3.216   -13.468 -0.621  1.00 15.37 ? 94  ASN A CG  1 
ATOM   732  O  OD1 . ASN A 1 94  ? 3.553   -13.615 -1.796  1.00 19.07 ? 94  ASN A OD1 1 
ATOM   733  N  ND2 . ASN A 1 94  ? 3.921   -12.748 0.242   1.00 14.99 ? 94  ASN A ND2 1 
ATOM   734  N  N   . GLY A 1 95  ? -0.223  -16.997 -0.871  1.00 11.15 ? 95  GLY A N   1 
ATOM   735  C  CA  . GLY A 1 95  ? -1.285  -17.812 -0.305  1.00 10.94 ? 95  GLY A CA  1 
ATOM   736  C  C   . GLY A 1 95  ? -2.648  -17.157 -0.227  1.00 11.30 ? 95  GLY A C   1 
ATOM   737  O  O   . GLY A 1 95  ? -3.602  -17.763 0.260   1.00 10.51 ? 95  GLY A O   1 
ATOM   738  N  N   . HIS A 1 96  ? -2.754  -15.924 -0.705  1.00 9.51  ? 96  HIS A N   1 
ATOM   739  C  CA  . HIS A 1 96  ? -4.027  -15.222 -0.658  1.00 8.61  ? 96  HIS A CA  1 
ATOM   740  C  C   . HIS A 1 96  ? -4.648  -14.983 -2.031  1.00 8.54  ? 96  HIS A C   1 
ATOM   741  O  O   . HIS A 1 96  ? -4.010  -14.442 -2.931  1.00 9.16  ? 96  HIS A O   1 
ATOM   742  C  CB  . HIS A 1 96  ? -3.859  -13.888 0.082   1.00 7.14  ? 96  HIS A CB  1 
ATOM   743  C  CG  . HIS A 1 96  ? -3.414  -14.045 1.498   1.00 8.10  ? 96  HIS A CG  1 
ATOM   744  N  ND1 . HIS A 1 96  ? -2.081  -14.083 1.862   1.00 8.26  ? 96  HIS A ND1 1 
ATOM   745  C  CD2 . HIS A 1 96  ? -4.121  -14.235 2.636   1.00 5.57  ? 96  HIS A CD2 1 
ATOM   746  C  CE1 . HIS A 1 96  ? -1.994  -14.288 3.163   1.00 6.70  ? 96  HIS A CE1 1 
ATOM   747  N  NE2 . HIS A 1 96  ? -3.214  -14.386 3.657   1.00 8.59  ? 96  HIS A NE2 1 
ATOM   748  N  N   . PRO A 1 97  ? -5.921  -15.368 -2.199  1.00 7.98  ? 97  PRO A N   1 
ATOM   749  C  CA  . PRO A 1 97  ? -6.589  -15.176 -3.488  1.00 8.02  ? 97  PRO A CA  1 
ATOM   750  C  C   . PRO A 1 97  ? -6.650  -13.715 -3.913  1.00 7.68  ? 97  PRO A C   1 
ATOM   751  O  O   . PRO A 1 97  ? -6.798  -12.822 -3.076  1.00 5.96  ? 97  PRO A O   1 
ATOM   752  C  CB  . PRO A 1 97  ? -7.977  -15.764 -3.244  1.00 9.04  ? 97  PRO A CB  1 
ATOM   753  C  CG  . PRO A 1 97  ? -8.209  -15.470 -1.790  1.00 10.25 ? 97  PRO A CG  1 
ATOM   754  C  CD  . PRO A 1 97  ? -6.873  -15.854 -1.185  1.00 8.94  ? 97  PRO A CD  1 
ATOM   755  N  N   . PHE A 1 98  ? -6.515  -13.484 -5.216  1.00 6.79  ? 98  PHE A N   1 
ATOM   756  C  CA  . PHE A 1 98  ? -6.588  -12.141 -5.771  1.00 7.65  ? 98  PHE A CA  1 
ATOM   757  C  C   . PHE A 1 98  ? -7.322  -12.191 -7.103  1.00 8.12  ? 98  PHE A C   1 
ATOM   758  O  O   . PHE A 1 98  ? -7.420  -13.244 -7.728  1.00 8.46  ? 98  PHE A O   1 
ATOM   759  C  CB  . PHE A 1 98  ? -5.186  -11.532 -5.970  1.00 8.96  ? 98  PHE A CB  1 
ATOM   760  C  CG  . PHE A 1 98  ? -4.407  -12.122 -7.121  1.00 8.94  ? 98  PHE A CG  1 
ATOM   761  C  CD1 . PHE A 1 98  ? -3.713  -13.319 -6.976  1.00 10.59 ? 98  PHE A CD1 1 
ATOM   762  C  CD2 . PHE A 1 98  ? -4.353  -11.460 -8.349  1.00 9.35  ? 98  PHE A CD2 1 
ATOM   763  C  CE1 . PHE A 1 98  ? -2.972  -13.852 -8.035  1.00 11.22 ? 98  PHE A CE1 1 
ATOM   764  C  CE2 . PHE A 1 98  ? -3.618  -11.981 -9.414  1.00 10.48 ? 98  PHE A CE2 1 
ATOM   765  C  CZ  . PHE A 1 98  ? -2.923  -13.184 -9.254  1.00 10.54 ? 98  PHE A CZ  1 
ATOM   766  N  N   . GLU A 1 99  ? -7.858  -11.051 -7.519  1.00 7.36  ? 99  GLU A N   1 
ATOM   767  C  CA  . GLU A 1 99  ? -8.557  -10.951 -8.791  1.00 8.65  ? 99  GLU A CA  1 
ATOM   768  C  C   . GLU A 1 99  ? -8.037  -9.706  -9.500  1.00 8.48  ? 99  GLU A C   1 
ATOM   769  O  O   . GLU A 1 99  ? -7.530  -8.786  -8.857  1.00 7.31  ? 99  GLU A O   1 
ATOM   770  C  CB  . GLU A 1 99  ? -10.065 -10.825 -8.579  1.00 10.46 ? 99  GLU A CB  1 
ATOM   771  C  CG  . GLU A 1 99  ? -10.472 -9.669  -7.673  1.00 13.72 ? 99  GLU A CG  1 
ATOM   772  C  CD  . GLU A 1 99  ? -11.983 -9.474  -7.603  1.00 15.73 ? 99  GLU A CD  1 
ATOM   773  O  OE1 . GLU A 1 99  ? -12.730 -10.398 -7.990  1.00 16.74 ? 99  GLU A OE1 1 
ATOM   774  O  OE2 . GLU A 1 99  ? -12.424 -8.398  -7.150  1.00 15.48 ? 99  GLU A OE2 1 
ATOM   775  N  N   . PRO A 1 100 ? -8.123  -9.679  -10.836 1.00 8.39  ? 100 PRO A N   1 
ATOM   776  C  CA  . PRO A 1 100 ? -7.651  -8.515  -11.593 1.00 8.28  ? 100 PRO A CA  1 
ATOM   777  C  C   . PRO A 1 100 ? -8.582  -7.331  -11.342 1.00 8.34  ? 100 PRO A C   1 
ATOM   778  O  O   . PRO A 1 100 ? -9.805  -7.477  -11.399 1.00 8.09  ? 100 PRO A O   1 
ATOM   779  C  CB  . PRO A 1 100 ? -7.715  -8.999  -13.037 1.00 9.09  ? 100 PRO A CB  1 
ATOM   780  C  CG  . PRO A 1 100 ? -7.424  -10.479 -12.903 1.00 12.30 ? 100 PRO A CG  1 
ATOM   781  C  CD  . PRO A 1 100 ? -8.292  -10.847 -11.717 1.00 9.69  ? 100 PRO A CD  1 
ATOM   782  N  N   . SER A 1 101 ? -8.011  -6.166  -11.052 1.00 6.89  ? 101 SER A N   1 
ATOM   783  C  CA  . SER A 1 101 ? -8.818  -4.974  -10.814 1.00 6.52  ? 101 SER A CA  1 
ATOM   784  C  C   . SER A 1 101 ? -9.594  -4.626  -12.082 1.00 7.25  ? 101 SER A C   1 
ATOM   785  O  O   . SER A 1 101 ? -9.133  -4.883  -13.194 1.00 6.07  ? 101 SER A O   1 
ATOM   786  C  CB  . SER A 1 101 ? -7.935  -3.797  -10.399 1.00 5.08  ? 101 SER A CB  1 
ATOM   787  O  OG  . SER A 1 101 ? -7.004  -3.483  -11.423 1.00 6.05  ? 101 SER A OG  1 
ATOM   788  N  N   . PRO A 1 102 ? -10.784 -4.027  -11.923 1.00 8.37  ? 102 PRO A N   1 
ATOM   789  C  CA  . PRO A 1 102 ? -11.675 -3.628  -13.019 1.00 8.99  ? 102 PRO A CA  1 
ATOM   790  C  C   . PRO A 1 102 ? -11.112 -2.650  -14.051 1.00 8.34  ? 102 PRO A C   1 
ATOM   791  O  O   . PRO A 1 102 ? -11.485 -2.700  -15.221 1.00 7.63  ? 102 PRO A O   1 
ATOM   792  C  CB  . PRO A 1 102 ? -12.877 -3.031  -12.285 1.00 9.58  ? 102 PRO A CB  1 
ATOM   793  C  CG  . PRO A 1 102 ? -12.879 -3.756  -10.987 1.00 13.26 ? 102 PRO A CG  1 
ATOM   794  C  CD  . PRO A 1 102 ? -11.418 -3.749  -10.623 1.00 10.74 ? 102 PRO A CD  1 
ATOM   795  N  N   . THR A 1 103 ? -10.229 -1.755  -13.627 1.00 5.91  ? 103 THR A N   1 
ATOM   796  C  CA  . THR A 1 103 ? -9.682  -0.780  -14.561 1.00 6.93  ? 103 THR A CA  1 
ATOM   797  C  C   . THR A 1 103 ? -8.420  -1.215  -15.300 1.00 7.45  ? 103 THR A C   1 
ATOM   798  O  O   . THR A 1 103 ? -8.431  -1.346  -16.526 1.00 7.53  ? 103 THR A O   1 
ATOM   799  C  CB  . THR A 1 103 ? -9.412  0.561   -13.859 1.00 7.28  ? 103 THR A CB  1 
ATOM   800  O  OG1 . THR A 1 103 ? -10.628 1.029   -13.259 1.00 5.44  ? 103 THR A OG1 1 
ATOM   801  C  CG2 . THR A 1 103 ? -8.922  1.596   -14.865 1.00 7.70  ? 103 THR A CG2 1 
ATOM   802  N  N   . PHE A 1 104 ? -7.339  -1.444  -14.563 1.00 6.80  ? 104 PHE A N   1 
ATOM   803  C  CA  . PHE A 1 104 ? -6.074  -1.824  -15.176 1.00 7.22  ? 104 PHE A CA  1 
ATOM   804  C  C   . PHE A 1 104 ? -5.693  -3.276  -14.940 1.00 7.98  ? 104 PHE A C   1 
ATOM   805  O  O   . PHE A 1 104 ? -4.653  -3.723  -15.409 1.00 7.04  ? 104 PHE A O   1 
ATOM   806  C  CB  . PHE A 1 104 ? -4.956  -0.925  -14.650 1.00 9.66  ? 104 PHE A CB  1 
ATOM   807  C  CG  . PHE A 1 104 ? -5.184  0.533   -14.891 1.00 11.32 ? 104 PHE A CG  1 
ATOM   808  C  CD1 . PHE A 1 104 ? -5.232  1.046   -16.186 1.00 11.48 ? 104 PHE A CD1 1 
ATOM   809  C  CD2 . PHE A 1 104 ? -5.338  1.403   -13.817 1.00 12.74 ? 104 PHE A CD2 1 
ATOM   810  C  CE1 . PHE A 1 104 ? -5.431  2.406   -16.403 1.00 12.90 ? 104 PHE A CE1 1 
ATOM   811  C  CE2 . PHE A 1 104 ? -5.536  2.759   -14.023 1.00 12.46 ? 104 PHE A CE2 1 
ATOM   812  C  CZ  . PHE A 1 104 ? -5.583  3.263   -15.322 1.00 13.11 ? 104 PHE A CZ  1 
ATOM   813  N  N   . GLY A 1 105 ? -6.519  -4.004  -14.197 1.00 7.40  ? 105 GLY A N   1 
ATOM   814  C  CA  . GLY A 1 105 ? -6.228  -5.401  -13.939 1.00 7.98  ? 105 GLY A CA  1 
ATOM   815  C  C   . GLY A 1 105 ? -5.076  -5.668  -12.986 1.00 8.64  ? 105 GLY A C   1 
ATOM   816  O  O   . GLY A 1 105 ? -4.363  -6.657  -13.149 1.00 10.08 ? 105 GLY A O   1 
ATOM   817  N  N   . LEU A 1 106 ? -4.882  -4.802  -11.995 1.00 6.62  ? 106 LEU A N   1 
ATOM   818  C  CA  . LEU A 1 106 ? -3.816  -5.009  -11.010 1.00 8.05  ? 106 LEU A CA  1 
ATOM   819  C  C   . LEU A 1 106 ? -4.297  -6.022  -9.972  1.00 7.19  ? 106 LEU A C   1 
ATOM   820  O  O   . LEU A 1 106 ? -5.502  -6.176  -9.765  1.00 6.64  ? 106 LEU A O   1 
ATOM   821  C  CB  . LEU A 1 106 ? -3.457  -3.705  -10.289 1.00 9.46  ? 106 LEU A CB  1 
ATOM   822  C  CG  . LEU A 1 106 ? -3.042  -2.447  -11.054 1.00 14.36 ? 106 LEU A CG  1 
ATOM   823  C  CD1 . LEU A 1 106 ? -2.229  -2.826  -12.280 1.00 12.98 ? 106 LEU A CD1 1 
ATOM   824  C  CD2 . LEU A 1 106 ? -4.284  -1.671  -11.458 1.00 15.65 ? 106 LEU A CD2 1 
ATOM   825  N  N   . PRO A 1 107 ? -3.365  -6.712  -9.298  1.00 6.27  ? 107 PRO A N   1 
ATOM   826  C  CA  . PRO A 1 107 ? -3.741  -7.702  -8.288  1.00 7.13  ? 107 PRO A CA  1 
ATOM   827  C  C   . PRO A 1 107 ? -4.609  -7.099  -7.183  1.00 7.12  ? 107 PRO A C   1 
ATOM   828  O  O   . PRO A 1 107 ? -4.263  -6.080  -6.579  1.00 5.34  ? 107 PRO A O   1 
ATOM   829  C  CB  . PRO A 1 107 ? -2.394  -8.184  -7.756  1.00 6.21  ? 107 PRO A CB  1 
ATOM   830  C  CG  . PRO A 1 107 ? -1.493  -8.030  -8.939  1.00 6.59  ? 107 PRO A CG  1 
ATOM   831  C  CD  . PRO A 1 107 ? -1.904  -6.678  -9.477  1.00 7.55  ? 107 PRO A CD  1 
ATOM   832  N  N   . LEU A 1 108 ? -5.747  -7.729  -6.927  1.00 5.56  ? 108 LEU A N   1 
ATOM   833  C  CA  . LEU A 1 108 ? -6.646  -7.266  -5.878  1.00 6.63  ? 108 LEU A CA  1 
ATOM   834  C  C   . LEU A 1 108 ? -6.918  -8.406  -4.891  1.00 5.81  ? 108 LEU A C   1 
ATOM   835  O  O   . LEU A 1 108 ? -7.508  -9.415  -5.253  1.00 4.96  ? 108 LEU A O   1 
ATOM   836  C  CB  . LEU A 1 108 ? -7.958  -6.782  -6.499  1.00 7.85  ? 108 LEU A CB  1 
ATOM   837  C  CG  . LEU A 1 108 ? -8.452  -5.373  -6.174  1.00 9.64  ? 108 LEU A CG  1 
ATOM   838  C  CD1 . LEU A 1 108 ? -7.370  -4.334  -6.441  1.00 6.70  ? 108 LEU A CD1 1 
ATOM   839  C  CD2 . LEU A 1 108 ? -9.689  -5.089  -7.015  1.00 6.64  ? 108 LEU A CD2 1 
ATOM   840  N  N   . LEU A 1 109 ? -6.482  -8.239  -3.646  1.00 3.67  ? 109 LEU A N   1 
ATOM   841  C  CA  . LEU A 1 109 ? -6.696  -9.252  -2.614  1.00 3.52  ? 109 LEU A CA  1 
ATOM   842  C  C   . LEU A 1 109 ? -8.158  -9.237  -2.207  1.00 3.60  ? 109 LEU A C   1 
ATOM   843  O  O   . LEU A 1 109 ? -8.617  -8.319  -1.528  1.00 2.15  ? 109 LEU A O   1 
ATOM   844  C  CB  . LEU A 1 109 ? -5.822  -8.960  -1.399  1.00 4.14  ? 109 LEU A CB  1 
ATOM   845  C  CG  . LEU A 1 109 ? -4.307  -8.985  -1.617  1.00 4.60  ? 109 LEU A CG  1 
ATOM   846  C  CD1 . LEU A 1 109 ? -3.608  -8.679  -0.296  1.00 7.20  ? 109 LEU A CD1 1 
ATOM   847  C  CD2 . LEU A 1 109 ? -3.865  -10.353 -2.136  1.00 6.32  ? 109 LEU A CD2 1 
ATOM   848  N  N   . THR A 1 110 ? -8.886  -10.274 -2.609  1.00 3.80  ? 110 THR A N   1 
ATOM   849  C  CA  . THR A 1 110 ? -10.313 -10.352 -2.346  1.00 4.24  ? 110 THR A CA  1 
ATOM   850  C  C   . THR A 1 110 ? -10.741 -10.437 -0.884  1.00 5.74  ? 110 THR A C   1 
ATOM   851  O  O   . THR A 1 110 ? -11.918 -10.235 -0.581  1.00 6.37  ? 110 THR A O   1 
ATOM   852  C  CB  . THR A 1 110 ? -10.942 -11.521 -3.127  1.00 5.23  ? 110 THR A CB  1 
ATOM   853  O  OG1 . THR A 1 110 ? -10.322 -12.754 -2.741  1.00 5.80  ? 110 THR A OG1 1 
ATOM   854  C  CG2 . THR A 1 110 ? -10.726 -11.315 -4.618  1.00 6.28  ? 110 THR A CG2 1 
ATOM   855  N  N   . GLU A 1 111 ? -9.808  -10.722 0.022   1.00 6.25  ? 111 GLU A N   1 
ATOM   856  C  CA  . GLU A 1 111 ? -10.150 -10.805 1.442   1.00 6.97  ? 111 GLU A CA  1 
ATOM   857  C  C   . GLU A 1 111 ? -10.265 -9.430  2.103   1.00 7.58  ? 111 GLU A C   1 
ATOM   858  O  O   . GLU A 1 111 ? -11.020 -9.258  3.073   1.00 6.69  ? 111 GLU A O   1 
ATOM   859  C  CB  . GLU A 1 111 ? -9.111  -11.642 2.189   1.00 7.59  ? 111 GLU A CB  1 
ATOM   860  C  CG  . GLU A 1 111 ? -9.125  -13.119 1.825   1.00 8.68  ? 111 GLU A CG  1 
ATOM   861  C  CD  . GLU A 1 111 ? -7.928  -13.845 2.401   1.00 9.28  ? 111 GLU A CD  1 
ATOM   862  O  OE1 . GLU A 1 111 ? -6.799  -13.605 1.929   1.00 9.55  ? 111 GLU A OE1 1 
ATOM   863  O  OE2 . GLU A 1 111 ? -8.121  -14.658 3.322   1.00 8.29  ? 111 GLU A OE2 1 
ATOM   864  N  N   . LEU A 1 112 ? -9.527  -8.452  1.583   1.00 5.71  ? 112 LEU A N   1 
ATOM   865  C  CA  . LEU A 1 112 ? -9.539  -7.108  2.159   1.00 5.51  ? 112 LEU A CA  1 
ATOM   866  C  C   . LEU A 1 112 ? -10.790 -6.307  1.810   1.00 5.65  ? 112 LEU A C   1 
ATOM   867  O  O   . LEU A 1 112 ? -11.231 -6.292  0.653   1.00 4.56  ? 112 LEU A O   1 
ATOM   868  C  CB  . LEU A 1 112 ? -8.260  -6.359  1.761   1.00 6.17  ? 112 LEU A CB  1 
ATOM   869  C  CG  . LEU A 1 112 ? -7.052  -6.716  2.642   1.00 6.32  ? 112 LEU A CG  1 
ATOM   870  C  CD1 . LEU A 1 112 ? -6.805  -8.222  2.615   1.00 6.98  ? 112 LEU A CD1 1 
ATOM   871  C  CD2 . LEU A 1 112 ? -5.819  -5.966  2.162   1.00 4.76  ? 112 LEU A CD2 1 
ATOM   872  N  N   . PRO A 1 113 ? -11.362 -5.614  2.819   1.00 5.71  ? 113 PRO A N   1 
ATOM   873  C  CA  . PRO A 1 113 ? -12.568 -4.776  2.800   1.00 4.61  ? 113 PRO A CA  1 
ATOM   874  C  C   . PRO A 1 113 ? -12.690 -3.668  1.744   1.00 4.66  ? 113 PRO A C   1 
ATOM   875  O  O   . PRO A 1 113 ? -13.735 -3.516  1.080   1.00 2.26  ? 113 PRO A O   1 
ATOM   876  C  CB  . PRO A 1 113 ? -12.604 -4.169  4.211   1.00 6.19  ? 113 PRO A CB  1 
ATOM   877  C  CG  . PRO A 1 113 ? -11.672 -4.943  5.007   1.00 7.08  ? 113 PRO A CG  1 
ATOM   878  C  CD  . PRO A 1 113 ? -10.609 -5.397  4.068   1.00 4.57  ? 113 PRO A CD  1 
ATOM   879  N  N   . TYR A 1 114 ? -11.625 -2.890  1.599   1.00 3.69  ? 114 TYR A N   1 
ATOM   880  C  CA  . TYR A 1 114 ? -11.625 -1.737  0.697   1.00 3.33  ? 114 TYR A CA  1 
ATOM   881  C  C   . TYR A 1 114 ? -10.449 -1.755  -0.274  1.00 3.31  ? 114 TYR A C   1 
ATOM   882  O  O   . TYR A 1 114 ? -9.352  -2.184  0.075   1.00 2.40  ? 114 TYR A O   1 
ATOM   883  C  CB  . TYR A 1 114 ? -11.534 -0.453  1.533   1.00 1.89  ? 114 TYR A CB  1 
ATOM   884  C  CG  . TYR A 1 114 ? -12.544 -0.346  2.663   1.00 2.33  ? 114 TYR A CG  1 
ATOM   885  C  CD1 . TYR A 1 114 ? -13.827 0.180   2.446   1.00 1.92  ? 114 TYR A CD1 1 
ATOM   886  C  CD2 . TYR A 1 114 ? -12.214 -0.756  3.955   1.00 3.88  ? 114 TYR A CD2 1 
ATOM   887  C  CE1 . TYR A 1 114 ? -14.741 0.300   3.488   1.00 2.55  ? 114 TYR A CE1 1 
ATOM   888  C  CE2 . TYR A 1 114 ? -13.130 -0.650  5.000   1.00 3.55  ? 114 TYR A CE2 1 
ATOM   889  C  CZ  . TYR A 1 114 ? -14.387 -0.119  4.762   1.00 2.35  ? 114 TYR A CZ  1 
ATOM   890  O  OH  . TYR A 1 114 ? -15.307 0.006   5.782   1.00 4.97  ? 114 TYR A OH  1 
ATOM   891  N  N   . TRP A 1 115 ? -10.683 -1.286  -1.495  1.00 2.34  ? 115 TRP A N   1 
ATOM   892  C  CA  . TRP A 1 115 ? -9.629  -1.211  -2.492  1.00 2.12  ? 115 TRP A CA  1 
ATOM   893  C  C   . TRP A 1 115 ? -9.841  -0.046  -3.451  1.00 3.36  ? 115 TRP A C   1 
ATOM   894  O  O   . TRP A 1 115 ? -10.959 0.433   -3.637  1.00 2.15  ? 115 TRP A O   1 
ATOM   895  C  CB  . TRP A 1 115 ? -9.519  -2.516  -3.294  1.00 1.19  ? 115 TRP A CB  1 
ATOM   896  C  CG  . TRP A 1 115 ? -10.744 -2.865  -4.088  1.00 4.91  ? 115 TRP A CG  1 
ATOM   897  C  CD1 . TRP A 1 115 ? -11.740 -3.731  -3.726  1.00 4.44  ? 115 TRP A CD1 1 
ATOM   898  C  CD2 . TRP A 1 115 ? -11.132 -2.319  -5.359  1.00 4.21  ? 115 TRP A CD2 1 
ATOM   899  N  NE1 . TRP A 1 115 ? -12.723 -3.750  -4.692  1.00 5.11  ? 115 TRP A NE1 1 
ATOM   900  C  CE2 . TRP A 1 115 ? -12.373 -2.891  -5.706  1.00 4.98  ? 115 TRP A CE2 1 
ATOM   901  C  CE3 . TRP A 1 115 ? -10.550 -1.390  -6.238  1.00 5.23  ? 115 TRP A CE3 1 
ATOM   902  C  CZ2 . TRP A 1 115 ? -13.045 -2.582  -6.893  1.00 5.51  ? 115 TRP A CZ2 1 
ATOM   903  C  CZ3 . TRP A 1 115 ? -11.219 -1.079  -7.421  1.00 6.92  ? 115 TRP A CZ3 1 
ATOM   904  C  CH2 . TRP A 1 115 ? -12.456 -1.676  -7.735  1.00 6.52  ? 115 TRP A CH2 1 
ATOM   905  N  N   . LEU A 1 116 ? -8.751  0.418   -4.050  1.00 2.68  ? 116 LEU A N   1 
ATOM   906  C  CA  . LEU A 1 116 ? -8.826  1.505   -5.012  1.00 3.94  ? 116 LEU A CA  1 
ATOM   907  C  C   . LEU A 1 116 ? -7.730  1.326   -6.040  1.00 3.09  ? 116 LEU A C   1 
ATOM   908  O  O   . LEU A 1 116 ? -6.708  0.682   -5.781  1.00 1.93  ? 116 LEU A O   1 
ATOM   909  C  CB  . LEU A 1 116 ? -8.673  2.860   -4.312  1.00 3.03  ? 116 LEU A CB  1 
ATOM   910  C  CG  . LEU A 1 116 ? -7.339  3.202   -3.638  1.00 3.42  ? 116 LEU A CG  1 
ATOM   911  C  CD1 . LEU A 1 116 ? -6.340  3.692   -4.686  1.00 4.80  ? 116 LEU A CD1 1 
ATOM   912  C  CD2 . LEU A 1 116 ? -7.567  4.290   -2.597  1.00 1.73  ? 116 LEU A CD2 1 
ATOM   913  N  N   . GLU A 1 117 ? -7.985  1.879   -7.216  1.00 3.52  ? 117 GLU A N   1 
ATOM   914  C  CA  . GLU A 1 117 ? -7.050  1.859   -8.327  1.00 3.08  ? 117 GLU A CA  1 
ATOM   915  C  C   . GLU A 1 117 ? -6.681  3.316   -8.543  1.00 3.22  ? 117 GLU A C   1 
ATOM   916  O  O   . GLU A 1 117 ? -7.550  4.192   -8.502  1.00 2.68  ? 117 GLU A O   1 
ATOM   917  C  CB  . GLU A 1 117 ? -7.717  1.321   -9.587  1.00 4.51  ? 117 GLU A CB  1 
ATOM   918  C  CG  . GLU A 1 117 ? -7.854  -0.178  -9.628  1.00 5.48  ? 117 GLU A CG  1 
ATOM   919  C  CD  . GLU A 1 117 ? -8.574  -0.646  -10.875 1.00 6.63  ? 117 GLU A CD  1 
ATOM   920  O  OE1 . GLU A 1 117 ? -9.790  -0.402  -10.984 1.00 6.59  ? 117 GLU A OE1 1 
ATOM   921  O  OE2 . GLU A 1 117 ? -7.921  -1.236  -11.755 1.00 8.94  ? 117 GLU A OE2 1 
ATOM   922  N  N   . ALA A 1 118 ? -5.401  3.581   -8.773  1.00 1.09  ? 118 ALA A N   1 
ATOM   923  C  CA  . ALA A 1 118 ? -4.960  4.955   -8.962  1.00 2.13  ? 118 ALA A CA  1 
ATOM   924  C  C   . ALA A 1 118 ? -3.863  5.073   -10.003 1.00 2.69  ? 118 ALA A C   1 
ATOM   925  O  O   . ALA A 1 118 ? -3.080  4.144   -10.208 1.00 4.36  ? 118 ALA A O   1 
ATOM   926  C  CB  . ALA A 1 118 ? -4.473  5.527   -7.626  1.00 1.00  ? 118 ALA A CB  1 
ATOM   927  N  N   . GLU A 1 119 ? -3.820  6.230   -10.651 1.00 2.37  ? 119 GLU A N   1 
ATOM   928  C  CA  . GLU A 1 119 ? -2.824  6.524   -11.669 1.00 3.23  ? 119 GLU A CA  1 
ATOM   929  C  C   . GLU A 1 119 ? -1.823  7.506   -11.083 1.00 3.81  ? 119 GLU A C   1 
ATOM   930  O  O   . GLU A 1 119 ? -2.204  8.501   -10.461 1.00 3.69  ? 119 GLU A O   1 
ATOM   931  C  CB  . GLU A 1 119 ? -3.485  7.153   -12.901 1.00 3.85  ? 119 GLU A CB  1 
ATOM   932  C  CG  . GLU A 1 119 ? -4.490  6.272   -13.602 1.00 5.34  ? 119 GLU A CG  1 
ATOM   933  C  CD  . GLU A 1 119 ? -5.141  6.968   -14.774 1.00 6.40  ? 119 GLU A CD  1 
ATOM   934  O  OE1 . GLU A 1 119 ? -4.851  8.164   -14.995 1.00 7.06  ? 119 GLU A OE1 1 
ATOM   935  O  OE2 . GLU A 1 119 ? -5.934  6.315   -15.484 1.00 8.15  ? 119 GLU A OE2 1 
ATOM   936  N  N   . VAL A 1 120 ? -0.543  7.214   -11.264 1.00 3.78  ? 120 VAL A N   1 
ATOM   937  C  CA  . VAL A 1 120 ? 0.505   8.092   -10.773 1.00 4.00  ? 120 VAL A CA  1 
ATOM   938  C  C   . VAL A 1 120 ? 0.453   9.450   -11.486 1.00 5.46  ? 120 VAL A C   1 
ATOM   939  O  O   . VAL A 1 120 ? 0.381   9.525   -12.718 1.00 3.03  ? 120 VAL A O   1 
ATOM   940  C  CB  . VAL A 1 120 ? 1.892   7.456   -10.995 1.00 3.03  ? 120 VAL A CB  1 
ATOM   941  C  CG1 . VAL A 1 120 ? 2.991   8.459   -10.685 1.00 5.04  ? 120 VAL A CG1 1 
ATOM   942  C  CG2 . VAL A 1 120 ? 2.036   6.229   -10.113 1.00 1.25  ? 120 VAL A CG2 1 
ATOM   943  N  N   . ARG A 1 121 ? 0.470   10.524  -10.701 1.00 4.51  ? 121 ARG A N   1 
ATOM   944  C  CA  . ARG A 1 121 ? 0.447   11.868  -11.261 1.00 5.23  ? 121 ARG A CA  1 
ATOM   945  C  C   . ARG A 1 121 ? 1.834   12.473  -11.074 1.00 4.88  ? 121 ARG A C   1 
ATOM   946  O  O   . ARG A 1 121 ? 2.380   13.121  -11.971 1.00 3.59  ? 121 ARG A O   1 
ATOM   947  C  CB  . ARG A 1 121 ? -0.608  12.725  -10.555 1.00 5.06  ? 121 ARG A CB  1 
ATOM   948  C  CG  . ARG A 1 121 ? -2.049  12.299  -10.843 1.00 6.65  ? 121 ARG A CG  1 
ATOM   949  C  CD  . ARG A 1 121 ? -2.528  12.792  -12.213 1.00 10.18 ? 121 ARG A CD  1 
ATOM   950  N  NE  . ARG A 1 121 ? -3.845  12.257  -12.562 1.00 7.97  ? 121 ARG A NE  1 
ATOM   951  C  CZ  . ARG A 1 121 ? -4.037  11.202  -13.352 1.00 8.15  ? 121 ARG A CZ  1 
ATOM   952  N  NH1 . ARG A 1 121 ? -2.997  10.563  -13.884 1.00 8.79  ? 121 ARG A NH1 1 
ATOM   953  N  NH2 . ARG A 1 121 ? -5.268  10.778  -13.601 1.00 6.22  ? 121 ARG A NH2 1 
ATOM   954  N  N   . HIS A 1 122 ? 2.406   12.246  -9.898  1.00 5.29  ? 122 HIS A N   1 
ATOM   955  C  CA  . HIS A 1 122 ? 3.732   12.747  -9.576  1.00 6.37  ? 122 HIS A CA  1 
ATOM   956  C  C   . HIS A 1 122 ? 4.433   11.780  -8.633  1.00 7.13  ? 122 HIS A C   1 
ATOM   957  O  O   . HIS A 1 122 ? 3.799   11.131  -7.806  1.00 8.19  ? 122 HIS A O   1 
ATOM   958  C  CB  . HIS A 1 122 ? 3.628   14.126  -8.916  1.00 8.84  ? 122 HIS A CB  1 
ATOM   959  C  CG  . HIS A 1 122 ? 3.098   15.194  -9.826  1.00 9.67  ? 122 HIS A CG  1 
ATOM   960  N  ND1 . HIS A 1 122 ? 3.851   15.746  -10.840 1.00 12.76 ? 122 HIS A ND1 1 
ATOM   961  C  CD2 . HIS A 1 122 ? 1.889   15.793  -9.886  1.00 10.63 ? 122 HIS A CD2 1 
ATOM   962  C  CE1 . HIS A 1 122 ? 3.125   16.643  -11.486 1.00 11.86 ? 122 HIS A CE1 1 
ATOM   963  N  NE2 . HIS A 1 122 ? 1.928   16.690  -10.924 1.00 12.09 ? 122 HIS A NE2 1 
ATOM   964  N  N   . LEU A 1 123 ? 5.748   11.682  -8.771  1.00 6.71  ? 123 LEU A N   1 
ATOM   965  C  CA  . LEU A 1 123 ? 6.545   10.818  -7.912  1.00 8.84  ? 123 LEU A CA  1 
ATOM   966  C  C   . LEU A 1 123 ? 7.648   11.717  -7.381  1.00 8.12  ? 123 LEU A C   1 
ATOM   967  O  O   . LEU A 1 123 ? 8.560   12.094  -8.114  1.00 8.58  ? 123 LEU A O   1 
ATOM   968  C  CB  . LEU A 1 123 ? 7.114   9.647   -8.716  1.00 10.79 ? 123 LEU A CB  1 
ATOM   969  C  CG  . LEU A 1 123 ? 7.780   8.531   -7.906  1.00 12.94 ? 123 LEU A CG  1 
ATOM   970  C  CD1 . LEU A 1 123 ? 7.373   7.175   -8.462  1.00 13.05 ? 123 LEU A CD1 1 
ATOM   971  C  CD2 . LEU A 1 123 ? 9.291   8.705   -7.940  1.00 13.82 ? 123 LEU A CD2 1 
ATOM   972  N  N   . TYR A 1 124 ? 7.543   12.083  -6.108  1.00 7.50  ? 124 TYR A N   1 
ATOM   973  C  CA  . TYR A 1 124 ? 8.509   12.985  -5.499  1.00 8.01  ? 124 TYR A CA  1 
ATOM   974  C  C   . TYR A 1 124 ? 9.568   12.280  -4.653  1.00 9.30  ? 124 TYR A C   1 
ATOM   975  O  O   . TYR A 1 124 ? 9.307   11.868  -3.519  1.00 8.70  ? 124 TYR A O   1 
ATOM   976  C  CB  . TYR A 1 124 ? 7.782   14.013  -4.634  1.00 7.93  ? 124 TYR A CB  1 
ATOM   977  C  CG  . TYR A 1 124 ? 6.673   14.774  -5.343  1.00 9.57  ? 124 TYR A CG  1 
ATOM   978  C  CD1 . TYR A 1 124 ? 6.946   15.596  -6.436  1.00 9.69  ? 124 TYR A CD1 1 
ATOM   979  C  CD2 . TYR A 1 124 ? 5.354   14.694  -4.898  1.00 9.40  ? 124 TYR A CD2 1 
ATOM   980  C  CE1 . TYR A 1 124 ? 5.935   16.323  -7.067  1.00 9.10  ? 124 TYR A CE1 1 
ATOM   981  C  CE2 . TYR A 1 124 ? 4.336   15.415  -5.523  1.00 11.15 ? 124 TYR A CE2 1 
ATOM   982  C  CZ  . TYR A 1 124 ? 4.633   16.228  -6.605  1.00 10.92 ? 124 TYR A CZ  1 
ATOM   983  O  OH  . TYR A 1 124 ? 3.625   16.941  -7.218  1.00 11.03 ? 124 TYR A OH  1 
ATOM   984  N  N   . PRO A 1 125 ? 10.787  12.146  -5.190  1.00 9.31  ? 125 PRO A N   1 
ATOM   985  C  CA  . PRO A 1 125 ? 11.853  11.483  -4.437  1.00 10.91 ? 125 PRO A CA  1 
ATOM   986  C  C   . PRO A 1 125 ? 12.281  12.349  -3.259  1.00 10.92 ? 125 PRO A C   1 
ATOM   987  O  O   . PRO A 1 125 ? 12.321  13.579  -3.362  1.00 11.32 ? 125 PRO A O   1 
ATOM   988  C  CB  . PRO A 1 125 ? 12.956  11.322  -5.476  1.00 11.79 ? 125 PRO A CB  1 
ATOM   989  C  CG  . PRO A 1 125 ? 12.782  12.543  -6.328  1.00 12.85 ? 125 PRO A CG  1 
ATOM   990  C  CD  . PRO A 1 125 ? 11.279  12.611  -6.498  1.00 12.08 ? 125 PRO A CD  1 
ATOM   991  N  N   . GLY A 1 126 ? 12.573  11.706  -2.134  1.00 8.91  ? 126 GLY A N   1 
ATOM   992  C  CA  . GLY A 1 126 ? 12.990  12.439  -0.952  1.00 7.34  ? 126 GLY A CA  1 
ATOM   993  C  C   . GLY A 1 126 ? 13.682  11.512  0.026   1.00 7.51  ? 126 GLY A C   1 
ATOM   994  O  O   . GLY A 1 126 ? 13.035  10.704  0.699   1.00 6.01  ? 126 GLY A O   1 
ATOM   995  N  N   . GLY A 1 127 ? 15.000  11.632  0.116   1.00 6.23  ? 127 GLY A N   1 
ATOM   996  C  CA  . GLY A 1 127 ? 15.741  10.772  1.015   1.00 7.18  ? 127 GLY A CA  1 
ATOM   997  C  C   . GLY A 1 127 ? 15.695  9.339   0.518   1.00 7.17  ? 127 GLY A C   1 
ATOM   998  O  O   . GLY A 1 127 ? 15.825  9.087   -0.678  1.00 7.94  ? 127 GLY A O   1 
ATOM   999  N  N   . ASP A 1 128 ? 15.483  8.401   1.434   1.00 6.30  ? 128 ASP A N   1 
ATOM   1000 C  CA  . ASP A 1 128 ? 15.439  6.983   1.090   1.00 5.41  ? 128 ASP A CA  1 
ATOM   1001 C  C   . ASP A 1 128 ? 14.114  6.495   0.519   1.00 5.25  ? 128 ASP A C   1 
ATOM   1002 O  O   . ASP A 1 128 ? 13.997  5.337   0.129   1.00 4.20  ? 128 ASP A O   1 
ATOM   1003 C  CB  . ASP A 1 128 ? 15.813  6.163   2.325   1.00 5.95  ? 128 ASP A CB  1 
ATOM   1004 C  CG  . ASP A 1 128 ? 15.156  6.684   3.583   1.00 6.21  ? 128 ASP A CG  1 
ATOM   1005 O  OD1 . ASP A 1 128 ? 15.843  6.765   4.622   1.00 7.01  ? 128 ASP A OD1 1 
ATOM   1006 O  OD2 . ASP A 1 128 ? 13.949  7.010   3.539   1.00 4.62  ? 128 ASP A OD2 1 
ATOM   1007 N  N   . HIS A 1 129 ? 13.120  7.374   0.465   1.00 5.09  ? 129 HIS A N   1 
ATOM   1008 C  CA  . HIS A 1 129 ? 11.811  7.013   -0.068  1.00 5.48  ? 129 HIS A CA  1 
ATOM   1009 C  C   . HIS A 1 129 ? 11.364  8.024   -1.116  1.00 7.47  ? 129 HIS A C   1 
ATOM   1010 O  O   . HIS A 1 129 ? 12.024  9.040   -1.349  1.00 8.30  ? 129 HIS A O   1 
ATOM   1011 C  CB  . HIS A 1 129 ? 10.750  6.979   1.044   1.00 3.83  ? 129 HIS A CB  1 
ATOM   1012 C  CG  . HIS A 1 129 ? 10.796  5.754   1.903   1.00 3.97  ? 129 HIS A CG  1 
ATOM   1013 N  ND1 . HIS A 1 129 ? 11.880  5.426   2.685   1.00 4.36  ? 129 HIS A ND1 1 
ATOM   1014 C  CD2 . HIS A 1 129 ? 9.868   4.788   2.120   1.00 5.00  ? 129 HIS A CD2 1 
ATOM   1015 C  CE1 . HIS A 1 129 ? 11.621  4.314   3.351   1.00 4.31  ? 129 HIS A CE1 1 
ATOM   1016 N  NE2 . HIS A 1 129 ? 10.408  3.908   3.027   1.00 4.55  ? 129 HIS A NE2 1 
ATOM   1017 N  N   . SER A 1 130 ? 10.242  7.729   -1.753  1.00 6.33  ? 130 SER A N   1 
ATOM   1018 C  CA  . SER A 1 130 ? 9.652   8.626   -2.739  1.00 7.48  ? 130 SER A CA  1 
ATOM   1019 C  C   . SER A 1 130 ? 8.184   8.736   -2.341  1.00 5.95  ? 130 SER A C   1 
ATOM   1020 O  O   . SER A 1 130 ? 7.598   7.771   -1.858  1.00 5.81  ? 130 SER A O   1 
ATOM   1021 C  CB  . SER A 1 130 ? 9.754   8.042   -4.153  1.00 7.24  ? 130 SER A CB  1 
ATOM   1022 O  OG  . SER A 1 130 ? 11.104  7.877   -4.573  1.00 10.12 ? 130 SER A OG  1 
ATOM   1023 N  N   . LEU A 1 131 ? 7.609   9.919   -2.510  1.00 5.49  ? 131 LEU A N   1 
ATOM   1024 C  CA  . LEU A 1 131 ? 6.206   10.131  -2.201  1.00 5.27  ? 131 LEU A CA  1 
ATOM   1025 C  C   . LEU A 1 131 ? 5.472   10.036  -3.519  1.00 5.74  ? 131 LEU A C   1 
ATOM   1026 O  O   . LEU A 1 131 ? 5.606   10.904  -4.383  1.00 5.99  ? 131 LEU A O   1 
ATOM   1027 C  CB  . LEU A 1 131 ? 5.973   11.507  -1.568  1.00 8.01  ? 131 LEU A CB  1 
ATOM   1028 C  CG  . LEU A 1 131 ? 6.134   11.574  -0.047  1.00 10.22 ? 131 LEU A CG  1 
ATOM   1029 C  CD1 . LEU A 1 131 ? 6.129   13.023  0.420   1.00 11.63 ? 131 LEU A CD1 1 
ATOM   1030 C  CD2 . LEU A 1 131 ? 5.001   10.800  0.612   1.00 11.64 ? 131 LEU A CD2 1 
ATOM   1031 N  N   . VAL A 1 132 ? 4.726   8.951   -3.678  1.00 4.51  ? 132 VAL A N   1 
ATOM   1032 C  CA  . VAL A 1 132 ? 3.961   8.721   -4.889  1.00 4.97  ? 132 VAL A CA  1 
ATOM   1033 C  C   . VAL A 1 132 ? 2.596   9.366   -4.702  1.00 4.34  ? 132 VAL A C   1 
ATOM   1034 O  O   . VAL A 1 132 ? 1.852   9.013   -3.786  1.00 3.22  ? 132 VAL A O   1 
ATOM   1035 C  CB  . VAL A 1 132 ? 3.753   7.217   -5.150  1.00 3.76  ? 132 VAL A CB  1 
ATOM   1036 C  CG1 . VAL A 1 132 ? 3.009   7.021   -6.465  1.00 5.75  ? 132 VAL A CG1 1 
ATOM   1037 C  CG2 . VAL A 1 132 ? 5.094   6.498   -5.172  1.00 4.51  ? 132 VAL A CG2 1 
ATOM   1038 N  N   . VAL A 1 133 ? 2.276   10.324  -5.562  1.00 4.12  ? 133 VAL A N   1 
ATOM   1039 C  CA  . VAL A 1 133 ? 0.988   10.990  -5.501  1.00 4.66  ? 133 VAL A CA  1 
ATOM   1040 C  C   . VAL A 1 133 ? 0.204   10.478  -6.698  1.00 4.91  ? 133 VAL A C   1 
ATOM   1041 O  O   . VAL A 1 133 ? 0.594   10.710  -7.840  1.00 5.94  ? 133 VAL A O   1 
ATOM   1042 C  CB  . VAL A 1 133 ? 1.154   12.516  -5.587  1.00 5.73  ? 133 VAL A CB  1 
ATOM   1043 C  CG1 . VAL A 1 133 ? -0.215  13.195  -5.554  1.00 5.04  ? 133 VAL A CG1 1 
ATOM   1044 C  CG2 . VAL A 1 133 ? 2.022   13.009  -4.436  1.00 6.52  ? 133 VAL A CG2 1 
ATOM   1045 N  N   . ALA A 1 134 ? -0.886  9.768   -6.429  1.00 4.24  ? 134 ALA A N   1 
ATOM   1046 C  CA  . ALA A 1 134 ? -1.700  9.186   -7.486  1.00 4.15  ? 134 ALA A CA  1 
ATOM   1047 C  C   . ALA A 1 134 ? -3.155  9.614   -7.374  1.00 3.44  ? 134 ALA A C   1 
ATOM   1048 O  O   . ALA A 1 134 ? -3.630  9.937   -6.290  1.00 2.68  ? 134 ALA A O   1 
ATOM   1049 C  CB  . ALA A 1 134 ? -1.609  7.667   -7.421  1.00 5.34  ? 134 ALA A CB  1 
ATOM   1050 N  N   . GLU A 1 135 ? -3.860  9.617   -8.501  1.00 1.83  ? 135 GLU A N   1 
ATOM   1051 C  CA  . GLU A 1 135 ? -5.268  9.989   -8.503  1.00 2.24  ? 135 GLU A CA  1 
ATOM   1052 C  C   . GLU A 1 135 ? -6.146  8.739   -8.516  1.00 2.72  ? 135 GLU A C   1 
ATOM   1053 O  O   . GLU A 1 135 ? -5.956  7.854   -9.352  1.00 2.64  ? 135 GLU A O   1 
ATOM   1054 C  CB  . GLU A 1 135 ? -5.602  10.851  -9.726  1.00 2.85  ? 135 GLU A CB  1 
ATOM   1055 C  CG  . GLU A 1 135 ? -7.020  11.407  -9.668  1.00 3.08  ? 135 GLU A CG  1 
ATOM   1056 C  CD  . GLU A 1 135 ? -7.398  12.218  -10.898 1.00 5.24  ? 135 GLU A CD  1 
ATOM   1057 O  OE1 . GLU A 1 135 ? -6.495  12.720  -11.601 1.00 5.64  ? 135 GLU A OE1 1 
ATOM   1058 O  OE2 . GLU A 1 135 ? -8.607  12.375  -11.138 1.00 5.26  ? 135 GLU A OE2 1 
ATOM   1059 N  N   . VAL A 1 136 ? -7.108  8.662   -7.599  1.00 1.00  ? 136 VAL A N   1 
ATOM   1060 C  CA  . VAL A 1 136 ? -7.997  7.501   -7.554  1.00 1.53  ? 136 VAL A CA  1 
ATOM   1061 C  C   . VAL A 1 136 ? -8.866  7.521   -8.804  1.00 2.17  ? 136 VAL A C   1 
ATOM   1062 O  O   . VAL A 1 136 ? -9.496  8.535   -9.087  1.00 2.07  ? 136 VAL A O   1 
ATOM   1063 C  CB  . VAL A 1 136 ? -8.927  7.539   -6.313  1.00 2.26  ? 136 VAL A CB  1 
ATOM   1064 C  CG1 . VAL A 1 136 ? -9.861  6.335   -6.316  1.00 2.26  ? 136 VAL A CG1 1 
ATOM   1065 C  CG2 . VAL A 1 136 ? -8.107  7.557   -5.033  1.00 2.90  ? 136 VAL A CG2 1 
ATOM   1066 N  N   . VAL A 1 137 ? -8.892  6.418   -9.554  1.00 2.82  ? 137 VAL A N   1 
ATOM   1067 C  CA  . VAL A 1 137 ? -9.697  6.350   -10.771 1.00 3.66  ? 137 VAL A CA  1 
ATOM   1068 C  C   . VAL A 1 137 ? -10.839 5.352   -10.655 1.00 5.15  ? 137 VAL A C   1 
ATOM   1069 O  O   . VAL A 1 137 ? -11.694 5.275   -11.536 1.00 5.14  ? 137 VAL A O   1 
ATOM   1070 C  CB  . VAL A 1 137 ? -8.852  5.985   -12.011 1.00 3.44  ? 137 VAL A CB  1 
ATOM   1071 C  CG1 . VAL A 1 137 ? -7.870  7.113   -12.315 1.00 2.96  ? 137 VAL A CG1 1 
ATOM   1072 C  CG2 . VAL A 1 137 ? -8.116  4.676   -11.778 1.00 2.88  ? 137 VAL A CG2 1 
ATOM   1073 N  N   . GLU A 1 138 ? -10.841 4.579   -9.574  1.00 4.77  ? 138 GLU A N   1 
ATOM   1074 C  CA  . GLU A 1 138 ? -11.898 3.609   -9.305  1.00 4.80  ? 138 GLU A CA  1 
ATOM   1075 C  C   . GLU A 1 138 ? -11.683 3.081   -7.899  1.00 4.00  ? 138 GLU A C   1 
ATOM   1076 O  O   . GLU A 1 138 ? -10.563 3.107   -7.376  1.00 3.41  ? 138 GLU A O   1 
ATOM   1077 C  CB  . GLU A 1 138 ? -11.882 2.448   -10.310 1.00 6.73  ? 138 GLU A CB  1 
ATOM   1078 C  CG  . GLU A 1 138 ? -13.041 1.441   -10.110 1.00 7.48  ? 138 GLU A CG  1 
ATOM   1079 C  CD  . GLU A 1 138 ? -14.421 2.118   -10.104 1.00 10.40 ? 138 GLU A CD  1 
ATOM   1080 O  OE1 . GLU A 1 138 ? -15.135 2.073   -11.126 1.00 10.64 ? 138 GLU A OE1 1 
ATOM   1081 O  OE2 . GLU A 1 138 ? -14.798 2.699   -9.069  1.00 9.83  ? 138 GLU A OE2 1 
ATOM   1082 N  N   . ALA A 1 139 ? -12.763 2.604   -7.293  1.00 2.91  ? 139 ALA A N   1 
ATOM   1083 C  CA  . ALA A 1 139 ? -12.705 2.089   -5.937  1.00 2.39  ? 139 ALA A CA  1 
ATOM   1084 C  C   . ALA A 1 139 ? -13.842 1.102   -5.707  1.00 3.81  ? 139 ALA A C   1 
ATOM   1085 O  O   . ALA A 1 139 ? -14.822 1.082   -6.455  1.00 4.00  ? 139 ALA A O   1 
ATOM   1086 C  CB  . ALA A 1 139 ? -12.794 3.245   -4.936  1.00 3.19  ? 139 ALA A CB  1 
ATOM   1087 N  N   . GLY A 1 140 ? -13.701 0.283   -4.672  1.00 3.86  ? 140 GLY A N   1 
ATOM   1088 C  CA  . GLY A 1 140 ? -14.724 -0.700  -4.366  1.00 4.24  ? 140 GLY A CA  1 
ATOM   1089 C  C   . GLY A 1 140 ? -14.733 -1.084  -2.898  1.00 4.60  ? 140 GLY A C   1 
ATOM   1090 O  O   . GLY A 1 140 ? -13.712 -1.029  -2.221  1.00 3.29  ? 140 GLY A O   1 
ATOM   1091 N  N   . VAL A 1 141 ? -15.900 -1.476  -2.405  1.00 5.43  ? 141 VAL A N   1 
ATOM   1092 C  CA  . VAL A 1 141 ? -16.037 -1.876  -1.019  1.00 6.44  ? 141 VAL A CA  1 
ATOM   1093 C  C   . VAL A 1 141 ? -16.719 -3.234  -0.978  1.00 6.58  ? 141 VAL A C   1 
ATOM   1094 O  O   . VAL A 1 141 ? -17.860 -3.366  -1.416  1.00 5.73  ? 141 VAL A O   1 
ATOM   1095 C  CB  . VAL A 1 141 ? -16.868 -0.838  -0.231  1.00 8.61  ? 141 VAL A CB  1 
ATOM   1096 C  CG1 . VAL A 1 141 ? -18.169 -0.566  -0.961  1.00 13.62 ? 141 VAL A CG1 1 
ATOM   1097 C  CG2 . VAL A 1 141 ? -17.139 -1.334  1.178   1.00 9.63  ? 141 VAL A CG2 1 
ATOM   1098 N  N   . ARG A 1 142 ? -16.011 -4.248  -0.483  1.00 5.73  ? 142 ARG A N   1 
ATOM   1099 C  CA  . ARG A 1 142 ? -16.579 -5.590  -0.392  1.00 7.15  ? 142 ARG A CA  1 
ATOM   1100 C  C   . ARG A 1 142 ? -17.452 -5.666  0.848   1.00 7.69  ? 142 ARG A C   1 
ATOM   1101 O  O   . ARG A 1 142 ? -18.448 -6.389  0.878   1.00 6.84  ? 142 ARG A O   1 
ATOM   1102 C  CB  . ARG A 1 142 ? -15.467 -6.637  -0.316  1.00 7.47  ? 142 ARG A CB  1 
ATOM   1103 C  CG  . ARG A 1 142 ? -14.521 -6.601  -1.505  1.00 9.18  ? 142 ARG A CG  1 
ATOM   1104 C  CD  . ARG A 1 142 ? -13.328 -7.521  -1.303  1.00 8.08  ? 142 ARG A CD  1 
ATOM   1105 N  NE  . ARG A 1 142 ? -12.299 -7.273  -2.311  1.00 6.89  ? 142 ARG A NE  1 
ATOM   1106 C  CZ  . ARG A 1 142 ? -12.364 -7.681  -3.575  1.00 6.26  ? 142 ARG A CZ  1 
ATOM   1107 N  NH1 . ARG A 1 142 ? -13.407 -8.374  -4.000  1.00 7.48  ? 142 ARG A NH1 1 
ATOM   1108 N  NH2 . ARG A 1 142 ? -11.394 -7.374  -4.421  1.00 6.14  ? 142 ARG A NH2 1 
ATOM   1109 N  N   . ARG A 1 143 ? -17.069 -4.905  1.869   1.00 7.47  ? 143 ARG A N   1 
ATOM   1110 C  CA  . ARG A 1 143 ? -17.806 -4.861  3.126   1.00 10.30 ? 143 ARG A CA  1 
ATOM   1111 C  C   . ARG A 1 143 ? -17.309 -3.701  3.984   1.00 11.80 ? 143 ARG A C   1 
ATOM   1112 O  O   . ARG A 1 143 ? -16.202 -3.194  3.789   1.00 10.60 ? 143 ARG A O   1 
ATOM   1113 C  CB  . ARG A 1 143 ? -17.640 -6.186  3.886   1.00 11.89 ? 143 ARG A CB  1 
ATOM   1114 C  CG  . ARG A 1 143 ? -16.193 -6.535  4.237   1.00 12.69 ? 143 ARG A CG  1 
ATOM   1115 C  CD  . ARG A 1 143 ? -16.131 -7.843  5.021   1.00 14.35 ? 143 ARG A CD  1 
ATOM   1116 N  NE  . ARG A 1 143 ? -14.799 -8.125  5.544   1.00 13.04 ? 143 ARG A NE  1 
ATOM   1117 C  CZ  . ARG A 1 143 ? -13.745 -8.420  4.796   1.00 15.15 ? 143 ARG A CZ  1 
ATOM   1118 N  NH1 . ARG A 1 143 ? -13.861 -8.478  3.474   1.00 16.79 ? 143 ARG A NH1 1 
ATOM   1119 N  NH2 . ARG A 1 143 ? -12.573 -8.656  5.371   1.00 14.65 ? 143 ARG A NH2 1 
ATOM   1120 N  N   . GLU A 1 144 ? -18.128 -3.285  4.937   1.00 10.95 ? 144 GLU A N   1 
ATOM   1121 C  CA  . GLU A 1 144 ? -17.743 -2.191  5.806   1.00 13.82 ? 144 GLU A CA  1 
ATOM   1122 C  C   . GLU A 1 144 ? -17.194 -2.726  7.122   1.00 14.47 ? 144 GLU A C   1 
ATOM   1123 O  O   . GLU A 1 144 ? -17.682 -3.724  7.654   1.00 13.04 ? 144 GLU A O   1 
ATOM   1124 C  CB  . GLU A 1 144 ? -18.943 -1.279  6.071   1.00 16.09 ? 144 GLU A CB  1 
ATOM   1125 C  CG  . GLU A 1 144 ? -19.435 -0.519  4.839   1.00 20.54 ? 144 GLU A CG  1 
ATOM   1126 C  CD  . GLU A 1 144 ? -18.969 0.926   4.801   1.00 23.65 ? 144 GLU A CD  1 
ATOM   1127 O  OE1 . GLU A 1 144 ? -17.741 1.184   4.783   1.00 21.16 ? 144 GLU A OE1 1 
ATOM   1128 O  OE2 . GLU A 1 144 ? -19.849 1.814   4.791   1.00 26.13 ? 144 GLU A OE2 1 
ATOM   1129 N  N   . GLU A 1 145 ? -16.164 -2.066  7.639   1.00 14.15 ? 145 GLU A N   1 
ATOM   1130 C  CA  . GLU A 1 145 ? -15.577 -2.482  8.903   1.00 14.73 ? 145 GLU A CA  1 
ATOM   1131 C  C   . GLU A 1 145 ? -14.435 -1.585  9.330   1.00 13.13 ? 145 GLU A C   1 
ATOM   1132 O  O   . GLU A 1 145 ? -13.865 -0.849  8.520   1.00 11.05 ? 145 GLU A O   1 
ATOM   1133 C  CB  . GLU A 1 145 ? -15.088 -3.921  8.809   1.00 20.26 ? 145 GLU A CB  1 
ATOM   1134 C  CG  . GLU A 1 145 ? -14.022 -4.147  7.768   1.00 22.90 ? 145 GLU A CG  1 
ATOM   1135 C  CD  . GLU A 1 145 ? -13.892 -5.607  7.433   1.00 28.18 ? 145 GLU A CD  1 
ATOM   1136 O  OE1 . GLU A 1 145 ? -13.665 -6.415  8.360   1.00 31.33 ? 145 GLU A OE1 1 
ATOM   1137 O  OE2 . GLU A 1 145 ? -14.012 -5.949  6.240   1.00 32.59 ? 145 GLU A OE2 1 
ATOM   1138 N  N   . LYS A 1 146 ? -14.111 -1.654  10.616  1.00 9.55  ? 146 LYS A N   1 
ATOM   1139 C  CA  . LYS A 1 146 ? -13.037 -0.841  11.166  1.00 9.56  ? 146 LYS A CA  1 
ATOM   1140 C  C   . LYS A 1 146 ? -11.713 -1.279  10.559  1.00 6.78  ? 146 LYS A C   1 
ATOM   1141 O  O   . LYS A 1 146 ? -11.421 -2.469  10.477  1.00 6.26  ? 146 LYS A O   1 
ATOM   1142 C  CB  . LYS A 1 146 ? -12.979 -0.980  12.687  1.00 10.55 ? 146 LYS A CB  1 
ATOM   1143 C  CG  . LYS A 1 146 ? -12.154 0.117   13.358  1.00 15.31 ? 146 LYS A CG  1 
ATOM   1144 C  CD  . LYS A 1 146 ? -11.998 -0.105  14.855  1.00 18.85 ? 146 LYS A CD  1 
ATOM   1145 C  CE  . LYS A 1 146 ? -13.341 -0.173  15.570  1.00 21.50 ? 146 LYS A CE  1 
ATOM   1146 N  NZ  . LYS A 1 146 ? -13.169 -0.388  17.038  1.00 26.26 ? 146 LYS A NZ  1 
ATOM   1147 N  N   . PRO A 1 147 ? -10.889 -0.319  10.124  1.00 7.05  ? 147 PRO A N   1 
ATOM   1148 C  CA  . PRO A 1 147 ? -9.601  -0.672  9.527   1.00 6.72  ? 147 PRO A CA  1 
ATOM   1149 C  C   . PRO A 1 147 ? -8.570  -1.128  10.553  1.00 8.18  ? 147 PRO A C   1 
ATOM   1150 O  O   . PRO A 1 147 ? -8.774  -0.998  11.762  1.00 7.97  ? 147 PRO A O   1 
ATOM   1151 C  CB  . PRO A 1 147 ? -9.188  0.613   8.822   1.00 6.28  ? 147 PRO A CB  1 
ATOM   1152 C  CG  . PRO A 1 147 ? -9.736  1.673   9.729   1.00 6.85  ? 147 PRO A CG  1 
ATOM   1153 C  CD  . PRO A 1 147 ? -11.120 1.135   10.076  1.00 7.63  ? 147 PRO A CD  1 
ATOM   1154 N  N   . LEU A 1 148 ? -7.464  -1.669  10.057  1.00 6.99  ? 148 LEU A N   1 
ATOM   1155 C  CA  . LEU A 1 148 ? -6.384  -2.138  10.914  1.00 7.02  ? 148 LEU A CA  1 
ATOM   1156 C  C   . LEU A 1 148 ? -5.468  -0.964  11.246  1.00 7.07  ? 148 LEU A C   1 
ATOM   1157 O  O   . LEU A 1 148 ? -4.903  -0.338  10.349  1.00 7.35  ? 148 LEU A O   1 
ATOM   1158 C  CB  . LEU A 1 148 ? -5.587  -3.238  10.201  1.00 5.55  ? 148 LEU A CB  1 
ATOM   1159 C  CG  . LEU A 1 148 ? -4.410  -3.861  10.958  1.00 7.08  ? 148 LEU A CG  1 
ATOM   1160 C  CD1 . LEU A 1 148 ? -4.870  -4.320  12.344  1.00 7.23  ? 148 LEU A CD1 1 
ATOM   1161 C  CD2 . LEU A 1 148 ? -3.858  -5.043  10.166  1.00 6.12  ? 148 LEU A CD2 1 
ATOM   1162 N  N   . VAL A 1 149 ? -5.347  -0.659  12.534  1.00 6.56  ? 149 VAL A N   1 
ATOM   1163 C  CA  . VAL A 1 149 ? -4.482  0.424   12.989  1.00 5.84  ? 149 VAL A CA  1 
ATOM   1164 C  C   . VAL A 1 149 ? -3.148  -0.211  13.382  1.00 5.08  ? 149 VAL A C   1 
ATOM   1165 O  O   . VAL A 1 149 ? -3.115  -1.154  14.169  1.00 3.58  ? 149 VAL A O   1 
ATOM   1166 C  CB  . VAL A 1 149 ? -5.088  1.142   14.204  1.00 5.72  ? 149 VAL A CB  1 
ATOM   1167 C  CG1 . VAL A 1 149 ? -4.220  2.328   14.607  1.00 5.07  ? 149 VAL A CG1 1 
ATOM   1168 C  CG2 . VAL A 1 149 ? -6.501  1.604   13.871  1.00 4.76  ? 149 VAL A CG2 1 
HETATM 1169 N  N   . MSE A 1 150 ? -2.056  0.296   12.817  1.00 5.56  ? 150 MSE A N   1 
HETATM 1170 C  CA  . MSE A 1 150 ? -0.722  -0.250  13.076  1.00 6.05  ? 150 MSE A CA  1 
HETATM 1171 C  C   . MSE A 1 150 ? -0.354  -0.437  14.541  1.00 5.96  ? 150 MSE A C   1 
HETATM 1172 O  O   . MSE A 1 150 ? 0.226   -1.459  14.912  1.00 5.12  ? 150 MSE A O   1 
HETATM 1173 C  CB  . MSE A 1 150 ? 0.340   0.626   12.410  1.00 8.88  ? 150 MSE A CB  1 
HETATM 1174 C  CG  . MSE A 1 150 ? 1.773   0.170   12.645  1.00 11.05 ? 150 MSE A CG  1 
HETATM 1175 SE SE  . MSE A 1 150 ? 3.000   1.067   11.442  1.00 25.61 ? 150 MSE A SE  1 
HETATM 1176 C  CE  . MSE A 1 150 ? 3.857   -0.474  10.643  1.00 16.84 ? 150 MSE A CE  1 
ATOM   1177 N  N   . TRP A 1 151 ? -0.667  0.550   15.371  1.00 5.28  ? 151 TRP A N   1 
ATOM   1178 C  CA  . TRP A 1 151 ? -0.330  0.446   16.782  1.00 6.61  ? 151 TRP A CA  1 
ATOM   1179 C  C   . TRP A 1 151 ? -0.838  -0.865  17.396  1.00 5.39  ? 151 TRP A C   1 
ATOM   1180 O  O   . TRP A 1 151 ? -0.122  -1.521  18.157  1.00 3.24  ? 151 TRP A O   1 
ATOM   1181 C  CB  . TRP A 1 151 ? -0.903  1.631   17.558  1.00 11.10 ? 151 TRP A CB  1 
ATOM   1182 C  CG  . TRP A 1 151 ? -0.329  1.747   18.931  1.00 17.30 ? 151 TRP A CG  1 
ATOM   1183 C  CD1 . TRP A 1 151 ? 0.747   2.503   19.314  1.00 19.04 ? 151 TRP A CD1 1 
ATOM   1184 C  CD2 . TRP A 1 151 ? -0.767  1.054   20.100  1.00 18.92 ? 151 TRP A CD2 1 
ATOM   1185 N  NE1 . TRP A 1 151 ? 1.002   2.321   20.650  1.00 18.62 ? 151 TRP A NE1 1 
ATOM   1186 C  CE2 . TRP A 1 151 ? 0.088   1.435   21.157  1.00 20.82 ? 151 TRP A CE2 1 
ATOM   1187 C  CE3 . TRP A 1 151 ? -1.801  0.146   20.359  1.00 20.91 ? 151 TRP A CE3 1 
ATOM   1188 C  CZ2 . TRP A 1 151 ? -0.058  0.935   22.455  1.00 21.92 ? 151 TRP A CZ2 1 
ATOM   1189 C  CZ3 . TRP A 1 151 ? -1.947  -0.349  21.645  1.00 22.15 ? 151 TRP A CZ3 1 
ATOM   1190 C  CH2 . TRP A 1 151 ? -1.079  0.047   22.679  1.00 23.38 ? 151 TRP A CH2 1 
ATOM   1191 N  N   . ASP A 1 152 ? -2.065  -1.248  17.062  1.00 4.78  ? 152 ASP A N   1 
ATOM   1192 C  CA  . ASP A 1 152 ? -2.647  -2.471  17.599  1.00 5.13  ? 152 ASP A CA  1 
ATOM   1193 C  C   . ASP A 1 152 ? -1.927  -3.747  17.198  1.00 5.12  ? 152 ASP A C   1 
ATOM   1194 O  O   . ASP A 1 152 ? -2.055  -4.763  17.875  1.00 4.95  ? 152 ASP A O   1 
ATOM   1195 C  CB  . ASP A 1 152 ? -4.127  -2.570  17.206  1.00 6.14  ? 152 ASP A CB  1 
ATOM   1196 C  CG  . ASP A 1 152 ? -4.956  -1.439  17.778  1.00 8.50  ? 152 ASP A CG  1 
ATOM   1197 O  OD1 . ASP A 1 152 ? -4.689  -1.029  18.923  1.00 8.81  ? 152 ASP A OD1 1 
ATOM   1198 O  OD2 . ASP A 1 152 ? -5.885  -0.974  17.090  1.00 8.38  ? 152 ASP A OD2 1 
ATOM   1199 N  N   . THR A 1 153 ? -1.175  -3.700  16.103  1.00 3.86  ? 153 THR A N   1 
ATOM   1200 C  CA  . THR A 1 153 ? -0.453  -4.884  15.636  1.00 4.48  ? 153 THR A CA  1 
ATOM   1201 C  C   . THR A 1 153 ? 0.846   -5.070  16.415  1.00 5.97  ? 153 THR A C   1 
ATOM   1202 O  O   . THR A 1 153 ? 1.394   -6.173  16.488  1.00 4.73  ? 153 THR A O   1 
ATOM   1203 C  CB  . THR A 1 153 ? -0.081  -4.783  14.141  1.00 4.71  ? 153 THR A CB  1 
ATOM   1204 O  OG1 . THR A 1 153 ? 0.904   -3.754  13.952  1.00 5.43  ? 153 THR A OG1 1 
ATOM   1205 C  CG2 . THR A 1 153 ? -1.316  -4.449  13.309  1.00 5.49  ? 153 THR A CG2 1 
ATOM   1206 N  N   . GLY A 1 154 ? 1.336   -3.981  16.997  1.00 5.87  ? 154 GLY A N   1 
ATOM   1207 C  CA  . GLY A 1 154 ? 2.579   -4.047  17.746  1.00 5.65  ? 154 GLY A CA  1 
ATOM   1208 C  C   . GLY A 1 154 ? 3.764   -3.734  16.847  1.00 6.53  ? 154 GLY A C   1 
ATOM   1209 O  O   . GLY A 1 154 ? 4.876   -3.516  17.325  1.00 6.30  ? 154 GLY A O   1 
ATOM   1210 N  N   . TRP A 1 155 ? 3.526   -3.711  15.538  1.00 4.98  ? 155 TRP A N   1 
ATOM   1211 C  CA  . TRP A 1 155 ? 4.585   -3.423  14.578  1.00 4.64  ? 155 TRP A CA  1 
ATOM   1212 C  C   . TRP A 1 155 ? 4.772   -1.923  14.425  1.00 5.72  ? 155 TRP A C   1 
ATOM   1213 O  O   . TRP A 1 155 ? 4.007   -1.128  14.970  1.00 5.36  ? 155 TRP A O   1 
ATOM   1214 C  CB  . TRP A 1 155 ? 4.249   -4.010  13.203  1.00 5.24  ? 155 TRP A CB  1 
ATOM   1215 C  CG  . TRP A 1 155 ? 4.023   -5.494  13.181  1.00 5.94  ? 155 TRP A CG  1 
ATOM   1216 C  CD1 . TRP A 1 155 ? 4.694   -6.442  13.898  1.00 6.57  ? 155 TRP A CD1 1 
ATOM   1217 C  CD2 . TRP A 1 155 ? 3.106   -6.201  12.338  1.00 7.44  ? 155 TRP A CD2 1 
ATOM   1218 N  NE1 . TRP A 1 155 ? 4.249   -7.699  13.554  1.00 8.38  ? 155 TRP A NE1 1 
ATOM   1219 C  CE2 . TRP A 1 155 ? 3.270   -7.579  12.600  1.00 8.14  ? 155 TRP A CE2 1 
ATOM   1220 C  CE3 . TRP A 1 155 ? 2.151   -5.804  11.388  1.00 7.29  ? 155 TRP A CE3 1 
ATOM   1221 C  CZ2 . TRP A 1 155 ? 2.528   -8.564  11.943  1.00 7.91  ? 155 TRP A CZ2 1 
ATOM   1222 C  CZ3 . TRP A 1 155 ? 1.409   -6.787  10.733  1.00 8.04  ? 155 TRP A CZ3 1 
ATOM   1223 C  CH2 . TRP A 1 155 ? 1.602   -8.150  11.020  1.00 7.85  ? 155 TRP A CH2 1 
ATOM   1224 N  N   . PHE A 1 156 ? 5.801   -1.541  13.678  1.00 4.59  ? 156 PHE A N   1 
ATOM   1225 C  CA  . PHE A 1 156 ? 6.058   -0.134  13.427  1.00 6.60  ? 156 PHE A CA  1 
ATOM   1226 C  C   . PHE A 1 156 ? 7.019   0.031   12.258  1.00 4.73  ? 156 PHE A C   1 
ATOM   1227 O  O   . PHE A 1 156 ? 7.700   -0.907  11.861  1.00 4.82  ? 156 PHE A O   1 
ATOM   1228 C  CB  . PHE A 1 156 ? 6.598   0.545   14.697  1.00 8.63  ? 156 PHE A CB  1 
ATOM   1229 C  CG  . PHE A 1 156 ? 7.916   -0.007  15.180  1.00 10.24 ? 156 PHE A CG  1 
ATOM   1230 C  CD1 . PHE A 1 156 ? 9.109   0.412   14.609  1.00 10.83 ? 156 PHE A CD1 1 
ATOM   1231 C  CD2 . PHE A 1 156 ? 7.961   -0.951  16.200  1.00 9.01  ? 156 PHE A CD2 1 
ATOM   1232 C  CE1 . PHE A 1 156 ? 10.331  -0.089  15.053  1.00 12.24 ? 156 PHE A CE1 1 
ATOM   1233 C  CE2 . PHE A 1 156 ? 9.182   -1.460  16.652  1.00 11.57 ? 156 PHE A CE2 1 
ATOM   1234 C  CZ  . PHE A 1 156 ? 10.368  -1.028  16.070  1.00 9.20  ? 156 PHE A CZ  1 
ATOM   1235 N  N   . TYR A 1 157 ? 7.029   1.228   11.693  1.00 3.71  ? 157 TYR A N   1 
ATOM   1236 C  CA  . TYR A 1 157 ? 7.897   1.569   10.578  1.00 3.86  ? 157 TYR A CA  1 
ATOM   1237 C  C   . TYR A 1 157 ? 7.959   3.086   10.593  1.00 3.28  ? 157 TYR A C   1 
ATOM   1238 O  O   . TYR A 1 157 ? 7.056   3.763   10.100  1.00 2.07  ? 157 TYR A O   1 
ATOM   1239 C  CB  . TYR A 1 157 ? 7.319   1.055   9.253   1.00 2.76  ? 157 TYR A CB  1 
ATOM   1240 C  CG  . TYR A 1 157 ? 8.253   1.231   8.070   1.00 5.14  ? 157 TYR A CG  1 
ATOM   1241 C  CD1 . TYR A 1 157 ? 8.197   2.373   7.272   1.00 5.30  ? 157 TYR A CD1 1 
ATOM   1242 C  CD2 . TYR A 1 157 ? 9.190   0.249   7.750   1.00 5.92  ? 157 TYR A CD2 1 
ATOM   1243 C  CE1 . TYR A 1 157 ? 9.054   2.536   6.174   1.00 7.26  ? 157 TYR A CE1 1 
ATOM   1244 C  CE2 . TYR A 1 157 ? 10.053  0.393   6.659   1.00 6.34  ? 157 TYR A CE2 1 
ATOM   1245 C  CZ  . TYR A 1 157 ? 9.979   1.539   5.876   1.00 5.91  ? 157 TYR A CZ  1 
ATOM   1246 O  OH  . TYR A 1 157 ? 10.829  1.692   4.805   1.00 5.90  ? 157 TYR A OH  1 
ATOM   1247 N  N   . GLY A 1 158 ? 9.024   3.598   11.200  1.00 2.95  ? 158 GLY A N   1 
ATOM   1248 C  CA  . GLY A 1 158 ? 9.211   5.028   11.333  1.00 3.56  ? 158 GLY A CA  1 
ATOM   1249 C  C   . GLY A 1 158 ? 10.288  5.282   12.372  1.00 5.65  ? 158 GLY A C   1 
ATOM   1250 O  O   . GLY A 1 158 ? 10.808  4.339   12.979  1.00 4.90  ? 158 GLY A O   1 
ATOM   1251 N  N   . GLY A 1 159 ? 10.623  6.551   12.584  1.00 5.31  ? 159 GLY A N   1 
ATOM   1252 C  CA  . GLY A 1 159 ? 11.641  6.894   13.559  1.00 5.58  ? 159 GLY A CA  1 
ATOM   1253 C  C   . GLY A 1 159 ? 12.834  7.586   12.933  1.00 7.01  ? 159 GLY A C   1 
ATOM   1254 O  O   . GLY A 1 159 ? 12.820  7.815   11.701  1.00 6.89  ? 159 GLY A O   1 
ATOM   1255 O  OXT . GLY A 1 159 ? 13.784  7.905   13.679  1.00 7.43  ? 159 GLY A OXT 1 
HETATM 1256 O  O   . HOH B 2 .   ? -0.500  9.885   16.075  1.00 2.70  ? 160 HOH A O   1 
HETATM 1257 O  O   . HOH B 2 .   ? -5.748  -0.163  7.797   1.00 1.00  ? 161 HOH A O   1 
HETATM 1258 O  O   . HOH B 2 .   ? -10.451 10.734  -10.597 1.00 3.23  ? 162 HOH A O   1 
HETATM 1259 O  O   . HOH B 2 .   ? -6.637  -1.985  14.749  1.00 7.29  ? 163 HOH A O   1 
HETATM 1260 O  O   . HOH B 2 .   ? -6.961  -12.006 -0.442  1.00 2.06  ? 164 HOH A O   1 
HETATM 1261 O  O   . HOH B 2 .   ? 8.431   -8.765  -4.392  1.00 5.24  ? 165 HOH A O   1 
HETATM 1262 O  O   . HOH B 2 .   ? 1.370   -0.728  -17.406 1.00 8.24  ? 166 HOH A O   1 
HETATM 1263 O  O   . HOH B 2 .   ? -1.771  5.063   16.249  1.00 33.15 ? 167 HOH A O   1 
HETATM 1264 O  O   . HOH B 2 .   ? 10.237  10.979  0.539   1.00 7.76  ? 168 HOH A O   1 
HETATM 1265 O  O   . HOH B 2 .   ? 6.847   7.265   20.530  1.00 5.04  ? 169 HOH A O   1 
HETATM 1266 O  O   . HOH B 2 .   ? -0.683  3.432   14.687  1.00 1.55  ? 170 HOH A O   1 
HETATM 1267 O  O   . HOH B 2 .   ? -7.827  8.213   -16.489 1.00 11.68 ? 171 HOH A O   1 
HETATM 1268 O  O   . HOH B 2 .   ? 8.544   -4.176  -2.685  1.00 6.89  ? 172 HOH A O   1 
HETATM 1269 O  O   . HOH B 2 .   ? 5.077   -1.316  7.614   1.00 7.10  ? 173 HOH A O   1 
HETATM 1270 O  O   . HOH B 2 .   ? 14.474  3.029   4.024   1.00 11.32 ? 174 HOH A O   1 
HETATM 1271 O  O   . HOH B 2 .   ? 15.780  3.386   -0.584  1.00 7.28  ? 175 HOH A O   1 
HETATM 1272 O  O   . HOH B 2 .   ? 10.839  0.021   19.459  1.00 6.69  ? 176 HOH A O   1 
HETATM 1273 O  O   . HOH B 2 .   ? 6.698   7.545   11.600  1.00 3.10  ? 177 HOH A O   1 
HETATM 1274 O  O   . HOH B 2 .   ? -16.345 -9.613  1.873   1.00 13.53 ? 178 HOH A O   1 
HETATM 1275 O  O   . HOH B 2 .   ? -2.499  5.839   7.301   1.00 8.64  ? 179 HOH A O   1 
HETATM 1276 O  O   . HOH B 2 .   ? 5.894   3.699   12.786  1.00 9.82  ? 180 HOH A O   1 
HETATM 1277 O  O   . HOH B 2 .   ? 0.562   4.900   -16.779 1.00 2.57  ? 181 HOH A O   1 
HETATM 1278 O  O   . HOH B 2 .   ? -0.750  8.365   -14.906 1.00 9.52  ? 182 HOH A O   1 
HETATM 1279 O  O   . HOH B 2 .   ? -12.098 7.346   -13.087 1.00 7.36  ? 183 HOH A O   1 
HETATM 1280 O  O   . HOH B 2 .   ? -9.767  -5.955  -1.848  1.00 6.88  ? 184 HOH A O   1 
HETATM 1281 O  O   . HOH B 2 .   ? -13.740 2.017   7.496   1.00 4.15  ? 185 HOH A O   1 
HETATM 1282 O  O   . HOH B 2 .   ? 8.283   0.103   -0.408  1.00 9.33  ? 186 HOH A O   1 
HETATM 1283 O  O   . HOH B 2 .   ? -12.571 12.816  -3.146  1.00 15.22 ? 187 HOH A O   1 
HETATM 1284 O  O   . HOH B 2 .   ? -18.141 -1.141  -4.226  1.00 14.67 ? 188 HOH A O   1 
HETATM 1285 O  O   . HOH B 2 .   ? 4.853   2.925   3.468   1.00 11.95 ? 189 HOH A O   1 
HETATM 1286 O  O   . HOH B 2 .   ? 4.513   -9.561  -1.048  1.00 7.59  ? 190 HOH A O   1 
HETATM 1287 O  O   . HOH B 2 .   ? 6.899   12.418  -11.507 1.00 14.57 ? 191 HOH A O   1 
HETATM 1288 O  O   . HOH B 2 .   ? 1.015   16.740  -6.141  1.00 15.05 ? 192 HOH A O   1 
HETATM 1289 O  O   . HOH B 2 .   ? 3.134   -7.991  17.430  1.00 8.36  ? 193 HOH A O   1 
HETATM 1290 O  O   . HOH B 2 .   ? 18.435  12.039  11.741  1.00 13.10 ? 194 HOH A O   1 
HETATM 1291 O  O   . HOH B 2 .   ? -6.242  -15.586 4.944   1.00 6.40  ? 195 HOH A O   1 
HETATM 1292 O  O   . HOH B 2 .   ? -5.757  -8.145  13.551  1.00 7.68  ? 196 HOH A O   1 
HETATM 1293 O  O   . HOH B 2 .   ? 6.139   -1.794  5.051   1.00 11.10 ? 197 HOH A O   1 
HETATM 1294 O  O   . HOH B 2 .   ? 6.330   1.241   4.605   1.00 12.26 ? 198 HOH A O   1 
HETATM 1295 O  O   . HOH B 2 .   ? -9.887  -14.439 5.301   1.00 9.32  ? 199 HOH A O   1 
HETATM 1296 O  O   . HOH B 2 .   ? 1.496   -1.459  -12.008 1.00 4.84  ? 200 HOH A O   1 
HETATM 1297 O  O   . HOH B 2 .   ? -15.074 -0.193  -12.773 1.00 20.61 ? 201 HOH A O   1 
HETATM 1298 O  O   . HOH B 2 .   ? -15.079 -5.230  -5.138  1.00 5.60  ? 202 HOH A O   1 
HETATM 1299 O  O   . HOH B 2 .   ? 9.285   12.923  -1.155  1.00 8.74  ? 203 HOH A O   1 
HETATM 1300 O  O   . HOH B 2 .   ? 3.953   -14.714 7.256   1.00 10.84 ? 204 HOH A O   1 
HETATM 1301 O  O   . HOH B 2 .   ? -6.465  -4.857  15.344  1.00 11.01 ? 205 HOH A O   1 
HETATM 1302 O  O   . HOH B 2 .   ? -12.422 -8.731  8.045   1.00 8.45  ? 206 HOH A O   1 
HETATM 1303 O  O   . HOH B 2 .   ? -15.450 -3.783  12.141  1.00 12.01 ? 207 HOH A O   1 
HETATM 1304 O  O   . HOH B 2 .   ? -1.134  5.881   -14.891 1.00 4.85  ? 208 HOH A O   1 
HETATM 1305 O  O   . HOH B 2 .   ? -5.068  -11.892 11.765  1.00 14.36 ? 209 HOH A O   1 
HETATM 1306 O  O   . HOH B 2 .   ? 0.933   2.822   -19.797 1.00 9.35  ? 210 HOH A O   1 
HETATM 1307 O  O   . HOH B 2 .   ? 0.648   -17.845 -3.406  1.00 15.42 ? 211 HOH A O   1 
HETATM 1308 O  O   . HOH B 2 .   ? -7.558  1.301   0.169   1.00 16.14 ? 212 HOH A O   1 
HETATM 1309 O  O   . HOH B 2 .   ? 0.872   -11.038 -19.405 1.00 10.13 ? 213 HOH A O   1 
HETATM 1310 O  O   . HOH B 2 .   ? 0.493   -14.662 8.474   1.00 16.29 ? 214 HOH A O   1 
HETATM 1311 O  O   . HOH B 2 .   ? -9.261  -1.180  14.441  1.00 17.28 ? 215 HOH A O   1 
HETATM 1312 O  O   . HOH B 2 .   ? 5.831   -4.276  20.236  1.00 5.10  ? 216 HOH A O   1 
HETATM 1313 O  O   . HOH B 2 .   ? 6.973   -6.908  -3.004  1.00 23.44 ? 217 HOH A O   1 
HETATM 1314 O  O   . HOH B 2 .   ? 8.415   1.574   3.006   1.00 17.28 ? 218 HOH A O   1 
HETATM 1315 O  O   . HOH B 2 .   ? 11.896  3.278   15.308  1.00 7.69  ? 219 HOH A O   1 
HETATM 1316 O  O   . HOH B 2 .   ? 5.469   -11.296 4.969   1.00 25.27 ? 220 HOH A O   1 
HETATM 1317 O  O   . HOH B 2 .   ? -3.848  -8.988  -11.619 1.00 8.43  ? 221 HOH A O   1 
HETATM 1318 O  O   . HOH B 2 .   ? 14.063  4.181   -7.437  1.00 21.31 ? 222 HOH A O   1 
HETATM 1319 O  O   . HOH B 2 .   ? -5.262  1.026   20.471  1.00 21.27 ? 223 HOH A O   1 
HETATM 1320 O  O   . HOH B 2 .   ? -11.915 -13.578 -0.426  1.00 9.66  ? 224 HOH A O   1 
HETATM 1321 O  O   . HOH B 2 .   ? -11.402 -14.712 -4.443  1.00 18.23 ? 225 HOH A O   1 
HETATM 1322 O  O   . HOH B 2 .   ? 10.488  -2.806  -13.590 1.00 21.43 ? 226 HOH A O   1 
HETATM 1323 O  O   . HOH B 2 .   ? 3.465   5.108   19.022  1.00 13.21 ? 227 HOH A O   1 
HETATM 1324 O  O   . HOH B 2 .   ? 3.187   0.691   16.728  1.00 16.28 ? 228 HOH A O   1 
HETATM 1325 O  O   . HOH B 2 .   ? 18.257  0.868   -0.179  1.00 23.98 ? 229 HOH A O   1 
HETATM 1326 O  O   . HOH B 2 .   ? 2.406   -0.763  19.188  1.00 19.85 ? 230 HOH A O   1 
HETATM 1327 O  O   . HOH B 2 .   ? 19.392  12.186  21.704  1.00 23.39 ? 231 HOH A O   1 
HETATM 1328 O  O   . HOH B 2 .   ? 6.318   -3.750  1.647   1.00 22.07 ? 232 HOH A O   1 
HETATM 1329 O  O   . HOH B 2 .   ? 21.199  13.218  19.887  1.00 15.55 ? 233 HOH A O   1 
HETATM 1330 O  O   . HOH B 2 .   ? -11.421 -12.178 9.057   1.00 27.52 ? 234 HOH A O   1 
HETATM 1331 O  O   . HOH B 2 .   ? 1.897   5.203   16.870  1.00 10.01 ? 235 HOH A O   1 
HETATM 1332 O  O   . HOH B 2 .   ? 2.116   -15.193 12.921  1.00 20.45 ? 236 HOH A O   1 
HETATM 1333 O  O   . HOH B 2 .   ? 18.282  8.625   14.067  1.00 14.75 ? 237 HOH A O   1 
HETATM 1334 O  O   . HOH B 2 .   ? 0.829   -4.975  -17.361 1.00 26.74 ? 238 HOH A O   1 
HETATM 1335 O  O   . HOH B 2 .   ? -17.498 2.318   -12.364 1.00 23.16 ? 239 HOH A O   1 
HETATM 1336 O  O   . HOH B 2 .   ? -8.356  5.257   -15.298 1.00 16.60 ? 240 HOH A O   1 
HETATM 1337 O  O   . HOH B 2 .   ? -9.627  14.504  -12.226 1.00 17.59 ? 241 HOH A O   1 
HETATM 1338 O  O   . HOH B 2 .   ? -13.724 -10.719 1.354   1.00 14.94 ? 242 HOH A O   1 
HETATM 1339 O  O   . HOH B 2 .   ? -13.024 0.640   -14.335 1.00 16.50 ? 243 HOH A O   1 
HETATM 1340 O  O   . HOH B 2 .   ? 18.307  5.523   4.714   1.00 9.69  ? 244 HOH A O   1 
HETATM 1341 O  O   . HOH B 2 .   ? -6.954  -13.947 -10.287 1.00 11.79 ? 245 HOH A O   1 
HETATM 1342 O  O   . HOH B 2 .   ? 10.792  -5.119  -14.883 1.00 17.96 ? 246 HOH A O   1 
HETATM 1343 O  O   . HOH B 2 .   ? 7.973   -18.879 3.131   1.00 28.94 ? 247 HOH A O   1 
HETATM 1344 O  O   . HOH B 2 .   ? -19.157 -5.317  -3.050  1.00 27.83 ? 248 HOH A O   1 
HETATM 1345 O  O   . HOH B 2 .   ? 16.996  -0.885  -12.723 1.00 22.79 ? 249 HOH A O   1 
HETATM 1346 O  O   . HOH B 2 .   ? 1.425   -12.287 14.086  1.00 24.92 ? 250 HOH A O   1 
HETATM 1347 O  O   . HOH B 2 .   ? -0.960  -12.486 12.992  1.00 15.66 ? 251 HOH A O   1 
HETATM 1348 O  O   . HOH B 2 .   ? -8.022  0.834   17.832  1.00 20.57 ? 252 HOH A O   1 
HETATM 1349 O  O   . HOH B 2 .   ? 7.053   7.847   -11.880 1.00 18.45 ? 253 HOH A O   1 
HETATM 1350 O  O   . HOH B 2 .   ? -12.271 -12.215 12.994  1.00 29.26 ? 254 HOH A O   1 
HETATM 1351 O  O   . HOH B 2 .   ? -16.823 -0.627  -7.531  1.00 17.88 ? 255 HOH A O   1 
HETATM 1352 O  O   . HOH B 2 .   ? -18.074 -0.310  8.866   1.00 46.63 ? 256 HOH A O   1 
HETATM 1353 O  O   . HOH B 2 .   ? 20.493  7.884   16.715  1.00 40.10 ? 257 HOH A O   1 
HETATM 1354 O  O   . HOH B 2 .   ? -9.889  -16.643 1.836   1.00 24.94 ? 258 HOH A O   1 
HETATM 1355 O  O   . HOH B 2 .   ? 4.156   4.826   14.471  1.00 28.85 ? 259 HOH A O   1 
HETATM 1356 O  O   . HOH B 2 .   ? -9.065  -15.519 -6.811  1.00 20.53 ? 260 HOH A O   1 
HETATM 1357 O  O   . HOH B 2 .   ? -9.921  -12.065 7.025   1.00 24.81 ? 261 HOH A O   1 
HETATM 1358 O  O   . HOH B 2 .   ? -9.490  -6.163  16.358  1.00 27.70 ? 262 HOH A O   1 
HETATM 1359 O  O   . HOH B 2 .   ? -15.113 -7.559  11.425  1.00 19.19 ? 263 HOH A O   1 
HETATM 1360 O  O   . HOH B 2 .   ? 0.205   -3.453  20.354  1.00 25.76 ? 264 HOH A O   1 
HETATM 1361 O  O   . HOH B 2 .   ? 1.786   -15.517 -19.691 1.00 38.26 ? 265 HOH A O   1 
HETATM 1362 O  O   . HOH B 2 .   ? -4.606  -2.775  20.984  1.00 18.02 ? 266 HOH A O   1 
HETATM 1363 O  O   . HOH B 2 .   ? 12.222  -6.892  -11.865 1.00 29.32 ? 267 HOH A O   1 
HETATM 1364 O  O   . HOH B 2 .   ? 1.554   13.472  -14.427 1.00 27.40 ? 268 HOH A O   1 
HETATM 1365 O  O   . HOH B 2 .   ? 20.933  5.469   18.853  1.00 23.20 ? 269 HOH A O   1 
HETATM 1366 O  O   . HOH B 2 .   ? 14.581  -3.575  -12.765 1.00 21.15 ? 270 HOH A O   1 
HETATM 1367 O  O   . HOH B 2 .   ? -4.826  14.746  -11.281 1.00 27.67 ? 271 HOH A O   1 
HETATM 1368 O  O   . HOH B 2 .   ? -0.626  -15.674 -15.570 1.00 36.33 ? 272 HOH A O   1 
HETATM 1369 O  O   . HOH B 2 .   ? 20.398  8.570   19.189  1.00 33.67 ? 273 HOH A O   1 
HETATM 1370 O  O   . HOH B 2 .   ? 16.504  4.328   20.671  1.00 29.85 ? 274 HOH A O   1 
HETATM 1371 O  O   . HOH B 2 .   ? -13.314 14.732  -6.247  1.00 26.51 ? 275 HOH A O   1 
HETATM 1372 O  O   . HOH B 2 .   ? 12.548  3.112   -12.275 1.00 27.71 ? 276 HOH A O   1 
HETATM 1373 O  O   . HOH B 2 .   ? -10.163 4.057   11.542  1.00 45.43 ? 277 HOH A O   1 
HETATM 1374 O  O   . HOH B 2 .   ? -9.830  2.325   13.380  1.00 12.42 ? 278 HOH A O   1 
HETATM 1375 O  O   . HOH B 2 .   ? -1.107  -7.756  18.062  1.00 8.05  ? 279 HOH A O   1 
HETATM 1376 O  O   . HOH B 2 .   ? 2.677   -7.511  20.144  1.00 15.17 ? 280 HOH A O   1 
HETATM 1377 O  O   . HOH B 2 .   ? -3.595  -8.150  17.213  1.00 15.23 ? 281 HOH A O   1 
HETATM 1378 O  O   . HOH B 2 .   ? -4.047  -6.446  15.252  1.00 12.86 ? 282 HOH A O   1 
HETATM 1379 O  O   . HOH B 2 .   ? -21.048 -4.534  5.006   0.50 14.91 ? 283 HOH A O   1 
HETATM 1380 O  O   . HOH B 2 .   ? -10.751 9.706   -13.029 1.00 14.16 ? 284 HOH A O   1 
HETATM 1381 O  O   . HOH B 2 .   ? -8.169  10.325  -14.440 1.00 14.18 ? 285 HOH A O   1 
HETATM 1382 O  O   . HOH B 2 .   ? -10.664 6.710   -15.369 1.00 21.76 ? 286 HOH A O   1 
HETATM 1383 O  O   . HOH B 2 .   ? 1.823   -2.668  -19.639 1.00 16.20 ? 287 HOH A O   1 
HETATM 1384 O  O   . HOH B 2 .   ? 4.080   -4.487  -20.126 1.00 17.41 ? 288 HOH A O   1 
# 
